data_2HZ5
# 
_entry.id   2HZ5 
# 
_audit_conform.dict_name       mmcif_pdbx.dic 
_audit_conform.dict_version    5.388 
_audit_conform.dict_location   http://mmcif.pdb.org/dictionaries/ascii/mmcif_pdbx.dic 
# 
loop_
_database_2.database_id 
_database_2.database_code 
_database_2.pdbx_database_accession 
_database_2.pdbx_DOI 
PDB   2HZ5         pdb_00002hz5 10.2210/pdb2hz5/pdb 
RCSB  RCSB038934   ?            ?                   
WWPDB D_1000038934 ?            ?                   
# 
loop_
_pdbx_audit_revision_history.ordinal 
_pdbx_audit_revision_history.data_content_type 
_pdbx_audit_revision_history.major_revision 
_pdbx_audit_revision_history.minor_revision 
_pdbx_audit_revision_history.revision_date 
1 'Structure model' 1 0 2007-08-14 
2 'Structure model' 1 1 2011-07-13 
3 'Structure model' 1 2 2024-03-13 
# 
_pdbx_audit_revision_details.ordinal             1 
_pdbx_audit_revision_details.revision_ordinal    1 
_pdbx_audit_revision_details.data_content_type   'Structure model' 
_pdbx_audit_revision_details.provider            repository 
_pdbx_audit_revision_details.type                'Initial release' 
_pdbx_audit_revision_details.description         ? 
_pdbx_audit_revision_details.details             ? 
# 
loop_
_pdbx_audit_revision_group.ordinal 
_pdbx_audit_revision_group.revision_ordinal 
_pdbx_audit_revision_group.data_content_type 
_pdbx_audit_revision_group.group 
1 2 'Structure model' 'Derived calculations'      
2 2 'Structure model' 'Version format compliance' 
3 3 'Structure model' 'Data collection'           
4 3 'Structure model' 'Database references'       
5 3 'Structure model' 'Derived calculations'      
# 
loop_
_pdbx_audit_revision_category.ordinal 
_pdbx_audit_revision_category.revision_ordinal 
_pdbx_audit_revision_category.data_content_type 
_pdbx_audit_revision_category.category 
1 3 'Structure model' chem_comp_atom         
2 3 'Structure model' chem_comp_bond         
3 3 'Structure model' database_2             
4 3 'Structure model' pdbx_struct_conn_angle 
5 3 'Structure model' struct_conn            
6 3 'Structure model' struct_ref_seq_dif     
7 3 'Structure model' struct_site            
# 
loop_
_pdbx_audit_revision_item.ordinal 
_pdbx_audit_revision_item.revision_ordinal 
_pdbx_audit_revision_item.data_content_type 
_pdbx_audit_revision_item.item 
1  3 'Structure model' '_database_2.pdbx_DOI'                        
2  3 'Structure model' '_database_2.pdbx_database_accession'         
3  3 'Structure model' '_pdbx_struct_conn_angle.ptnr1_auth_asym_id'  
4  3 'Structure model' '_pdbx_struct_conn_angle.ptnr1_auth_comp_id'  
5  3 'Structure model' '_pdbx_struct_conn_angle.ptnr1_auth_seq_id'   
6  3 'Structure model' '_pdbx_struct_conn_angle.ptnr1_label_asym_id' 
7  3 'Structure model' '_pdbx_struct_conn_angle.ptnr1_label_comp_id' 
8  3 'Structure model' '_pdbx_struct_conn_angle.ptnr1_label_seq_id'  
9  3 'Structure model' '_pdbx_struct_conn_angle.ptnr1_symmetry'      
10 3 'Structure model' '_pdbx_struct_conn_angle.ptnr3_auth_asym_id'  
11 3 'Structure model' '_pdbx_struct_conn_angle.ptnr3_auth_comp_id'  
12 3 'Structure model' '_pdbx_struct_conn_angle.ptnr3_auth_seq_id'   
13 3 'Structure model' '_pdbx_struct_conn_angle.ptnr3_label_asym_id' 
14 3 'Structure model' '_pdbx_struct_conn_angle.ptnr3_label_comp_id' 
15 3 'Structure model' '_pdbx_struct_conn_angle.ptnr3_label_seq_id'  
16 3 'Structure model' '_pdbx_struct_conn_angle.ptnr3_symmetry'      
17 3 'Structure model' '_pdbx_struct_conn_angle.value'               
18 3 'Structure model' '_struct_conn.pdbx_dist_value'                
19 3 'Structure model' '_struct_conn.ptnr1_auth_asym_id'             
20 3 'Structure model' '_struct_conn.ptnr1_auth_comp_id'             
21 3 'Structure model' '_struct_conn.ptnr1_auth_seq_id'              
22 3 'Structure model' '_struct_conn.ptnr1_label_asym_id'            
23 3 'Structure model' '_struct_conn.ptnr1_label_atom_id'            
24 3 'Structure model' '_struct_conn.ptnr1_label_comp_id'            
25 3 'Structure model' '_struct_conn.ptnr1_label_seq_id'             
26 3 'Structure model' '_struct_conn.ptnr1_symmetry'                 
27 3 'Structure model' '_struct_conn.ptnr2_auth_asym_id'             
28 3 'Structure model' '_struct_conn.ptnr2_auth_comp_id'             
29 3 'Structure model' '_struct_conn.ptnr2_auth_seq_id'              
30 3 'Structure model' '_struct_conn.ptnr2_label_asym_id'            
31 3 'Structure model' '_struct_conn.ptnr2_label_atom_id'            
32 3 'Structure model' '_struct_conn.ptnr2_label_comp_id'            
33 3 'Structure model' '_struct_conn.ptnr2_label_seq_id'             
34 3 'Structure model' '_struct_conn.ptnr2_symmetry'                 
35 3 'Structure model' '_struct_ref_seq_dif.details'                 
36 3 'Structure model' '_struct_site.pdbx_auth_asym_id'              
37 3 'Structure model' '_struct_site.pdbx_auth_comp_id'              
38 3 'Structure model' '_struct_site.pdbx_auth_seq_id'               
# 
_pdbx_database_status.status_code                     REL 
_pdbx_database_status.entry_id                        2HZ5 
_pdbx_database_status.recvd_initial_deposition_date   2006-08-08 
_pdbx_database_status.deposit_site                    RCSB 
_pdbx_database_status.process_site                    PDBJ 
_pdbx_database_status.status_code_sf                  REL 
_pdbx_database_status.status_code_mr                  ? 
_pdbx_database_status.SG_entry                        ? 
_pdbx_database_status.pdb_format_compatible           Y 
_pdbx_database_status.status_code_cs                  ? 
_pdbx_database_status.status_code_nmr_data            ? 
_pdbx_database_status.methods_development_category    ? 
# 
loop_
_audit_author.name 
_audit_author.pdbx_ordinal 
'Liu, J.-F.'   1 
'Wang, Z.-X.'  2 
'Wang, X.-Q.'  3 
'Tang, Q.'     4 
'An, X.-M.'    5 
'Gui, L.-L.'   6 
'Liang, D.-C.' 7 
# 
_citation.id                        primary 
_citation.title                     
'Crystal structure of human dynein light chain Dnlc2A: Structural insights into the interaction with IC74' 
_citation.journal_abbrev            Biochem.Biophys.Res.Commun. 
_citation.journal_volume            349 
_citation.page_first                1125 
_citation.page_last                 1129 
_citation.year                      2006 
_citation.journal_id_ASTM           BBRCA9 
_citation.country                   US 
_citation.journal_id_ISSN           0006-291X 
_citation.journal_id_CSD            0146 
_citation.book_publisher            ? 
_citation.pdbx_database_id_PubMed   16970917 
_citation.pdbx_database_id_DOI      10.1016/j.bbrc.2006.08.161 
# 
loop_
_citation_author.citation_id 
_citation_author.name 
_citation_author.ordinal 
_citation_author.identifier_ORCID 
primary 'Liu, J.-F.'   1 ? 
primary 'Wang, Z.-X.'  2 ? 
primary 'Wang, X.-Q.'  3 ? 
primary 'Tang, Q.'     4 ? 
primary 'An, X.-M.'    5 ? 
primary 'Gui, L.-L.'   6 ? 
primary 'Liang, D.-C.' 7 ? 
# 
loop_
_entity.id 
_entity.type 
_entity.src_method 
_entity.pdbx_description 
_entity.formula_weight 
_entity.pdbx_number_of_molecules 
_entity.pdbx_ec 
_entity.pdbx_mutation 
_entity.pdbx_fragment 
_entity.details 
1 polymer     man 'Dynein light chain 2A, cytoplasmic' 12095.834 2   ? ? ? ? 
2 non-polymer syn 'CESIUM ION'                         132.905   1   ? ? ? ? 
3 water       nat water                                18.015    148 ? ? ? ? 
# 
_entity_name_com.entity_id   1 
_entity_name_com.name        'Dynein-associated protein Km23, Bithoraxoid-like protein, BLP' 
# 
_entity_poly.entity_id                      1 
_entity_poly.type                           'polypeptide(L)' 
_entity_poly.nstd_linkage                   no 
_entity_poly.nstd_monomer                   no 
_entity_poly.pdbx_seq_one_letter_code       
;MGHHHHHHGSMAEVEETLKRLQSQKGVQGIIVVNTEGIPIKSTMDNPTTTQYASLMHSFILKARSTVRDIDPQNDLTFLR
IRSKKNEIMVAPDKDYFLIVIQNPTE
;
_entity_poly.pdbx_seq_one_letter_code_can   
;MGHHHHHHGSMAEVEETLKRLQSQKGVQGIIVVNTEGIPIKSTMDNPTTTQYASLMHSFILKARSTVRDIDPQNDLTFLR
IRSKKNEIMVAPDKDYFLIVIQNPTE
;
_entity_poly.pdbx_strand_id                 A,B 
_entity_poly.pdbx_target_identifier         ? 
# 
loop_
_pdbx_entity_nonpoly.entity_id 
_pdbx_entity_nonpoly.name 
_pdbx_entity_nonpoly.comp_id 
2 'CESIUM ION' CS  
3 water        HOH 
# 
loop_
_entity_poly_seq.entity_id 
_entity_poly_seq.num 
_entity_poly_seq.mon_id 
_entity_poly_seq.hetero 
1 1   MET n 
1 2   GLY n 
1 3   HIS n 
1 4   HIS n 
1 5   HIS n 
1 6   HIS n 
1 7   HIS n 
1 8   HIS n 
1 9   GLY n 
1 10  SER n 
1 11  MET n 
1 12  ALA n 
1 13  GLU n 
1 14  VAL n 
1 15  GLU n 
1 16  GLU n 
1 17  THR n 
1 18  LEU n 
1 19  LYS n 
1 20  ARG n 
1 21  LEU n 
1 22  GLN n 
1 23  SER n 
1 24  GLN n 
1 25  LYS n 
1 26  GLY n 
1 27  VAL n 
1 28  GLN n 
1 29  GLY n 
1 30  ILE n 
1 31  ILE n 
1 32  VAL n 
1 33  VAL n 
1 34  ASN n 
1 35  THR n 
1 36  GLU n 
1 37  GLY n 
1 38  ILE n 
1 39  PRO n 
1 40  ILE n 
1 41  LYS n 
1 42  SER n 
1 43  THR n 
1 44  MET n 
1 45  ASP n 
1 46  ASN n 
1 47  PRO n 
1 48  THR n 
1 49  THR n 
1 50  THR n 
1 51  GLN n 
1 52  TYR n 
1 53  ALA n 
1 54  SER n 
1 55  LEU n 
1 56  MET n 
1 57  HIS n 
1 58  SER n 
1 59  PHE n 
1 60  ILE n 
1 61  LEU n 
1 62  LYS n 
1 63  ALA n 
1 64  ARG n 
1 65  SER n 
1 66  THR n 
1 67  VAL n 
1 68  ARG n 
1 69  ASP n 
1 70  ILE n 
1 71  ASP n 
1 72  PRO n 
1 73  GLN n 
1 74  ASN n 
1 75  ASP n 
1 76  LEU n 
1 77  THR n 
1 78  PHE n 
1 79  LEU n 
1 80  ARG n 
1 81  ILE n 
1 82  ARG n 
1 83  SER n 
1 84  LYS n 
1 85  LYS n 
1 86  ASN n 
1 87  GLU n 
1 88  ILE n 
1 89  MET n 
1 90  VAL n 
1 91  ALA n 
1 92  PRO n 
1 93  ASP n 
1 94  LYS n 
1 95  ASP n 
1 96  TYR n 
1 97  PHE n 
1 98  LEU n 
1 99  ILE n 
1 100 VAL n 
1 101 ILE n 
1 102 GLN n 
1 103 ASN n 
1 104 PRO n 
1 105 THR n 
1 106 GLU n 
# 
_entity_src_gen.entity_id                          1 
_entity_src_gen.pdbx_src_id                        1 
_entity_src_gen.pdbx_alt_source_flag               sample 
_entity_src_gen.pdbx_seq_type                      ? 
_entity_src_gen.pdbx_beg_seq_num                   ? 
_entity_src_gen.pdbx_end_seq_num                   ? 
_entity_src_gen.gene_src_common_name               human 
_entity_src_gen.gene_src_genus                     Homo 
_entity_src_gen.pdbx_gene_src_gene                 DNLC2A 
_entity_src_gen.gene_src_species                   ? 
_entity_src_gen.gene_src_strain                    ? 
_entity_src_gen.gene_src_tissue                    ? 
_entity_src_gen.gene_src_tissue_fraction           ? 
_entity_src_gen.gene_src_details                   ? 
_entity_src_gen.pdbx_gene_src_fragment             ? 
_entity_src_gen.pdbx_gene_src_scientific_name      'Homo sapiens' 
_entity_src_gen.pdbx_gene_src_ncbi_taxonomy_id     9606 
_entity_src_gen.pdbx_gene_src_variant              ? 
_entity_src_gen.pdbx_gene_src_cell_line            ? 
_entity_src_gen.pdbx_gene_src_atcc                 ? 
_entity_src_gen.pdbx_gene_src_organ                ? 
_entity_src_gen.pdbx_gene_src_organelle            ? 
_entity_src_gen.pdbx_gene_src_cell                 ? 
_entity_src_gen.pdbx_gene_src_cellular_location    ? 
_entity_src_gen.host_org_common_name               ? 
_entity_src_gen.pdbx_host_org_scientific_name      'Escherichia coli' 
_entity_src_gen.pdbx_host_org_ncbi_taxonomy_id     562 
_entity_src_gen.host_org_genus                     Escherichia 
_entity_src_gen.pdbx_host_org_gene                 ? 
_entity_src_gen.pdbx_host_org_organ                ? 
_entity_src_gen.host_org_species                   ? 
_entity_src_gen.pdbx_host_org_tissue               ? 
_entity_src_gen.pdbx_host_org_tissue_fraction      ? 
_entity_src_gen.pdbx_host_org_strain               M15 
_entity_src_gen.pdbx_host_org_variant              ? 
_entity_src_gen.pdbx_host_org_cell_line            ? 
_entity_src_gen.pdbx_host_org_atcc                 ? 
_entity_src_gen.pdbx_host_org_culture_collection   ? 
_entity_src_gen.pdbx_host_org_cell                 ? 
_entity_src_gen.pdbx_host_org_organelle            ? 
_entity_src_gen.pdbx_host_org_cellular_location    ? 
_entity_src_gen.pdbx_host_org_vector_type          plasmid 
_entity_src_gen.pdbx_host_org_vector               ? 
_entity_src_gen.host_org_details                   ? 
_entity_src_gen.expression_system_id               ? 
_entity_src_gen.plasmid_name                       pQE30 
_entity_src_gen.plasmid_details                    ? 
_entity_src_gen.pdbx_description                   ? 
# 
loop_
_chem_comp.id 
_chem_comp.type 
_chem_comp.mon_nstd_flag 
_chem_comp.name 
_chem_comp.pdbx_synonyms 
_chem_comp.formula 
_chem_comp.formula_weight 
ALA 'L-peptide linking' y ALANINE         ? 'C3 H7 N O2'     89.093  
ARG 'L-peptide linking' y ARGININE        ? 'C6 H15 N4 O2 1' 175.209 
ASN 'L-peptide linking' y ASPARAGINE      ? 'C4 H8 N2 O3'    132.118 
ASP 'L-peptide linking' y 'ASPARTIC ACID' ? 'C4 H7 N O4'     133.103 
CS  non-polymer         . 'CESIUM ION'    ? 'Cs 1'           132.905 
GLN 'L-peptide linking' y GLUTAMINE       ? 'C5 H10 N2 O3'   146.144 
GLU 'L-peptide linking' y 'GLUTAMIC ACID' ? 'C5 H9 N O4'     147.129 
GLY 'peptide linking'   y GLYCINE         ? 'C2 H5 N O2'     75.067  
HIS 'L-peptide linking' y HISTIDINE       ? 'C6 H10 N3 O2 1' 156.162 
HOH non-polymer         . WATER           ? 'H2 O'           18.015  
ILE 'L-peptide linking' y ISOLEUCINE      ? 'C6 H13 N O2'    131.173 
LEU 'L-peptide linking' y LEUCINE         ? 'C6 H13 N O2'    131.173 
LYS 'L-peptide linking' y LYSINE          ? 'C6 H15 N2 O2 1' 147.195 
MET 'L-peptide linking' y METHIONINE      ? 'C5 H11 N O2 S'  149.211 
PHE 'L-peptide linking' y PHENYLALANINE   ? 'C9 H11 N O2'    165.189 
PRO 'L-peptide linking' y PROLINE         ? 'C5 H9 N O2'     115.130 
SER 'L-peptide linking' y SERINE          ? 'C3 H7 N O3'     105.093 
THR 'L-peptide linking' y THREONINE       ? 'C4 H9 N O3'     119.119 
TYR 'L-peptide linking' y TYROSINE        ? 'C9 H11 N O3'    181.189 
VAL 'L-peptide linking' y VALINE          ? 'C5 H11 N O2'    117.146 
# 
loop_
_pdbx_poly_seq_scheme.asym_id 
_pdbx_poly_seq_scheme.entity_id 
_pdbx_poly_seq_scheme.seq_id 
_pdbx_poly_seq_scheme.mon_id 
_pdbx_poly_seq_scheme.ndb_seq_num 
_pdbx_poly_seq_scheme.pdb_seq_num 
_pdbx_poly_seq_scheme.auth_seq_num 
_pdbx_poly_seq_scheme.pdb_mon_id 
_pdbx_poly_seq_scheme.auth_mon_id 
_pdbx_poly_seq_scheme.pdb_strand_id 
_pdbx_poly_seq_scheme.pdb_ins_code 
_pdbx_poly_seq_scheme.hetero 
A 1 1   MET 1   -9 ?  ?   ?   A . n 
A 1 2   GLY 2   -8 ?  ?   ?   A . n 
A 1 3   HIS 3   -7 ?  ?   ?   A . n 
A 1 4   HIS 4   -6 ?  ?   ?   A . n 
A 1 5   HIS 5   -5 ?  ?   ?   A . n 
A 1 6   HIS 6   -4 ?  ?   ?   A . n 
A 1 7   HIS 7   -3 ?  ?   ?   A . n 
A 1 8   HIS 8   -2 ?  ?   ?   A . n 
A 1 9   GLY 9   -1 ?  ?   ?   A . n 
A 1 10  SER 10  0  ?  ?   ?   A . n 
A 1 11  MET 11  1  ?  ?   ?   A . n 
A 1 12  ALA 12  2  ?  ?   ?   A . n 
A 1 13  GLU 13  3  ?  ?   ?   A . n 
A 1 14  VAL 14  4  ?  ?   ?   A . n 
A 1 15  GLU 15  5  5  GLU GLU A . n 
A 1 16  GLU 16  6  6  GLU GLU A . n 
A 1 17  THR 17  7  7  THR THR A . n 
A 1 18  LEU 18  8  8  LEU LEU A . n 
A 1 19  LYS 19  9  9  LYS LYS A . n 
A 1 20  ARG 20  10 10 ARG ARG A . n 
A 1 21  LEU 21  11 11 LEU LEU A . n 
A 1 22  GLN 22  12 12 GLN GLN A . n 
A 1 23  SER 23  13 13 SER SER A . n 
A 1 24  GLN 24  14 14 GLN GLN A . n 
A 1 25  LYS 25  15 15 LYS LYS A . n 
A 1 26  GLY 26  16 16 GLY GLY A . n 
A 1 27  VAL 27  17 17 VAL VAL A . n 
A 1 28  GLN 28  18 18 GLN GLN A . n 
A 1 29  GLY 29  19 19 GLY GLY A . n 
A 1 30  ILE 30  20 20 ILE ILE A . n 
A 1 31  ILE 31  21 21 ILE ILE A . n 
A 1 32  VAL 32  22 22 VAL VAL A . n 
A 1 33  VAL 33  23 23 VAL VAL A . n 
A 1 34  ASN 34  24 24 ASN ASN A . n 
A 1 35  THR 35  25 25 THR THR A . n 
A 1 36  GLU 36  26 26 GLU GLU A . n 
A 1 37  GLY 37  27 27 GLY GLY A . n 
A 1 38  ILE 38  28 28 ILE ILE A . n 
A 1 39  PRO 39  29 29 PRO PRO A . n 
A 1 40  ILE 40  30 30 ILE ILE A . n 
A 1 41  LYS 41  31 31 LYS LYS A . n 
A 1 42  SER 42  32 32 SER SER A . n 
A 1 43  THR 43  33 33 THR THR A . n 
A 1 44  MET 44  34 34 MET MET A . n 
A 1 45  ASP 45  35 35 ASP ASP A . n 
A 1 46  ASN 46  36 36 ASN ASN A . n 
A 1 47  PRO 47  37 37 PRO PRO A . n 
A 1 48  THR 48  38 38 THR THR A . n 
A 1 49  THR 49  39 39 THR THR A . n 
A 1 50  THR 50  40 40 THR THR A . n 
A 1 51  GLN 51  41 41 GLN GLN A . n 
A 1 52  TYR 52  42 42 TYR TYR A . n 
A 1 53  ALA 53  43 43 ALA ALA A . n 
A 1 54  SER 54  44 44 SER SER A . n 
A 1 55  LEU 55  45 45 LEU LEU A . n 
A 1 56  MET 56  46 46 MET MET A . n 
A 1 57  HIS 57  47 47 HIS HIS A . n 
A 1 58  SER 58  48 48 SER SER A . n 
A 1 59  PHE 59  49 49 PHE PHE A . n 
A 1 60  ILE 60  50 50 ILE ILE A . n 
A 1 61  LEU 61  51 51 LEU LEU A . n 
A 1 62  LYS 62  52 52 LYS LYS A . n 
A 1 63  ALA 63  53 53 ALA ALA A . n 
A 1 64  ARG 64  54 54 ARG ARG A . n 
A 1 65  SER 65  55 55 SER SER A . n 
A 1 66  THR 66  56 56 THR THR A . n 
A 1 67  VAL 67  57 57 VAL VAL A . n 
A 1 68  ARG 68  58 58 ARG ARG A . n 
A 1 69  ASP 69  59 59 ASP ASP A . n 
A 1 70  ILE 70  60 60 ILE ILE A . n 
A 1 71  ASP 71  61 61 ASP ASP A . n 
A 1 72  PRO 72  62 62 PRO ALA A . n 
A 1 73  GLN 73  63 63 GLN GLN A . n 
A 1 74  ASN 74  64 64 ASN ASN A . n 
A 1 75  ASP 75  65 65 ASP ASP A . n 
A 1 76  LEU 76  66 66 LEU LEU A . n 
A 1 77  THR 77  67 67 THR THR A . n 
A 1 78  PHE 78  68 68 PHE PHE A . n 
A 1 79  LEU 79  69 69 LEU LEU A . n 
A 1 80  ARG 80  70 70 ARG ARG A . n 
A 1 81  ILE 81  71 71 ILE ILE A . n 
A 1 82  ARG 82  72 72 ARG ARG A . n 
A 1 83  SER 83  73 73 SER SER A . n 
A 1 84  LYS 84  74 74 LYS LYS A . n 
A 1 85  LYS 85  75 75 LYS LYS A . n 
A 1 86  ASN 86  76 76 ASN ASN A . n 
A 1 87  GLU 87  77 77 GLU GLU A . n 
A 1 88  ILE 88  78 78 ILE ILE A . n 
A 1 89  MET 89  79 79 MET MET A . n 
A 1 90  VAL 90  80 80 VAL VAL A . n 
A 1 91  ALA 91  81 81 ALA ALA A . n 
A 1 92  PRO 92  82 82 PRO PRO A . n 
A 1 93  ASP 93  83 ?  ?   ?   A . n 
A 1 94  LYS 94  84 ?  ?   ?   A . n 
A 1 95  ASP 95  85 ?  ?   ?   A . n 
A 1 96  TYR 96  86 86 TYR TYR A . n 
A 1 97  PHE 97  87 87 PHE PHE A . n 
A 1 98  LEU 98  88 88 LEU LEU A . n 
A 1 99  ILE 99  89 89 ILE ILE A . n 
A 1 100 VAL 100 90 90 VAL VAL A . n 
A 1 101 ILE 101 91 91 ILE ILE A . n 
A 1 102 GLN 102 92 92 GLN GLN A . n 
A 1 103 ASN 103 93 93 ASN ASN A . n 
A 1 104 PRO 104 94 94 PRO PRO A . n 
A 1 105 THR 105 95 ?  ?   ?   A . n 
A 1 106 GLU 106 96 ?  ?   ?   A . n 
B 1 1   MET 1   -9 ?  ?   ?   B . n 
B 1 2   GLY 2   -8 ?  ?   ?   B . n 
B 1 3   HIS 3   -7 ?  ?   ?   B . n 
B 1 4   HIS 4   -6 ?  ?   ?   B . n 
B 1 5   HIS 5   -5 ?  ?   ?   B . n 
B 1 6   HIS 6   -4 ?  ?   ?   B . n 
B 1 7   HIS 7   -3 ?  ?   ?   B . n 
B 1 8   HIS 8   -2 ?  ?   ?   B . n 
B 1 9   GLY 9   -1 ?  ?   ?   B . n 
B 1 10  SER 10  0  ?  ?   ?   B . n 
B 1 11  MET 11  1  ?  ?   ?   B . n 
B 1 12  ALA 12  2  ?  ?   ?   B . n 
B 1 13  GLU 13  3  ?  ?   ?   B . n 
B 1 14  VAL 14  4  ?  ?   ?   B . n 
B 1 15  GLU 15  5  ?  ?   ?   B . n 
B 1 16  GLU 16  6  ?  ?   ?   B . n 
B 1 17  THR 17  7  ?  ?   ?   B . n 
B 1 18  LEU 18  8  8  LEU LEU B . n 
B 1 19  LYS 19  9  9  LYS LYS B . n 
B 1 20  ARG 20  10 10 ARG ARG B . n 
B 1 21  LEU 21  11 11 LEU LEU B . n 
B 1 22  GLN 22  12 12 GLN GLN B . n 
B 1 23  SER 23  13 13 SER SER B . n 
B 1 24  GLN 24  14 14 GLN GLN B . n 
B 1 25  LYS 25  15 15 LYS LYS B . n 
B 1 26  GLY 26  16 16 GLY GLY B . n 
B 1 27  VAL 27  17 17 VAL VAL B . n 
B 1 28  GLN 28  18 18 GLN GLN B . n 
B 1 29  GLY 29  19 19 GLY GLY B . n 
B 1 30  ILE 30  20 20 ILE ILE B . n 
B 1 31  ILE 31  21 21 ILE ILE B . n 
B 1 32  VAL 32  22 22 VAL VAL B . n 
B 1 33  VAL 33  23 23 VAL VAL B . n 
B 1 34  ASN 34  24 24 ASN ASN B . n 
B 1 35  THR 35  25 25 THR THR B . n 
B 1 36  GLU 36  26 26 GLU GLU B . n 
B 1 37  GLY 37  27 27 GLY GLY B . n 
B 1 38  ILE 38  28 28 ILE ILE B . n 
B 1 39  PRO 39  29 29 PRO PRO B . n 
B 1 40  ILE 40  30 30 ILE ILE B . n 
B 1 41  LYS 41  31 31 LYS LYS B . n 
B 1 42  SER 42  32 32 SER SER B . n 
B 1 43  THR 43  33 33 THR THR B . n 
B 1 44  MET 44  34 34 MET MET B . n 
B 1 45  ASP 45  35 35 ASP ASP B . n 
B 1 46  ASN 46  36 36 ASN ASN B . n 
B 1 47  PRO 47  37 37 PRO PRO B . n 
B 1 48  THR 48  38 38 THR THR B . n 
B 1 49  THR 49  39 39 THR THR B . n 
B 1 50  THR 50  40 40 THR THR B . n 
B 1 51  GLN 51  41 41 GLN GLN B . n 
B 1 52  TYR 52  42 42 TYR TYR B . n 
B 1 53  ALA 53  43 43 ALA ALA B . n 
B 1 54  SER 54  44 44 SER SER B . n 
B 1 55  LEU 55  45 45 LEU LEU B . n 
B 1 56  MET 56  46 46 MET MET B . n 
B 1 57  HIS 57  47 47 HIS HIS B . n 
B 1 58  SER 58  48 48 SER SER B . n 
B 1 59  PHE 59  49 49 PHE PHE B . n 
B 1 60  ILE 60  50 50 ILE ILE B . n 
B 1 61  LEU 61  51 51 LEU LEU B . n 
B 1 62  LYS 62  52 52 LYS LYS B . n 
B 1 63  ALA 63  53 53 ALA ALA B . n 
B 1 64  ARG 64  54 54 ARG ARG B . n 
B 1 65  SER 65  55 55 SER SER B . n 
B 1 66  THR 66  56 56 THR THR B . n 
B 1 67  VAL 67  57 57 VAL VAL B . n 
B 1 68  ARG 68  58 58 ARG ARG B . n 
B 1 69  ASP 69  59 59 ASP ASP B . n 
B 1 70  ILE 70  60 60 ILE ILE B . n 
B 1 71  ASP 71  61 61 ASP ASP B . n 
B 1 72  PRO 72  62 62 PRO PRO B . n 
B 1 73  GLN 73  63 63 GLN GLN B . n 
B 1 74  ASN 74  64 64 ASN ASN B . n 
B 1 75  ASP 75  65 65 ASP ASP B . n 
B 1 76  LEU 76  66 66 LEU LEU B . n 
B 1 77  THR 77  67 67 THR THR B . n 
B 1 78  PHE 78  68 68 PHE PHE B . n 
B 1 79  LEU 79  69 69 LEU LEU B . n 
B 1 80  ARG 80  70 70 ARG ARG B . n 
B 1 81  ILE 81  71 71 ILE ILE B . n 
B 1 82  ARG 82  72 72 ARG ARG B . n 
B 1 83  SER 83  73 73 SER SER B . n 
B 1 84  LYS 84  74 74 LYS LYS B . n 
B 1 85  LYS 85  75 75 LYS LYS B . n 
B 1 86  ASN 86  76 76 ASN ASN B . n 
B 1 87  GLU 87  77 77 GLU GLU B . n 
B 1 88  ILE 88  78 78 ILE ILE B . n 
B 1 89  MET 89  79 79 MET MET B . n 
B 1 90  VAL 90  80 80 VAL VAL B . n 
B 1 91  ALA 91  81 81 ALA ALA B . n 
B 1 92  PRO 92  82 82 PRO PRO B . n 
B 1 93  ASP 93  83 83 ASP ASP B . n 
B 1 94  LYS 94  84 ?  ?   ?   B . n 
B 1 95  ASP 95  85 ?  ?   ?   B . n 
B 1 96  TYR 96  86 86 TYR TYR B . n 
B 1 97  PHE 97  87 87 PHE PHE B . n 
B 1 98  LEU 98  88 88 LEU LEU B . n 
B 1 99  ILE 99  89 89 ILE ILE B . n 
B 1 100 VAL 100 90 90 VAL VAL B . n 
B 1 101 ILE 101 91 91 ILE ILE B . n 
B 1 102 GLN 102 92 92 GLN GLN B . n 
B 1 103 ASN 103 93 93 ASN ASN B . n 
B 1 104 PRO 104 94 94 PRO PRO B . n 
B 1 105 THR 105 95 95 THR THR B . n 
B 1 106 GLU 106 96 ?  ?   ?   B . n 
# 
loop_
_pdbx_nonpoly_scheme.asym_id 
_pdbx_nonpoly_scheme.entity_id 
_pdbx_nonpoly_scheme.mon_id 
_pdbx_nonpoly_scheme.ndb_seq_num 
_pdbx_nonpoly_scheme.pdb_seq_num 
_pdbx_nonpoly_scheme.auth_seq_num 
_pdbx_nonpoly_scheme.pdb_mon_id 
_pdbx_nonpoly_scheme.auth_mon_id 
_pdbx_nonpoly_scheme.pdb_strand_id 
_pdbx_nonpoly_scheme.pdb_ins_code 
C 2 CS  1  1042 42  CS  CS  B . 
D 3 HOH 1  97   2   HOH HOH A . 
D 3 HOH 2  98   3   HOH HOH A . 
D 3 HOH 3  99   5   HOH HOH A . 
D 3 HOH 4  100  7   HOH HOH A . 
D 3 HOH 5  101  8   HOH HOH A . 
D 3 HOH 6  102  11  HOH HOH A . 
D 3 HOH 7  103  13  HOH HOH A . 
D 3 HOH 8  104  14  HOH HOH A . 
D 3 HOH 9  105  16  HOH HOH A . 
D 3 HOH 10 106  17  HOH HOH A . 
D 3 HOH 11 107  19  HOH HOH A . 
D 3 HOH 12 108  20  HOH HOH A . 
D 3 HOH 13 109  21  HOH HOH A . 
D 3 HOH 14 110  23  HOH HOH A . 
D 3 HOH 15 111  24  HOH HOH A . 
D 3 HOH 16 112  28  HOH HOH A . 
D 3 HOH 17 113  29  HOH HOH A . 
D 3 HOH 18 114  30  HOH HOH A . 
D 3 HOH 19 115  32  HOH HOH A . 
D 3 HOH 20 116  34  HOH HOH A . 
D 3 HOH 21 117  37  HOH HOH A . 
D 3 HOH 22 118  39  HOH HOH A . 
D 3 HOH 23 119  40  HOH HOH A . 
D 3 HOH 24 120  43  HOH HOH A . 
D 3 HOH 25 121  44  HOH HOH A . 
D 3 HOH 26 122  46  HOH HOH A . 
D 3 HOH 27 123  51  HOH HOH A . 
D 3 HOH 28 124  53  HOH HOH A . 
D 3 HOH 29 125  55  HOH HOH A . 
D 3 HOH 30 126  56  HOH HOH A . 
D 3 HOH 31 127  58  HOH HOH A . 
D 3 HOH 32 128  59  HOH HOH A . 
D 3 HOH 33 129  61  HOH HOH A . 
D 3 HOH 34 130  62  HOH HOH A . 
D 3 HOH 35 131  68  HOH HOH A . 
D 3 HOH 36 132  70  HOH HOH A . 
D 3 HOH 37 133  72  HOH HOH A . 
D 3 HOH 38 134  73  HOH HOH A . 
D 3 HOH 39 135  74  HOH HOH A . 
D 3 HOH 40 136  75  HOH HOH A . 
D 3 HOH 41 137  78  HOH HOH A . 
D 3 HOH 42 138  79  HOH HOH A . 
D 3 HOH 43 139  80  HOH HOH A . 
D 3 HOH 44 140  85  HOH HOH A . 
D 3 HOH 45 141  87  HOH HOH A . 
D 3 HOH 46 142  88  HOH HOH A . 
D 3 HOH 47 143  89  HOH HOH A . 
D 3 HOH 48 144  91  HOH HOH A . 
D 3 HOH 49 145  92  HOH HOH A . 
D 3 HOH 50 146  94  HOH HOH A . 
D 3 HOH 51 147  95  HOH HOH A . 
D 3 HOH 52 148  96  HOH HOH A . 
D 3 HOH 53 149  97  HOH HOH A . 
D 3 HOH 54 150  101 HOH HOH A . 
D 3 HOH 55 151  103 HOH HOH A . 
D 3 HOH 56 152  106 HOH HOH A . 
D 3 HOH 57 153  108 HOH HOH A . 
D 3 HOH 58 154  110 HOH HOH A . 
D 3 HOH 59 155  111 HOH HOH A . 
D 3 HOH 60 156  114 HOH HOH A . 
D 3 HOH 61 157  115 HOH HOH A . 
D 3 HOH 62 158  120 HOH HOH A . 
D 3 HOH 63 159  122 HOH HOH A . 
D 3 HOH 64 160  128 HOH HOH A . 
D 3 HOH 65 161  130 HOH HOH A . 
D 3 HOH 66 162  131 HOH HOH A . 
D 3 HOH 67 163  132 HOH HOH A . 
D 3 HOH 68 164  137 HOH HOH A . 
D 3 HOH 69 165  138 HOH HOH A . 
D 3 HOH 70 166  140 HOH HOH A . 
D 3 HOH 71 167  142 HOH HOH A . 
D 3 HOH 72 168  143 HOH HOH A . 
D 3 HOH 73 169  144 HOH HOH A . 
D 3 HOH 74 170  147 HOH HOH A . 
E 3 HOH 1  1043 1   HOH HOH B . 
E 3 HOH 2  1044 4   HOH HOH B . 
E 3 HOH 3  1045 6   HOH HOH B . 
E 3 HOH 4  1046 9   HOH HOH B . 
E 3 HOH 5  1047 10  HOH HOH B . 
E 3 HOH 6  1048 12  HOH HOH B . 
E 3 HOH 7  1049 15  HOH HOH B . 
E 3 HOH 8  1050 18  HOH HOH B . 
E 3 HOH 9  1051 22  HOH HOH B . 
E 3 HOH 10 1052 25  HOH HOH B . 
E 3 HOH 11 1053 26  HOH HOH B . 
E 3 HOH 12 1054 27  HOH HOH B . 
E 3 HOH 13 1055 31  HOH HOH B . 
E 3 HOH 14 1056 33  HOH HOH B . 
E 3 HOH 15 1057 35  HOH HOH B . 
E 3 HOH 16 1058 36  HOH HOH B . 
E 3 HOH 17 1059 38  HOH HOH B . 
E 3 HOH 18 1060 41  HOH HOH B . 
E 3 HOH 19 1061 42  HOH HOH B . 
E 3 HOH 20 1062 45  HOH HOH B . 
E 3 HOH 21 1063 47  HOH HOH B . 
E 3 HOH 22 1064 48  HOH HOH B . 
E 3 HOH 23 1065 49  HOH HOH B . 
E 3 HOH 24 1066 50  HOH HOH B . 
E 3 HOH 25 1067 52  HOH HOH B . 
E 3 HOH 26 1068 54  HOH HOH B . 
E 3 HOH 27 1069 57  HOH HOH B . 
E 3 HOH 28 1070 60  HOH HOH B . 
E 3 HOH 29 1071 63  HOH HOH B . 
E 3 HOH 30 1072 64  HOH HOH B . 
E 3 HOH 31 1073 65  HOH HOH B . 
E 3 HOH 32 1074 66  HOH HOH B . 
E 3 HOH 33 1075 67  HOH HOH B . 
E 3 HOH 34 1076 69  HOH HOH B . 
E 3 HOH 35 1077 71  HOH HOH B . 
E 3 HOH 36 1078 76  HOH HOH B . 
E 3 HOH 37 1079 77  HOH HOH B . 
E 3 HOH 38 1080 81  HOH HOH B . 
E 3 HOH 39 1081 82  HOH HOH B . 
E 3 HOH 40 1082 83  HOH HOH B . 
E 3 HOH 41 1083 84  HOH HOH B . 
E 3 HOH 42 1084 86  HOH HOH B . 
E 3 HOH 43 1085 90  HOH HOH B . 
E 3 HOH 44 1086 93  HOH HOH B . 
E 3 HOH 45 1087 98  HOH HOH B . 
E 3 HOH 46 1088 99  HOH HOH B . 
E 3 HOH 47 1089 100 HOH HOH B . 
E 3 HOH 48 1090 102 HOH HOH B . 
E 3 HOH 49 1091 104 HOH HOH B . 
E 3 HOH 50 1092 105 HOH HOH B . 
E 3 HOH 51 1093 107 HOH HOH B . 
E 3 HOH 52 1094 109 HOH HOH B . 
E 3 HOH 53 1095 112 HOH HOH B . 
E 3 HOH 54 1096 113 HOH HOH B . 
E 3 HOH 55 1097 116 HOH HOH B . 
E 3 HOH 56 1098 117 HOH HOH B . 
E 3 HOH 57 1099 118 HOH HOH B . 
E 3 HOH 58 1100 119 HOH HOH B . 
E 3 HOH 59 1101 121 HOH HOH B . 
E 3 HOH 60 1102 123 HOH HOH B . 
E 3 HOH 61 1103 124 HOH HOH B . 
E 3 HOH 62 1104 125 HOH HOH B . 
E 3 HOH 63 1105 126 HOH HOH B . 
E 3 HOH 64 1106 127 HOH HOH B . 
E 3 HOH 65 1107 129 HOH HOH B . 
E 3 HOH 66 1108 133 HOH HOH B . 
E 3 HOH 67 1109 134 HOH HOH B . 
E 3 HOH 68 1110 135 HOH HOH B . 
E 3 HOH 69 1111 136 HOH HOH B . 
E 3 HOH 70 1112 139 HOH HOH B . 
E 3 HOH 71 1113 141 HOH HOH B . 
E 3 HOH 72 1114 145 HOH HOH B . 
E 3 HOH 73 1115 146 HOH HOH B . 
E 3 HOH 74 1116 148 HOH HOH B . 
# 
loop_
_pdbx_unobs_or_zero_occ_atoms.id 
_pdbx_unobs_or_zero_occ_atoms.PDB_model_num 
_pdbx_unobs_or_zero_occ_atoms.polymer_flag 
_pdbx_unobs_or_zero_occ_atoms.occupancy_flag 
_pdbx_unobs_or_zero_occ_atoms.auth_asym_id 
_pdbx_unobs_or_zero_occ_atoms.auth_comp_id 
_pdbx_unobs_or_zero_occ_atoms.auth_seq_id 
_pdbx_unobs_or_zero_occ_atoms.PDB_ins_code 
_pdbx_unobs_or_zero_occ_atoms.auth_atom_id 
_pdbx_unobs_or_zero_occ_atoms.label_alt_id 
_pdbx_unobs_or_zero_occ_atoms.label_asym_id 
_pdbx_unobs_or_zero_occ_atoms.label_comp_id 
_pdbx_unobs_or_zero_occ_atoms.label_seq_id 
_pdbx_unobs_or_zero_occ_atoms.label_atom_id 
1 1 Y 1 A PRO 62 ? CG ? A PRO 72 CG 
2 1 Y 1 A PRO 62 ? CD ? A PRO 72 CD 
# 
loop_
_software.name 
_software.classification 
_software.version 
_software.citation_id 
_software.pdbx_ordinal 
REFMAC       refinement        5.2.0019 ? 1 
CrystalClear 'data collection' .        ? 2 
DENZO        'data reduction'  .        ? 3 
SCALEPACK    'data scaling'    .        ? 4 
PHENIX       phasing           .        ? 5 
# 
_cell.entry_id           2HZ5 
_cell.length_a           83.150 
_cell.length_b           83.150 
_cell.length_c           98.128 
_cell.angle_alpha        90.00 
_cell.angle_beta         90.00 
_cell.angle_gamma        120.00 
_cell.Z_PDB              12 
_cell.pdbx_unique_axis   ? 
_cell.length_a_esd       ? 
_cell.length_b_esd       ? 
_cell.length_c_esd       ? 
_cell.angle_alpha_esd    ? 
_cell.angle_beta_esd     ? 
_cell.angle_gamma_esd    ? 
# 
_symmetry.entry_id                         2HZ5 
_symmetry.space_group_name_H-M             'P 61' 
_symmetry.pdbx_full_space_group_name_H-M   ? 
_symmetry.cell_setting                     ? 
_symmetry.Int_Tables_number                169 
_symmetry.space_group_name_Hall            ? 
# 
_exptl.entry_id          2HZ5 
_exptl.method            'X-RAY DIFFRACTION' 
_exptl.crystals_number   1 
# 
_exptl_crystal.id                    1 
_exptl_crystal.density_meas          ? 
_exptl_crystal.density_Matthews      4.05 
_exptl_crystal.density_percent_sol   69.60 
_exptl_crystal.description           ? 
_exptl_crystal.F_000                 ? 
_exptl_crystal.preparation           ? 
# 
_exptl_crystal_grow.crystal_id      1 
_exptl_crystal_grow.method          'VAPOR DIFFUSION, HANGING DROP' 
_exptl_crystal_grow.temp            298 
_exptl_crystal_grow.temp_details    ? 
_exptl_crystal_grow.pH              7.6 
_exptl_crystal_grow.pdbx_details    '28% PEG 4000, 0.1M CeCl, 0.1M Tris, pH 7.6, VAPOR DIFFUSION, HANGING DROP, temperature 298K' 
_exptl_crystal_grow.pdbx_pH_range   . 
# 
_diffrn.id                     1 
_diffrn.ambient_temp           100 
_diffrn.ambient_temp_details   ? 
_diffrn.crystal_id             1 
# 
_diffrn_detector.diffrn_id              1 
_diffrn_detector.detector               'IMAGE PLATE' 
_diffrn_detector.type                   RIGAKU 
_diffrn_detector.pdbx_collection_date   2005-08-15 
_diffrn_detector.details                ? 
# 
_diffrn_radiation.diffrn_id                        1 
_diffrn_radiation.wavelength_id                    1 
_diffrn_radiation.pdbx_monochromatic_or_laue_m_l   M 
_diffrn_radiation.monochromator                    Cu 
_diffrn_radiation.pdbx_diffrn_protocol             'SINGLE WAVELENGTH' 
_diffrn_radiation.pdbx_scattering_type             x-ray 
# 
_diffrn_radiation_wavelength.id           1 
_diffrn_radiation_wavelength.wavelength   1.5418 
_diffrn_radiation_wavelength.wt           1.0 
# 
_diffrn_source.diffrn_id                   1 
_diffrn_source.source                      'ROTATING ANODE' 
_diffrn_source.type                        RIGAKU 
_diffrn_source.pdbx_synchrotron_site       ? 
_diffrn_source.pdbx_synchrotron_beamline   ? 
_diffrn_source.pdbx_wavelength             ? 
_diffrn_source.pdbx_wavelength_list        1.5418 
# 
_reflns.entry_id                     2HZ5 
_reflns.observed_criterion_sigma_F   ? 
_reflns.observed_criterion_sigma_I   ? 
_reflns.d_resolution_high            2.1 
_reflns.d_resolution_low             10.98 
_reflns.number_all                   21991 
_reflns.number_obs                   20853 
_reflns.percent_possible_obs         98.38 
_reflns.pdbx_Rmerge_I_obs            ? 
_reflns.pdbx_Rsym_value              ? 
_reflns.pdbx_netI_over_sigmaI        ? 
_reflns.B_iso_Wilson_estimate        ? 
_reflns.pdbx_redundancy              ? 
_reflns.R_free_details               ? 
_reflns.limit_h_max                  ? 
_reflns.limit_h_min                  ? 
_reflns.limit_k_max                  ? 
_reflns.limit_k_min                  ? 
_reflns.limit_l_max                  ? 
_reflns.limit_l_min                  ? 
_reflns.observed_criterion_F_max     ? 
_reflns.observed_criterion_F_min     ? 
_reflns.pdbx_chi_squared             ? 
_reflns.pdbx_scaling_rejects         ? 
_reflns.pdbx_ordinal                 1 
_reflns.pdbx_diffrn_id               1 
# 
_refine.entry_id                                 2HZ5 
_refine.ls_number_reflns_obs                     20853 
_refine.ls_number_reflns_all                     21991 
_refine.pdbx_ls_sigma_I                          ? 
_refine.pdbx_ls_sigma_F                          ? 
_refine.pdbx_data_cutoff_high_absF               ? 
_refine.pdbx_data_cutoff_low_absF                ? 
_refine.pdbx_data_cutoff_high_rms_absF           ? 
_refine.ls_d_res_low                             8.0 
_refine.ls_d_res_high                            2.10 
_refine.ls_percent_reflns_obs                    98.38 
_refine.ls_R_factor_obs                          0.20416 
_refine.ls_R_factor_all                          0.22 
_refine.ls_R_factor_R_work                       0.20279 
_refine.ls_R_factor_R_free                       0.22917 
_refine.ls_R_factor_R_free_error                 ? 
_refine.ls_R_factor_R_free_error_details         ? 
_refine.ls_percent_reflns_R_free                 5.1 
_refine.ls_number_reflns_R_free                  1124 
_refine.ls_number_parameters                     ? 
_refine.ls_number_restraints                     ? 
_refine.occupancy_min                            ? 
_refine.occupancy_max                            ? 
_refine.correlation_coeff_Fo_to_Fc               0.939 
_refine.correlation_coeff_Fo_to_Fc_free          0.912 
_refine.B_iso_mean                               31.609 
_refine.aniso_B[1][1]                            0.38 
_refine.aniso_B[2][2]                            0.38 
_refine.aniso_B[3][3]                            -0.57 
_refine.aniso_B[1][2]                            0.19 
_refine.aniso_B[1][3]                            0.00 
_refine.aniso_B[2][3]                            0.00 
_refine.solvent_model_details                    'BABINET MODEL WITH MASK' 
_refine.solvent_model_param_ksol                 ? 
_refine.solvent_model_param_bsol                 ? 
_refine.pdbx_solvent_vdw_probe_radii             1.40 
_refine.pdbx_solvent_ion_probe_radii             0.80 
_refine.pdbx_solvent_shrinkage_radii             0.80 
_refine.pdbx_ls_cross_valid_method               THROUGHOUT 
_refine.details                                  ? 
_refine.pdbx_starting_model                      ? 
_refine.pdbx_method_to_determine_struct          SAD 
_refine.pdbx_isotropic_thermal_model             ? 
_refine.pdbx_stereochemistry_target_values       'MAXIMUM LIKELIHOOD' 
_refine.pdbx_stereochem_target_val_spec_case     ? 
_refine.pdbx_R_Free_selection_details            RANDOM 
_refine.pdbx_overall_ESU_R                       0.140 
_refine.pdbx_overall_ESU_R_Free                  0.133 
_refine.overall_SU_ML                            0.085 
_refine.overall_SU_B                             5.299 
_refine.ls_redundancy_reflns_obs                 ? 
_refine.B_iso_min                                ? 
_refine.B_iso_max                                ? 
_refine.overall_SU_R_Cruickshank_DPI             ? 
_refine.overall_SU_R_free                        ? 
_refine.ls_wR_factor_R_free                      ? 
_refine.ls_wR_factor_R_work                      ? 
_refine.overall_FOM_free_R_set                   ? 
_refine.overall_FOM_work_R_set                   ? 
_refine.pdbx_refine_id                           'X-RAY DIFFRACTION' 
_refine.pdbx_diffrn_id                           1 
_refine.pdbx_TLS_residual_ADP_flag               ? 
_refine.pdbx_overall_phase_error                 ? 
_refine.pdbx_overall_SU_R_free_Cruickshank_DPI   ? 
_refine.pdbx_overall_SU_R_Blow_DPI               ? 
_refine.pdbx_overall_SU_R_free_Blow_DPI          ? 
# 
_refine_hist.pdbx_refine_id                   'X-RAY DIFFRACTION' 
_refine_hist.cycle_id                         LAST 
_refine_hist.pdbx_number_atoms_protein        1376 
_refine_hist.pdbx_number_atoms_nucleic_acid   0 
_refine_hist.pdbx_number_atoms_ligand         1 
_refine_hist.number_atoms_solvent             148 
_refine_hist.number_atoms_total               1525 
_refine_hist.d_res_high                       2.10 
_refine_hist.d_res_low                        8.0 
# 
loop_
_refine_ls_restr.type 
_refine_ls_restr.dev_ideal 
_refine_ls_restr.dev_ideal_target 
_refine_ls_restr.weight 
_refine_ls_restr.number 
_refine_ls_restr.pdbx_refine_id 
_refine_ls_restr.pdbx_restraint_function 
r_bond_refined_d             0.013  0.022  ? 1393 'X-RAY DIFFRACTION' ? 
r_bond_other_d               ?      ?      ? ?    'X-RAY DIFFRACTION' ? 
r_angle_refined_deg          1.373  1.975  ? 1880 'X-RAY DIFFRACTION' ? 
r_angle_other_deg            ?      ?      ? ?    'X-RAY DIFFRACTION' ? 
r_dihedral_angle_1_deg       5.013  5.000  ? 169  'X-RAY DIFFRACTION' ? 
r_dihedral_angle_2_deg       39.258 24.576 ? 59   'X-RAY DIFFRACTION' ? 
r_dihedral_angle_3_deg       14.725 15.000 ? 271  'X-RAY DIFFRACTION' ? 
r_dihedral_angle_4_deg       15.790 15.000 ? 10   'X-RAY DIFFRACTION' ? 
r_chiral_restr               0.089  0.200  ? 229  'X-RAY DIFFRACTION' ? 
r_gen_planes_refined         0.005  0.020  ? 996  'X-RAY DIFFRACTION' ? 
r_gen_planes_other           ?      ?      ? ?    'X-RAY DIFFRACTION' ? 
r_nbd_refined                0.249  0.200  ? 667  'X-RAY DIFFRACTION' ? 
r_nbd_other                  ?      ?      ? ?    'X-RAY DIFFRACTION' ? 
r_nbtor_refined              0.299  0.200  ? 983  'X-RAY DIFFRACTION' ? 
r_nbtor_other                ?      ?      ? ?    'X-RAY DIFFRACTION' ? 
r_xyhbond_nbd_refined        0.205  0.200  ? 142  'X-RAY DIFFRACTION' ? 
r_xyhbond_nbd_other          ?      ?      ? ?    'X-RAY DIFFRACTION' ? 
r_metal_ion_refined          0.046  0.200  ? 2    'X-RAY DIFFRACTION' ? 
r_metal_ion_other            ?      ?      ? ?    'X-RAY DIFFRACTION' ? 
r_symmetry_vdw_refined       0.359  0.200  ? 34   'X-RAY DIFFRACTION' ? 
r_symmetry_vdw_other         ?      ?      ? ?    'X-RAY DIFFRACTION' ? 
r_symmetry_hbond_refined     0.246  0.200  ? 13   'X-RAY DIFFRACTION' ? 
r_symmetry_hbond_other       ?      ?      ? ?    'X-RAY DIFFRACTION' ? 
r_symmetry_metal_ion_refined 0.038  0.200  ? 2    'X-RAY DIFFRACTION' ? 
r_symmetry_metal_ion_other   ?      ?      ? ?    'X-RAY DIFFRACTION' ? 
r_mcbond_it                  0.886  1.500  ? 864  'X-RAY DIFFRACTION' ? 
r_mcbond_other               ?      ?      ? ?    'X-RAY DIFFRACTION' ? 
r_mcangle_it                 1.725  2.000  ? 1422 'X-RAY DIFFRACTION' ? 
r_scbond_it                  2.828  3.000  ? 529  'X-RAY DIFFRACTION' ? 
r_scangle_it                 5.072  4.500  ? 458  'X-RAY DIFFRACTION' ? 
r_rigid_bond_restr           ?      ?      ? ?    'X-RAY DIFFRACTION' ? 
r_sphericity_free            ?      ?      ? ?    'X-RAY DIFFRACTION' ? 
r_sphericity_bonded          ?      ?      ? ?    'X-RAY DIFFRACTION' ? 
# 
_refine_ls_shell.pdbx_total_number_of_bins_used   20 
_refine_ls_shell.d_res_high                       2.100 
_refine_ls_shell.d_res_low                        2.153 
_refine_ls_shell.number_reflns_R_work             1501 
_refine_ls_shell.R_factor_R_work                  0.204 
_refine_ls_shell.percent_reflns_obs               98.75 
_refine_ls_shell.R_factor_R_free                  0.211 
_refine_ls_shell.R_factor_R_free_error            ? 
_refine_ls_shell.percent_reflns_R_free            ? 
_refine_ls_shell.number_reflns_R_free             81 
_refine_ls_shell.number_reflns_all                ? 
_refine_ls_shell.R_factor_all                     ? 
_refine_ls_shell.number_reflns_obs                ? 
_refine_ls_shell.redundancy_reflns_obs            ? 
_refine_ls_shell.pdbx_refine_id                   'X-RAY DIFFRACTION' 
# 
_struct.entry_id                  2HZ5 
_struct.title                     'Crystal structure of human dynein light chain Dnlc2A' 
_struct.pdbx_model_details        ? 
_struct.pdbx_CASP_flag            ? 
_struct.pdbx_model_type_details   ? 
# 
_struct_keywords.entry_id        2HZ5 
_struct_keywords.pdbx_keywords   'TRANSPORT PROTEIN' 
_struct_keywords.text            'Dnlc2A, TRANSPORT PROTEIN' 
# 
loop_
_struct_asym.id 
_struct_asym.pdbx_blank_PDB_chainid_flag 
_struct_asym.pdbx_modified 
_struct_asym.entity_id 
_struct_asym.details 
A N N 1 ? 
B N N 1 ? 
C N N 2 ? 
D N N 3 ? 
E N N 3 ? 
# 
_struct_ref.id                         1 
_struct_ref.db_name                    UNP 
_struct_ref.db_code                    DLC2A_HUMAN 
_struct_ref.pdbx_db_accession          Q9NP97 
_struct_ref.entity_id                  1 
_struct_ref.pdbx_seq_one_letter_code   
;MAEVEETLKRLQSQKGVQGIIVVNTEGIPIKSTMDNPTTTQYASLMHSFILKARSTVRDIDPQNDLTFLRIRSKKNEIMV
APDKDYFLIVIQNPTE
;
_struct_ref.pdbx_align_begin           0 
_struct_ref.pdbx_db_isoform            ? 
# 
loop_
_struct_ref_seq.align_id 
_struct_ref_seq.ref_id 
_struct_ref_seq.pdbx_PDB_id_code 
_struct_ref_seq.pdbx_strand_id 
_struct_ref_seq.seq_align_beg 
_struct_ref_seq.pdbx_seq_align_beg_ins_code 
_struct_ref_seq.seq_align_end 
_struct_ref_seq.pdbx_seq_align_end_ins_code 
_struct_ref_seq.pdbx_db_accession 
_struct_ref_seq.db_align_beg 
_struct_ref_seq.pdbx_db_align_beg_ins_code 
_struct_ref_seq.db_align_end 
_struct_ref_seq.pdbx_db_align_end_ins_code 
_struct_ref_seq.pdbx_auth_seq_align_beg 
_struct_ref_seq.pdbx_auth_seq_align_end 
1 1 2HZ5 A 11 ? 106 ? Q9NP97 0 ? 95 ? 1 96 
2 1 2HZ5 B 11 ? 106 ? Q9NP97 0 ? 95 ? 1 96 
# 
loop_
_struct_ref_seq_dif.align_id 
_struct_ref_seq_dif.pdbx_pdb_id_code 
_struct_ref_seq_dif.mon_id 
_struct_ref_seq_dif.pdbx_pdb_strand_id 
_struct_ref_seq_dif.seq_num 
_struct_ref_seq_dif.pdbx_pdb_ins_code 
_struct_ref_seq_dif.pdbx_seq_db_name 
_struct_ref_seq_dif.pdbx_seq_db_accession_code 
_struct_ref_seq_dif.db_mon_id 
_struct_ref_seq_dif.pdbx_seq_db_seq_num 
_struct_ref_seq_dif.details 
_struct_ref_seq_dif.pdbx_auth_seq_num 
_struct_ref_seq_dif.pdbx_ordinal 
1 2HZ5 MET A 1  ? UNP Q9NP97 ? ? 'initiating methionine' -9 1  
1 2HZ5 GLY A 2  ? UNP Q9NP97 ? ? 'cloning artifact'      -8 2  
1 2HZ5 HIS A 3  ? UNP Q9NP97 ? ? 'expression tag'        -7 3  
1 2HZ5 HIS A 4  ? UNP Q9NP97 ? ? 'expression tag'        -6 4  
1 2HZ5 HIS A 5  ? UNP Q9NP97 ? ? 'expression tag'        -5 5  
1 2HZ5 HIS A 6  ? UNP Q9NP97 ? ? 'expression tag'        -4 6  
1 2HZ5 HIS A 7  ? UNP Q9NP97 ? ? 'expression tag'        -3 7  
1 2HZ5 HIS A 8  ? UNP Q9NP97 ? ? 'expression tag'        -2 8  
1 2HZ5 GLY A 9  ? UNP Q9NP97 ? ? 'cloning artifact'      -1 9  
1 2HZ5 SER A 10 ? UNP Q9NP97 ? ? 'cloning artifact'      0  10 
2 2HZ5 MET B 1  ? UNP Q9NP97 ? ? 'initiating methionine' -9 11 
2 2HZ5 GLY B 2  ? UNP Q9NP97 ? ? 'cloning artifact'      -8 12 
2 2HZ5 HIS B 3  ? UNP Q9NP97 ? ? 'expression tag'        -7 13 
2 2HZ5 HIS B 4  ? UNP Q9NP97 ? ? 'expression tag'        -6 14 
2 2HZ5 HIS B 5  ? UNP Q9NP97 ? ? 'expression tag'        -5 15 
2 2HZ5 HIS B 6  ? UNP Q9NP97 ? ? 'expression tag'        -4 16 
2 2HZ5 HIS B 7  ? UNP Q9NP97 ? ? 'expression tag'        -3 17 
2 2HZ5 HIS B 8  ? UNP Q9NP97 ? ? 'expression tag'        -2 18 
2 2HZ5 GLY B 9  ? UNP Q9NP97 ? ? 'cloning artifact'      -1 19 
2 2HZ5 SER B 10 ? UNP Q9NP97 ? ? 'cloning artifact'      0  20 
# 
loop_
_pdbx_struct_assembly.id 
_pdbx_struct_assembly.details 
_pdbx_struct_assembly.method_details 
_pdbx_struct_assembly.oligomeric_details 
_pdbx_struct_assembly.oligomeric_count 
1 author_and_software_defined_assembly PISA,PQS dimeric 2 
2 software_defined_assembly            PISA     dimeric 2 
# 
loop_
_pdbx_struct_assembly_prop.biol_id 
_pdbx_struct_assembly_prop.type 
_pdbx_struct_assembly_prop.value 
_pdbx_struct_assembly_prop.details 
1 'ABSA (A^2)' 2510  ? 
1 MORE         -16   ? 
1 'SSA (A^2)'  9240  ? 
2 'ABSA (A^2)' 1250  ? 
2 MORE         -45   ? 
2 'SSA (A^2)'  10720 ? 
# 
loop_
_pdbx_struct_assembly_gen.assembly_id 
_pdbx_struct_assembly_gen.oper_expression 
_pdbx_struct_assembly_gen.asym_id_list 
1 1 A,B,C,D,E 
2 1 B,C,E     
2 2 A,D       
# 
loop_
_pdbx_struct_oper_list.id 
_pdbx_struct_oper_list.type 
_pdbx_struct_oper_list.name 
_pdbx_struct_oper_list.symmetry_operation 
_pdbx_struct_oper_list.matrix[1][1] 
_pdbx_struct_oper_list.matrix[1][2] 
_pdbx_struct_oper_list.matrix[1][3] 
_pdbx_struct_oper_list.vector[1] 
_pdbx_struct_oper_list.matrix[2][1] 
_pdbx_struct_oper_list.matrix[2][2] 
_pdbx_struct_oper_list.matrix[2][3] 
_pdbx_struct_oper_list.vector[2] 
_pdbx_struct_oper_list.matrix[3][1] 
_pdbx_struct_oper_list.matrix[3][2] 
_pdbx_struct_oper_list.matrix[3][3] 
_pdbx_struct_oper_list.vector[3] 
1 'identity operation'         1_555 x,y,z       1.0000000000 0.0000000000  0.0000000000 0.0000000000   0.0000000000 1.0000000000 0.0000000000 0.0000000000   0.0000000000  0.0000000000  1.0000000000 0.0000000000  
2 'crystal symmetry operation' 6_555 x-y,x,z+1/6 0.9598261569 -0.2701141681 0.0759742370 -19.3191754899 0.0789721385 0.5198636348 0.8505910901 -33.2022094706 -0.2692529477 -0.8104197291 0.5203102083 22.0577526338 
# 
_struct_biol.id        1 
_struct_biol.details   'The biological assembly is a dimer' 
# 
loop_
_struct_conf.conf_type_id 
_struct_conf.id 
_struct_conf.pdbx_PDB_helix_id 
_struct_conf.beg_label_comp_id 
_struct_conf.beg_label_asym_id 
_struct_conf.beg_label_seq_id 
_struct_conf.pdbx_beg_PDB_ins_code 
_struct_conf.end_label_comp_id 
_struct_conf.end_label_asym_id 
_struct_conf.end_label_seq_id 
_struct_conf.pdbx_end_PDB_ins_code 
_struct_conf.beg_auth_comp_id 
_struct_conf.beg_auth_asym_id 
_struct_conf.beg_auth_seq_id 
_struct_conf.end_auth_comp_id 
_struct_conf.end_auth_asym_id 
_struct_conf.end_auth_seq_id 
_struct_conf.pdbx_PDB_helix_class 
_struct_conf.details 
_struct_conf.pdbx_PDB_helix_length 
HELX_P HELX_P1 1 GLU A 15 ? SER A 23 ? GLU A 5  SER A 13 1 ? 9  
HELX_P HELX_P2 2 ASP A 45 ? ASP A 71 ? ASP A 35 ASP A 61 1 ? 27 
HELX_P HELX_P3 3 LEU B 18 ? SER B 23 ? LEU B 8  SER B 13 1 ? 6  
HELX_P HELX_P4 4 ASP B 45 ? ASP B 71 ? ASP B 35 ASP B 61 1 ? 27 
# 
_struct_conf_type.id          HELX_P 
_struct_conf_type.criteria    ? 
_struct_conf_type.reference   ? 
# 
loop_
_struct_conn.id 
_struct_conn.conn_type_id 
_struct_conn.pdbx_leaving_atom_flag 
_struct_conn.pdbx_PDB_id 
_struct_conn.ptnr1_label_asym_id 
_struct_conn.ptnr1_label_comp_id 
_struct_conn.ptnr1_label_seq_id 
_struct_conn.ptnr1_label_atom_id 
_struct_conn.pdbx_ptnr1_label_alt_id 
_struct_conn.pdbx_ptnr1_PDB_ins_code 
_struct_conn.pdbx_ptnr1_standard_comp_id 
_struct_conn.ptnr1_symmetry 
_struct_conn.ptnr2_label_asym_id 
_struct_conn.ptnr2_label_comp_id 
_struct_conn.ptnr2_label_seq_id 
_struct_conn.ptnr2_label_atom_id 
_struct_conn.pdbx_ptnr2_label_alt_id 
_struct_conn.pdbx_ptnr2_PDB_ins_code 
_struct_conn.ptnr1_auth_asym_id 
_struct_conn.ptnr1_auth_comp_id 
_struct_conn.ptnr1_auth_seq_id 
_struct_conn.ptnr2_auth_asym_id 
_struct_conn.ptnr2_auth_comp_id 
_struct_conn.ptnr2_auth_seq_id 
_struct_conn.ptnr2_symmetry 
_struct_conn.pdbx_ptnr3_label_atom_id 
_struct_conn.pdbx_ptnr3_label_seq_id 
_struct_conn.pdbx_ptnr3_label_comp_id 
_struct_conn.pdbx_ptnr3_label_asym_id 
_struct_conn.pdbx_ptnr3_label_alt_id 
_struct_conn.pdbx_ptnr3_PDB_ins_code 
_struct_conn.details 
_struct_conn.pdbx_dist_value 
_struct_conn.pdbx_value_order 
_struct_conn.pdbx_role 
metalc1 metalc ? ? A GLN 22 O ? ? ? 6_555 C CS . CS ? ? A GLN 12 B CS 1042 1_555 ? ? ? ? ? ? ? 3.047 ? ? 
metalc2 metalc ? ? A SER 23 O ? ? ? 6_555 C CS . CS ? ? A SER 13 B CS 1042 1_555 ? ? ? ? ? ? ? 3.662 ? ? 
metalc3 metalc ? ? A GLN 24 O ? ? ? 6_555 C CS . CS ? ? A GLN 14 B CS 1042 1_555 ? ? ? ? ? ? ? 3.102 ? ? 
metalc4 metalc ? ? A VAL 27 O ? ? ? 6_555 C CS . CS ? ? A VAL 17 B CS 1042 1_555 ? ? ? ? ? ? ? 3.059 ? ? 
metalc5 metalc ? ? B GLN 22 O ? ? ? 1_555 C CS . CS ? ? B GLN 12 B CS 1042 1_555 ? ? ? ? ? ? ? 3.032 ? ? 
metalc6 metalc ? ? B SER 23 O ? ? ? 1_555 C CS . CS ? ? B SER 13 B CS 1042 1_555 ? ? ? ? ? ? ? 3.614 ? ? 
metalc7 metalc ? ? B GLN 24 O ? ? ? 1_555 C CS . CS ? ? B GLN 14 B CS 1042 1_555 ? ? ? ? ? ? ? 3.124 ? ? 
metalc8 metalc ? ? B VAL 27 O ? ? ? 1_555 C CS . CS ? ? B VAL 17 B CS 1042 1_555 ? ? ? ? ? ? ? 3.059 ? ? 
# 
_struct_conn_type.id          metalc 
_struct_conn_type.criteria    ? 
_struct_conn_type.reference   ? 
# 
loop_
_pdbx_struct_conn_angle.id 
_pdbx_struct_conn_angle.ptnr1_label_atom_id 
_pdbx_struct_conn_angle.ptnr1_label_alt_id 
_pdbx_struct_conn_angle.ptnr1_label_asym_id 
_pdbx_struct_conn_angle.ptnr1_label_comp_id 
_pdbx_struct_conn_angle.ptnr1_label_seq_id 
_pdbx_struct_conn_angle.ptnr1_auth_atom_id 
_pdbx_struct_conn_angle.ptnr1_auth_asym_id 
_pdbx_struct_conn_angle.ptnr1_auth_comp_id 
_pdbx_struct_conn_angle.ptnr1_auth_seq_id 
_pdbx_struct_conn_angle.ptnr1_PDB_ins_code 
_pdbx_struct_conn_angle.ptnr1_symmetry 
_pdbx_struct_conn_angle.ptnr2_label_atom_id 
_pdbx_struct_conn_angle.ptnr2_label_alt_id 
_pdbx_struct_conn_angle.ptnr2_label_asym_id 
_pdbx_struct_conn_angle.ptnr2_label_comp_id 
_pdbx_struct_conn_angle.ptnr2_label_seq_id 
_pdbx_struct_conn_angle.ptnr2_auth_atom_id 
_pdbx_struct_conn_angle.ptnr2_auth_asym_id 
_pdbx_struct_conn_angle.ptnr2_auth_comp_id 
_pdbx_struct_conn_angle.ptnr2_auth_seq_id 
_pdbx_struct_conn_angle.ptnr2_PDB_ins_code 
_pdbx_struct_conn_angle.ptnr2_symmetry 
_pdbx_struct_conn_angle.ptnr3_label_atom_id 
_pdbx_struct_conn_angle.ptnr3_label_alt_id 
_pdbx_struct_conn_angle.ptnr3_label_asym_id 
_pdbx_struct_conn_angle.ptnr3_label_comp_id 
_pdbx_struct_conn_angle.ptnr3_label_seq_id 
_pdbx_struct_conn_angle.ptnr3_auth_atom_id 
_pdbx_struct_conn_angle.ptnr3_auth_asym_id 
_pdbx_struct_conn_angle.ptnr3_auth_comp_id 
_pdbx_struct_conn_angle.ptnr3_auth_seq_id 
_pdbx_struct_conn_angle.ptnr3_PDB_ins_code 
_pdbx_struct_conn_angle.ptnr3_symmetry 
_pdbx_struct_conn_angle.value 
_pdbx_struct_conn_angle.value_esd 
1  O ? A GLN 22 ? A GLN 12 ? 6_555 CS ? C CS . ? B CS 1042 ? 1_555 O ? A SER 23 ? A SER 13 ? 6_555 76.1  ? 
2  O ? A GLN 22 ? A GLN 12 ? 6_555 CS ? C CS . ? B CS 1042 ? 1_555 O ? A GLN 24 ? A GLN 14 ? 6_555 81.2  ? 
3  O ? A SER 23 ? A SER 13 ? 6_555 CS ? C CS . ? B CS 1042 ? 1_555 O ? A GLN 24 ? A GLN 14 ? 6_555 56.7  ? 
4  O ? A GLN 22 ? A GLN 12 ? 6_555 CS ? C CS . ? B CS 1042 ? 1_555 O ? A VAL 27 ? A VAL 17 ? 6_555 79.6  ? 
5  O ? A SER 23 ? A SER 13 ? 6_555 CS ? C CS . ? B CS 1042 ? 1_555 O ? A VAL 27 ? A VAL 17 ? 6_555 138.8 ? 
6  O ? A GLN 24 ? A GLN 14 ? 6_555 CS ? C CS . ? B CS 1042 ? 1_555 O ? A VAL 27 ? A VAL 17 ? 6_555 87.1  ? 
7  O ? A GLN 22 ? A GLN 12 ? 6_555 CS ? C CS . ? B CS 1042 ? 1_555 O ? B GLN 22 ? B GLN 12 ? 1_555 117.2 ? 
8  O ? A SER 23 ? A SER 13 ? 6_555 CS ? C CS . ? B CS 1042 ? 1_555 O ? B GLN 22 ? B GLN 12 ? 1_555 149.7 ? 
9  O ? A GLN 24 ? A GLN 14 ? 6_555 CS ? C CS . ? B CS 1042 ? 1_555 O ? B GLN 22 ? B GLN 12 ? 1_555 147.3 ? 
10 O ? A VAL 27 ? A VAL 17 ? 6_555 CS ? C CS . ? B CS 1042 ? 1_555 O ? B GLN 22 ? B GLN 12 ? 1_555 71.5  ? 
11 O ? A GLN 22 ? A GLN 12 ? 6_555 CS ? C CS . ? B CS 1042 ? 1_555 O ? B SER 23 ? B SER 13 ? 1_555 149.8 ? 
12 O ? A SER 23 ? A SER 13 ? 6_555 CS ? C CS . ? B CS 1042 ? 1_555 O ? B SER 23 ? B SER 13 ? 1_555 106.9 ? 
13 O ? A GLN 24 ? A GLN 14 ? 6_555 CS ? C CS . ? B CS 1042 ? 1_555 O ? B SER 23 ? B SER 13 ? 1_555 76.3  ? 
14 O ? A VAL 27 ? A VAL 17 ? 6_555 CS ? C CS . ? B CS 1042 ? 1_555 O ? B SER 23 ? B SER 13 ? 1_555 79.4  ? 
15 O ? B GLN 22 ? B GLN 12 ? 1_555 CS ? C CS . ? B CS 1042 ? 1_555 O ? B SER 23 ? B SER 13 ? 1_555 75.7  ? 
16 O ? A GLN 22 ? A GLN 12 ? 6_555 CS ? C CS . ? B CS 1042 ? 1_555 O ? B GLN 24 ? B GLN 14 ? 1_555 147.3 ? 
17 O ? A SER 23 ? A SER 13 ? 6_555 CS ? C CS . ? B CS 1042 ? 1_555 O ? B GLN 24 ? B GLN 14 ? 1_555 76.3  ? 
18 O ? A GLN 24 ? A GLN 14 ? 6_555 CS ? C CS . ? B CS 1042 ? 1_555 O ? B GLN 24 ? B GLN 14 ? 1_555 97.9  ? 
19 O ? A VAL 27 ? A VAL 17 ? 6_555 CS ? C CS . ? B CS 1042 ? 1_555 O ? B GLN 24 ? B GLN 14 ? 1_555 133.1 ? 
20 O ? B GLN 22 ? B GLN 12 ? 1_555 CS ? C CS . ? B CS 1042 ? 1_555 O ? B GLN 24 ? B GLN 14 ? 1_555 80.6  ? 
21 O ? B SER 23 ? B SER 13 ? 1_555 CS ? C CS . ? B CS 1042 ? 1_555 O ? B GLN 24 ? B GLN 14 ? 1_555 57.2  ? 
22 O ? A GLN 22 ? A GLN 12 ? 6_555 CS ? C CS . ? B CS 1042 ? 1_555 O ? B VAL 27 ? B VAL 17 ? 1_555 71.4  ? 
23 O ? A SER 23 ? A SER 13 ? 6_555 CS ? C CS . ? B CS 1042 ? 1_555 O ? B VAL 27 ? B VAL 17 ? 1_555 80.3  ? 
24 O ? A GLN 24 ? A GLN 14 ? 6_555 CS ? C CS . ? B CS 1042 ? 1_555 O ? B VAL 27 ? B VAL 17 ? 1_555 133.6 ? 
25 O ? A VAL 27 ? A VAL 17 ? 6_555 CS ? C CS . ? B CS 1042 ? 1_555 O ? B VAL 27 ? B VAL 17 ? 1_555 122.2 ? 
26 O ? B GLN 22 ? B GLN 12 ? 1_555 CS ? C CS . ? B CS 1042 ? 1_555 O ? B VAL 27 ? B VAL 17 ? 1_555 79.1  ? 
27 O ? B SER 23 ? B SER 13 ? 1_555 CS ? C CS . ? B CS 1042 ? 1_555 O ? B VAL 27 ? B VAL 17 ? 1_555 138.7 ? 
28 O ? B GLN 24 ? B GLN 14 ? 1_555 CS ? C CS . ? B CS 1042 ? 1_555 O ? B VAL 27 ? B VAL 17 ? 1_555 87.0  ? 
# 
_struct_sheet.id               A 
_struct_sheet.type             ? 
_struct_sheet.number_strands   10 
_struct_sheet.details          ? 
# 
loop_
_struct_sheet_order.sheet_id 
_struct_sheet_order.range_id_1 
_struct_sheet_order.range_id_2 
_struct_sheet_order.offset 
_struct_sheet_order.sense 
A 1 2  ? anti-parallel 
A 2 3  ? anti-parallel 
A 3 4  ? anti-parallel 
A 4 5  ? anti-parallel 
A 5 6  ? anti-parallel 
A 6 7  ? anti-parallel 
A 7 8  ? anti-parallel 
A 8 9  ? anti-parallel 
A 9 10 ? anti-parallel 
# 
loop_
_struct_sheet_range.sheet_id 
_struct_sheet_range.id 
_struct_sheet_range.beg_label_comp_id 
_struct_sheet_range.beg_label_asym_id 
_struct_sheet_range.beg_label_seq_id 
_struct_sheet_range.pdbx_beg_PDB_ins_code 
_struct_sheet_range.end_label_comp_id 
_struct_sheet_range.end_label_asym_id 
_struct_sheet_range.end_label_seq_id 
_struct_sheet_range.pdbx_end_PDB_ins_code 
_struct_sheet_range.beg_auth_comp_id 
_struct_sheet_range.beg_auth_asym_id 
_struct_sheet_range.beg_auth_seq_id 
_struct_sheet_range.end_auth_comp_id 
_struct_sheet_range.end_auth_asym_id 
_struct_sheet_range.end_auth_seq_id 
A 1  PRO A 39 ? SER A 42  ? PRO A 29 SER A 32 
A 2  VAL A 27 ? VAL A 33  ? VAL A 17 VAL A 23 
A 3  PHE A 97 ? GLN A 102 ? PHE A 87 GLN A 92 
A 4  GLU A 87 ? ALA A 91  ? GLU A 77 ALA A 81 
A 5  LEU A 76 ? SER A 83  ? LEU A 66 SER A 73 
A 6  LEU B 76 ? SER B 83  ? LEU B 66 SER B 73 
A 7  GLU B 87 ? ALA B 91  ? GLU B 77 ALA B 81 
A 8  PHE B 97 ? GLN B 102 ? PHE B 87 GLN B 92 
A 9  VAL B 27 ? VAL B 33  ? VAL B 17 VAL B 23 
A 10 PRO B 39 ? SER B 42  ? PRO B 29 SER B 32 
# 
loop_
_pdbx_struct_sheet_hbond.sheet_id 
_pdbx_struct_sheet_hbond.range_id_1 
_pdbx_struct_sheet_hbond.range_id_2 
_pdbx_struct_sheet_hbond.range_1_label_atom_id 
_pdbx_struct_sheet_hbond.range_1_label_comp_id 
_pdbx_struct_sheet_hbond.range_1_label_asym_id 
_pdbx_struct_sheet_hbond.range_1_label_seq_id 
_pdbx_struct_sheet_hbond.range_1_PDB_ins_code 
_pdbx_struct_sheet_hbond.range_1_auth_atom_id 
_pdbx_struct_sheet_hbond.range_1_auth_comp_id 
_pdbx_struct_sheet_hbond.range_1_auth_asym_id 
_pdbx_struct_sheet_hbond.range_1_auth_seq_id 
_pdbx_struct_sheet_hbond.range_2_label_atom_id 
_pdbx_struct_sheet_hbond.range_2_label_comp_id 
_pdbx_struct_sheet_hbond.range_2_label_asym_id 
_pdbx_struct_sheet_hbond.range_2_label_seq_id 
_pdbx_struct_sheet_hbond.range_2_PDB_ins_code 
_pdbx_struct_sheet_hbond.range_2_auth_atom_id 
_pdbx_struct_sheet_hbond.range_2_auth_comp_id 
_pdbx_struct_sheet_hbond.range_2_auth_asym_id 
_pdbx_struct_sheet_hbond.range_2_auth_seq_id 
A 1 2  O LYS A 41 ? O LYS A 31 N VAL A 32 ? N VAL A 22 
A 2 3  N ILE A 31 ? N ILE A 21 O ILE A 99 ? O ILE A 89 
A 3 4  O LEU A 98 ? O LEU A 88 N ALA A 91 ? N ALA A 81 
A 4 5  O ILE A 88 ? O ILE A 78 N ILE A 81 ? N ILE A 71 
A 5 6  N PHE A 78 ? N PHE A 68 O ARG B 82 ? O ARG B 72 
A 6 7  N ILE B 81 ? N ILE B 71 O ILE B 88 ? O ILE B 78 
A 7 8  N ALA B 91 ? N ALA B 81 O LEU B 98 ? O LEU B 88 
A 8 9  O ILE B 99 ? O ILE B 89 N ILE B 31 ? N ILE B 21 
A 9 10 N VAL B 32 ? N VAL B 22 O LYS B 41 ? O LYS B 31 
# 
_struct_site.id                   AC1 
_struct_site.pdbx_evidence_code   Software 
_struct_site.pdbx_auth_asym_id    B 
_struct_site.pdbx_auth_comp_id    CS 
_struct_site.pdbx_auth_seq_id     1042 
_struct_site.pdbx_auth_ins_code   ? 
_struct_site.pdbx_num_residues    8 
_struct_site.details              'BINDING SITE FOR RESIDUE CS B 1042' 
# 
loop_
_struct_site_gen.id 
_struct_site_gen.site_id 
_struct_site_gen.pdbx_num_res 
_struct_site_gen.label_comp_id 
_struct_site_gen.label_asym_id 
_struct_site_gen.label_seq_id 
_struct_site_gen.pdbx_auth_ins_code 
_struct_site_gen.auth_comp_id 
_struct_site_gen.auth_asym_id 
_struct_site_gen.auth_seq_id 
_struct_site_gen.label_atom_id 
_struct_site_gen.label_alt_id 
_struct_site_gen.symmetry 
_struct_site_gen.details 
1 AC1 8 GLN A 22 ? GLN A 12 . ? 6_555 ? 
2 AC1 8 SER A 23 ? SER A 13 . ? 6_555 ? 
3 AC1 8 GLN A 24 ? GLN A 14 . ? 6_555 ? 
4 AC1 8 VAL A 27 ? VAL A 17 . ? 6_555 ? 
5 AC1 8 GLN B 22 ? GLN B 12 . ? 1_555 ? 
6 AC1 8 SER B 23 ? SER B 13 . ? 1_555 ? 
7 AC1 8 GLN B 24 ? GLN B 14 . ? 1_555 ? 
8 AC1 8 VAL B 27 ? VAL B 17 . ? 1_555 ? 
# 
loop_
_pdbx_validate_close_contact.id 
_pdbx_validate_close_contact.PDB_model_num 
_pdbx_validate_close_contact.auth_atom_id_1 
_pdbx_validate_close_contact.auth_asym_id_1 
_pdbx_validate_close_contact.auth_comp_id_1 
_pdbx_validate_close_contact.auth_seq_id_1 
_pdbx_validate_close_contact.PDB_ins_code_1 
_pdbx_validate_close_contact.label_alt_id_1 
_pdbx_validate_close_contact.auth_atom_id_2 
_pdbx_validate_close_contact.auth_asym_id_2 
_pdbx_validate_close_contact.auth_comp_id_2 
_pdbx_validate_close_contact.auth_seq_id_2 
_pdbx_validate_close_contact.PDB_ins_code_2 
_pdbx_validate_close_contact.label_alt_id_2 
_pdbx_validate_close_contact.dist 
1 1 OG  B SER 44   ? ? O B HOH 1089 ? ? 2.14 
2 1 OD2 B ASP 35   ? ? O B HOH 1105 ? ? 2.16 
3 1 O   B HOH 1071 ? ? O B HOH 1086 ? ? 2.18 
# 
_pdbx_validate_symm_contact.id                1 
_pdbx_validate_symm_contact.PDB_model_num     1 
_pdbx_validate_symm_contact.auth_atom_id_1    O 
_pdbx_validate_symm_contact.auth_asym_id_1    A 
_pdbx_validate_symm_contact.auth_comp_id_1    HOH 
_pdbx_validate_symm_contact.auth_seq_id_1     116 
_pdbx_validate_symm_contact.PDB_ins_code_1    ? 
_pdbx_validate_symm_contact.label_alt_id_1    ? 
_pdbx_validate_symm_contact.site_symmetry_1   1_555 
_pdbx_validate_symm_contact.auth_atom_id_2    O 
_pdbx_validate_symm_contact.auth_asym_id_2    B 
_pdbx_validate_symm_contact.auth_comp_id_2    HOH 
_pdbx_validate_symm_contact.auth_seq_id_2     1105 
_pdbx_validate_symm_contact.PDB_ins_code_2    ? 
_pdbx_validate_symm_contact.label_alt_id_2    ? 
_pdbx_validate_symm_contact.site_symmetry_2   5_554 
_pdbx_validate_symm_contact.dist              2.09 
# 
_pdbx_validate_rmsd_angle.id                         1 
_pdbx_validate_rmsd_angle.PDB_model_num              1 
_pdbx_validate_rmsd_angle.auth_atom_id_1             CA 
_pdbx_validate_rmsd_angle.auth_asym_id_1             A 
_pdbx_validate_rmsd_angle.auth_comp_id_1             LEU 
_pdbx_validate_rmsd_angle.auth_seq_id_1              69 
_pdbx_validate_rmsd_angle.PDB_ins_code_1             ? 
_pdbx_validate_rmsd_angle.label_alt_id_1             ? 
_pdbx_validate_rmsd_angle.auth_atom_id_2             CB 
_pdbx_validate_rmsd_angle.auth_asym_id_2             A 
_pdbx_validate_rmsd_angle.auth_comp_id_2             LEU 
_pdbx_validate_rmsd_angle.auth_seq_id_2              69 
_pdbx_validate_rmsd_angle.PDB_ins_code_2             ? 
_pdbx_validate_rmsd_angle.label_alt_id_2             ? 
_pdbx_validate_rmsd_angle.auth_atom_id_3             CG 
_pdbx_validate_rmsd_angle.auth_asym_id_3             A 
_pdbx_validate_rmsd_angle.auth_comp_id_3             LEU 
_pdbx_validate_rmsd_angle.auth_seq_id_3              69 
_pdbx_validate_rmsd_angle.PDB_ins_code_3             ? 
_pdbx_validate_rmsd_angle.label_alt_id_3             ? 
_pdbx_validate_rmsd_angle.angle_value                129.94 
_pdbx_validate_rmsd_angle.angle_target_value         115.30 
_pdbx_validate_rmsd_angle.angle_deviation            14.64 
_pdbx_validate_rmsd_angle.angle_standard_deviation   2.30 
_pdbx_validate_rmsd_angle.linker_flag                N 
# 
_pdbx_validate_torsion.id              1 
_pdbx_validate_torsion.PDB_model_num   1 
_pdbx_validate_torsion.auth_comp_id    ASN 
_pdbx_validate_torsion.auth_asym_id    A 
_pdbx_validate_torsion.auth_seq_id     76 
_pdbx_validate_torsion.PDB_ins_code    ? 
_pdbx_validate_torsion.label_alt_id    ? 
_pdbx_validate_torsion.phi             -162.76 
_pdbx_validate_torsion.psi             -167.48 
# 
loop_
_pdbx_unobs_or_zero_occ_residues.id 
_pdbx_unobs_or_zero_occ_residues.PDB_model_num 
_pdbx_unobs_or_zero_occ_residues.polymer_flag 
_pdbx_unobs_or_zero_occ_residues.occupancy_flag 
_pdbx_unobs_or_zero_occ_residues.auth_asym_id 
_pdbx_unobs_or_zero_occ_residues.auth_comp_id 
_pdbx_unobs_or_zero_occ_residues.auth_seq_id 
_pdbx_unobs_or_zero_occ_residues.PDB_ins_code 
_pdbx_unobs_or_zero_occ_residues.label_asym_id 
_pdbx_unobs_or_zero_occ_residues.label_comp_id 
_pdbx_unobs_or_zero_occ_residues.label_seq_id 
1  1 Y 1 A MET -9 ? A MET 1   
2  1 Y 1 A GLY -8 ? A GLY 2   
3  1 Y 1 A HIS -7 ? A HIS 3   
4  1 Y 1 A HIS -6 ? A HIS 4   
5  1 Y 1 A HIS -5 ? A HIS 5   
6  1 Y 1 A HIS -4 ? A HIS 6   
7  1 Y 1 A HIS -3 ? A HIS 7   
8  1 Y 1 A HIS -2 ? A HIS 8   
9  1 Y 1 A GLY -1 ? A GLY 9   
10 1 Y 1 A SER 0  ? A SER 10  
11 1 Y 1 A MET 1  ? A MET 11  
12 1 Y 1 A ALA 2  ? A ALA 12  
13 1 Y 1 A GLU 3  ? A GLU 13  
14 1 Y 1 A VAL 4  ? A VAL 14  
15 1 Y 1 A ASP 83 ? A ASP 93  
16 1 Y 1 A LYS 84 ? A LYS 94  
17 1 Y 1 A ASP 85 ? A ASP 95  
18 1 Y 1 A THR 95 ? A THR 105 
19 1 Y 1 A GLU 96 ? A GLU 106 
20 1 Y 1 B MET -9 ? B MET 1   
21 1 Y 1 B GLY -8 ? B GLY 2   
22 1 Y 1 B HIS -7 ? B HIS 3   
23 1 Y 1 B HIS -6 ? B HIS 4   
24 1 Y 1 B HIS -5 ? B HIS 5   
25 1 Y 1 B HIS -4 ? B HIS 6   
26 1 Y 1 B HIS -3 ? B HIS 7   
27 1 Y 1 B HIS -2 ? B HIS 8   
28 1 Y 1 B GLY -1 ? B GLY 9   
29 1 Y 1 B SER 0  ? B SER 10  
30 1 Y 1 B MET 1  ? B MET 11  
31 1 Y 1 B ALA 2  ? B ALA 12  
32 1 Y 1 B GLU 3  ? B GLU 13  
33 1 Y 1 B VAL 4  ? B VAL 14  
34 1 Y 1 B GLU 5  ? B GLU 15  
35 1 Y 1 B GLU 6  ? B GLU 16  
36 1 Y 1 B THR 7  ? B THR 17  
37 1 Y 1 B LYS 84 ? B LYS 94  
38 1 Y 1 B ASP 85 ? B ASP 95  
39 1 Y 1 B GLU 96 ? B GLU 106 
# 
loop_
_chem_comp_atom.comp_id 
_chem_comp_atom.atom_id 
_chem_comp_atom.type_symbol 
_chem_comp_atom.pdbx_aromatic_flag 
_chem_comp_atom.pdbx_stereo_config 
_chem_comp_atom.pdbx_ordinal 
ALA N    N  N N 1   
ALA CA   C  N S 2   
ALA C    C  N N 3   
ALA O    O  N N 4   
ALA CB   C  N N 5   
ALA OXT  O  N N 6   
ALA H    H  N N 7   
ALA H2   H  N N 8   
ALA HA   H  N N 9   
ALA HB1  H  N N 10  
ALA HB2  H  N N 11  
ALA HB3  H  N N 12  
ALA HXT  H  N N 13  
ARG N    N  N N 14  
ARG CA   C  N S 15  
ARG C    C  N N 16  
ARG O    O  N N 17  
ARG CB   C  N N 18  
ARG CG   C  N N 19  
ARG CD   C  N N 20  
ARG NE   N  N N 21  
ARG CZ   C  N N 22  
ARG NH1  N  N N 23  
ARG NH2  N  N N 24  
ARG OXT  O  N N 25  
ARG H    H  N N 26  
ARG H2   H  N N 27  
ARG HA   H  N N 28  
ARG HB2  H  N N 29  
ARG HB3  H  N N 30  
ARG HG2  H  N N 31  
ARG HG3  H  N N 32  
ARG HD2  H  N N 33  
ARG HD3  H  N N 34  
ARG HE   H  N N 35  
ARG HH11 H  N N 36  
ARG HH12 H  N N 37  
ARG HH21 H  N N 38  
ARG HH22 H  N N 39  
ARG HXT  H  N N 40  
ASN N    N  N N 41  
ASN CA   C  N S 42  
ASN C    C  N N 43  
ASN O    O  N N 44  
ASN CB   C  N N 45  
ASN CG   C  N N 46  
ASN OD1  O  N N 47  
ASN ND2  N  N N 48  
ASN OXT  O  N N 49  
ASN H    H  N N 50  
ASN H2   H  N N 51  
ASN HA   H  N N 52  
ASN HB2  H  N N 53  
ASN HB3  H  N N 54  
ASN HD21 H  N N 55  
ASN HD22 H  N N 56  
ASN HXT  H  N N 57  
ASP N    N  N N 58  
ASP CA   C  N S 59  
ASP C    C  N N 60  
ASP O    O  N N 61  
ASP CB   C  N N 62  
ASP CG   C  N N 63  
ASP OD1  O  N N 64  
ASP OD2  O  N N 65  
ASP OXT  O  N N 66  
ASP H    H  N N 67  
ASP H2   H  N N 68  
ASP HA   H  N N 69  
ASP HB2  H  N N 70  
ASP HB3  H  N N 71  
ASP HD2  H  N N 72  
ASP HXT  H  N N 73  
CS  CS   CS N N 74  
GLN N    N  N N 75  
GLN CA   C  N S 76  
GLN C    C  N N 77  
GLN O    O  N N 78  
GLN CB   C  N N 79  
GLN CG   C  N N 80  
GLN CD   C  N N 81  
GLN OE1  O  N N 82  
GLN NE2  N  N N 83  
GLN OXT  O  N N 84  
GLN H    H  N N 85  
GLN H2   H  N N 86  
GLN HA   H  N N 87  
GLN HB2  H  N N 88  
GLN HB3  H  N N 89  
GLN HG2  H  N N 90  
GLN HG3  H  N N 91  
GLN HE21 H  N N 92  
GLN HE22 H  N N 93  
GLN HXT  H  N N 94  
GLU N    N  N N 95  
GLU CA   C  N S 96  
GLU C    C  N N 97  
GLU O    O  N N 98  
GLU CB   C  N N 99  
GLU CG   C  N N 100 
GLU CD   C  N N 101 
GLU OE1  O  N N 102 
GLU OE2  O  N N 103 
GLU OXT  O  N N 104 
GLU H    H  N N 105 
GLU H2   H  N N 106 
GLU HA   H  N N 107 
GLU HB2  H  N N 108 
GLU HB3  H  N N 109 
GLU HG2  H  N N 110 
GLU HG3  H  N N 111 
GLU HE2  H  N N 112 
GLU HXT  H  N N 113 
GLY N    N  N N 114 
GLY CA   C  N N 115 
GLY C    C  N N 116 
GLY O    O  N N 117 
GLY OXT  O  N N 118 
GLY H    H  N N 119 
GLY H2   H  N N 120 
GLY HA2  H  N N 121 
GLY HA3  H  N N 122 
GLY HXT  H  N N 123 
HIS N    N  N N 124 
HIS CA   C  N S 125 
HIS C    C  N N 126 
HIS O    O  N N 127 
HIS CB   C  N N 128 
HIS CG   C  Y N 129 
HIS ND1  N  Y N 130 
HIS CD2  C  Y N 131 
HIS CE1  C  Y N 132 
HIS NE2  N  Y N 133 
HIS OXT  O  N N 134 
HIS H    H  N N 135 
HIS H2   H  N N 136 
HIS HA   H  N N 137 
HIS HB2  H  N N 138 
HIS HB3  H  N N 139 
HIS HD1  H  N N 140 
HIS HD2  H  N N 141 
HIS HE1  H  N N 142 
HIS HE2  H  N N 143 
HIS HXT  H  N N 144 
HOH O    O  N N 145 
HOH H1   H  N N 146 
HOH H2   H  N N 147 
ILE N    N  N N 148 
ILE CA   C  N S 149 
ILE C    C  N N 150 
ILE O    O  N N 151 
ILE CB   C  N S 152 
ILE CG1  C  N N 153 
ILE CG2  C  N N 154 
ILE CD1  C  N N 155 
ILE OXT  O  N N 156 
ILE H    H  N N 157 
ILE H2   H  N N 158 
ILE HA   H  N N 159 
ILE HB   H  N N 160 
ILE HG12 H  N N 161 
ILE HG13 H  N N 162 
ILE HG21 H  N N 163 
ILE HG22 H  N N 164 
ILE HG23 H  N N 165 
ILE HD11 H  N N 166 
ILE HD12 H  N N 167 
ILE HD13 H  N N 168 
ILE HXT  H  N N 169 
LEU N    N  N N 170 
LEU CA   C  N S 171 
LEU C    C  N N 172 
LEU O    O  N N 173 
LEU CB   C  N N 174 
LEU CG   C  N N 175 
LEU CD1  C  N N 176 
LEU CD2  C  N N 177 
LEU OXT  O  N N 178 
LEU H    H  N N 179 
LEU H2   H  N N 180 
LEU HA   H  N N 181 
LEU HB2  H  N N 182 
LEU HB3  H  N N 183 
LEU HG   H  N N 184 
LEU HD11 H  N N 185 
LEU HD12 H  N N 186 
LEU HD13 H  N N 187 
LEU HD21 H  N N 188 
LEU HD22 H  N N 189 
LEU HD23 H  N N 190 
LEU HXT  H  N N 191 
LYS N    N  N N 192 
LYS CA   C  N S 193 
LYS C    C  N N 194 
LYS O    O  N N 195 
LYS CB   C  N N 196 
LYS CG   C  N N 197 
LYS CD   C  N N 198 
LYS CE   C  N N 199 
LYS NZ   N  N N 200 
LYS OXT  O  N N 201 
LYS H    H  N N 202 
LYS H2   H  N N 203 
LYS HA   H  N N 204 
LYS HB2  H  N N 205 
LYS HB3  H  N N 206 
LYS HG2  H  N N 207 
LYS HG3  H  N N 208 
LYS HD2  H  N N 209 
LYS HD3  H  N N 210 
LYS HE2  H  N N 211 
LYS HE3  H  N N 212 
LYS HZ1  H  N N 213 
LYS HZ2  H  N N 214 
LYS HZ3  H  N N 215 
LYS HXT  H  N N 216 
MET N    N  N N 217 
MET CA   C  N S 218 
MET C    C  N N 219 
MET O    O  N N 220 
MET CB   C  N N 221 
MET CG   C  N N 222 
MET SD   S  N N 223 
MET CE   C  N N 224 
MET OXT  O  N N 225 
MET H    H  N N 226 
MET H2   H  N N 227 
MET HA   H  N N 228 
MET HB2  H  N N 229 
MET HB3  H  N N 230 
MET HG2  H  N N 231 
MET HG3  H  N N 232 
MET HE1  H  N N 233 
MET HE2  H  N N 234 
MET HE3  H  N N 235 
MET HXT  H  N N 236 
PHE N    N  N N 237 
PHE CA   C  N S 238 
PHE C    C  N N 239 
PHE O    O  N N 240 
PHE CB   C  N N 241 
PHE CG   C  Y N 242 
PHE CD1  C  Y N 243 
PHE CD2  C  Y N 244 
PHE CE1  C  Y N 245 
PHE CE2  C  Y N 246 
PHE CZ   C  Y N 247 
PHE OXT  O  N N 248 
PHE H    H  N N 249 
PHE H2   H  N N 250 
PHE HA   H  N N 251 
PHE HB2  H  N N 252 
PHE HB3  H  N N 253 
PHE HD1  H  N N 254 
PHE HD2  H  N N 255 
PHE HE1  H  N N 256 
PHE HE2  H  N N 257 
PHE HZ   H  N N 258 
PHE HXT  H  N N 259 
PRO N    N  N N 260 
PRO CA   C  N S 261 
PRO C    C  N N 262 
PRO O    O  N N 263 
PRO CB   C  N N 264 
PRO CG   C  N N 265 
PRO CD   C  N N 266 
PRO OXT  O  N N 267 
PRO H    H  N N 268 
PRO HA   H  N N 269 
PRO HB2  H  N N 270 
PRO HB3  H  N N 271 
PRO HG2  H  N N 272 
PRO HG3  H  N N 273 
PRO HD2  H  N N 274 
PRO HD3  H  N N 275 
PRO HXT  H  N N 276 
SER N    N  N N 277 
SER CA   C  N S 278 
SER C    C  N N 279 
SER O    O  N N 280 
SER CB   C  N N 281 
SER OG   O  N N 282 
SER OXT  O  N N 283 
SER H    H  N N 284 
SER H2   H  N N 285 
SER HA   H  N N 286 
SER HB2  H  N N 287 
SER HB3  H  N N 288 
SER HG   H  N N 289 
SER HXT  H  N N 290 
THR N    N  N N 291 
THR CA   C  N S 292 
THR C    C  N N 293 
THR O    O  N N 294 
THR CB   C  N R 295 
THR OG1  O  N N 296 
THR CG2  C  N N 297 
THR OXT  O  N N 298 
THR H    H  N N 299 
THR H2   H  N N 300 
THR HA   H  N N 301 
THR HB   H  N N 302 
THR HG1  H  N N 303 
THR HG21 H  N N 304 
THR HG22 H  N N 305 
THR HG23 H  N N 306 
THR HXT  H  N N 307 
TYR N    N  N N 308 
TYR CA   C  N S 309 
TYR C    C  N N 310 
TYR O    O  N N 311 
TYR CB   C  N N 312 
TYR CG   C  Y N 313 
TYR CD1  C  Y N 314 
TYR CD2  C  Y N 315 
TYR CE1  C  Y N 316 
TYR CE2  C  Y N 317 
TYR CZ   C  Y N 318 
TYR OH   O  N N 319 
TYR OXT  O  N N 320 
TYR H    H  N N 321 
TYR H2   H  N N 322 
TYR HA   H  N N 323 
TYR HB2  H  N N 324 
TYR HB3  H  N N 325 
TYR HD1  H  N N 326 
TYR HD2  H  N N 327 
TYR HE1  H  N N 328 
TYR HE2  H  N N 329 
TYR HH   H  N N 330 
TYR HXT  H  N N 331 
VAL N    N  N N 332 
VAL CA   C  N S 333 
VAL C    C  N N 334 
VAL O    O  N N 335 
VAL CB   C  N N 336 
VAL CG1  C  N N 337 
VAL CG2  C  N N 338 
VAL OXT  O  N N 339 
VAL H    H  N N 340 
VAL H2   H  N N 341 
VAL HA   H  N N 342 
VAL HB   H  N N 343 
VAL HG11 H  N N 344 
VAL HG12 H  N N 345 
VAL HG13 H  N N 346 
VAL HG21 H  N N 347 
VAL HG22 H  N N 348 
VAL HG23 H  N N 349 
VAL HXT  H  N N 350 
# 
loop_
_chem_comp_bond.comp_id 
_chem_comp_bond.atom_id_1 
_chem_comp_bond.atom_id_2 
_chem_comp_bond.value_order 
_chem_comp_bond.pdbx_aromatic_flag 
_chem_comp_bond.pdbx_stereo_config 
_chem_comp_bond.pdbx_ordinal 
ALA N   CA   sing N N 1   
ALA N   H    sing N N 2   
ALA N   H2   sing N N 3   
ALA CA  C    sing N N 4   
ALA CA  CB   sing N N 5   
ALA CA  HA   sing N N 6   
ALA C   O    doub N N 7   
ALA C   OXT  sing N N 8   
ALA CB  HB1  sing N N 9   
ALA CB  HB2  sing N N 10  
ALA CB  HB3  sing N N 11  
ALA OXT HXT  sing N N 12  
ARG N   CA   sing N N 13  
ARG N   H    sing N N 14  
ARG N   H2   sing N N 15  
ARG CA  C    sing N N 16  
ARG CA  CB   sing N N 17  
ARG CA  HA   sing N N 18  
ARG C   O    doub N N 19  
ARG C   OXT  sing N N 20  
ARG CB  CG   sing N N 21  
ARG CB  HB2  sing N N 22  
ARG CB  HB3  sing N N 23  
ARG CG  CD   sing N N 24  
ARG CG  HG2  sing N N 25  
ARG CG  HG3  sing N N 26  
ARG CD  NE   sing N N 27  
ARG CD  HD2  sing N N 28  
ARG CD  HD3  sing N N 29  
ARG NE  CZ   sing N N 30  
ARG NE  HE   sing N N 31  
ARG CZ  NH1  sing N N 32  
ARG CZ  NH2  doub N N 33  
ARG NH1 HH11 sing N N 34  
ARG NH1 HH12 sing N N 35  
ARG NH2 HH21 sing N N 36  
ARG NH2 HH22 sing N N 37  
ARG OXT HXT  sing N N 38  
ASN N   CA   sing N N 39  
ASN N   H    sing N N 40  
ASN N   H2   sing N N 41  
ASN CA  C    sing N N 42  
ASN CA  CB   sing N N 43  
ASN CA  HA   sing N N 44  
ASN C   O    doub N N 45  
ASN C   OXT  sing N N 46  
ASN CB  CG   sing N N 47  
ASN CB  HB2  sing N N 48  
ASN CB  HB3  sing N N 49  
ASN CG  OD1  doub N N 50  
ASN CG  ND2  sing N N 51  
ASN ND2 HD21 sing N N 52  
ASN ND2 HD22 sing N N 53  
ASN OXT HXT  sing N N 54  
ASP N   CA   sing N N 55  
ASP N   H    sing N N 56  
ASP N   H2   sing N N 57  
ASP CA  C    sing N N 58  
ASP CA  CB   sing N N 59  
ASP CA  HA   sing N N 60  
ASP C   O    doub N N 61  
ASP C   OXT  sing N N 62  
ASP CB  CG   sing N N 63  
ASP CB  HB2  sing N N 64  
ASP CB  HB3  sing N N 65  
ASP CG  OD1  doub N N 66  
ASP CG  OD2  sing N N 67  
ASP OD2 HD2  sing N N 68  
ASP OXT HXT  sing N N 69  
GLN N   CA   sing N N 70  
GLN N   H    sing N N 71  
GLN N   H2   sing N N 72  
GLN CA  C    sing N N 73  
GLN CA  CB   sing N N 74  
GLN CA  HA   sing N N 75  
GLN C   O    doub N N 76  
GLN C   OXT  sing N N 77  
GLN CB  CG   sing N N 78  
GLN CB  HB2  sing N N 79  
GLN CB  HB3  sing N N 80  
GLN CG  CD   sing N N 81  
GLN CG  HG2  sing N N 82  
GLN CG  HG3  sing N N 83  
GLN CD  OE1  doub N N 84  
GLN CD  NE2  sing N N 85  
GLN NE2 HE21 sing N N 86  
GLN NE2 HE22 sing N N 87  
GLN OXT HXT  sing N N 88  
GLU N   CA   sing N N 89  
GLU N   H    sing N N 90  
GLU N   H2   sing N N 91  
GLU CA  C    sing N N 92  
GLU CA  CB   sing N N 93  
GLU CA  HA   sing N N 94  
GLU C   O    doub N N 95  
GLU C   OXT  sing N N 96  
GLU CB  CG   sing N N 97  
GLU CB  HB2  sing N N 98  
GLU CB  HB3  sing N N 99  
GLU CG  CD   sing N N 100 
GLU CG  HG2  sing N N 101 
GLU CG  HG3  sing N N 102 
GLU CD  OE1  doub N N 103 
GLU CD  OE2  sing N N 104 
GLU OE2 HE2  sing N N 105 
GLU OXT HXT  sing N N 106 
GLY N   CA   sing N N 107 
GLY N   H    sing N N 108 
GLY N   H2   sing N N 109 
GLY CA  C    sing N N 110 
GLY CA  HA2  sing N N 111 
GLY CA  HA3  sing N N 112 
GLY C   O    doub N N 113 
GLY C   OXT  sing N N 114 
GLY OXT HXT  sing N N 115 
HIS N   CA   sing N N 116 
HIS N   H    sing N N 117 
HIS N   H2   sing N N 118 
HIS CA  C    sing N N 119 
HIS CA  CB   sing N N 120 
HIS CA  HA   sing N N 121 
HIS C   O    doub N N 122 
HIS C   OXT  sing N N 123 
HIS CB  CG   sing N N 124 
HIS CB  HB2  sing N N 125 
HIS CB  HB3  sing N N 126 
HIS CG  ND1  sing Y N 127 
HIS CG  CD2  doub Y N 128 
HIS ND1 CE1  doub Y N 129 
HIS ND1 HD1  sing N N 130 
HIS CD2 NE2  sing Y N 131 
HIS CD2 HD2  sing N N 132 
HIS CE1 NE2  sing Y N 133 
HIS CE1 HE1  sing N N 134 
HIS NE2 HE2  sing N N 135 
HIS OXT HXT  sing N N 136 
HOH O   H1   sing N N 137 
HOH O   H2   sing N N 138 
ILE N   CA   sing N N 139 
ILE N   H    sing N N 140 
ILE N   H2   sing N N 141 
ILE CA  C    sing N N 142 
ILE CA  CB   sing N N 143 
ILE CA  HA   sing N N 144 
ILE C   O    doub N N 145 
ILE C   OXT  sing N N 146 
ILE CB  CG1  sing N N 147 
ILE CB  CG2  sing N N 148 
ILE CB  HB   sing N N 149 
ILE CG1 CD1  sing N N 150 
ILE CG1 HG12 sing N N 151 
ILE CG1 HG13 sing N N 152 
ILE CG2 HG21 sing N N 153 
ILE CG2 HG22 sing N N 154 
ILE CG2 HG23 sing N N 155 
ILE CD1 HD11 sing N N 156 
ILE CD1 HD12 sing N N 157 
ILE CD1 HD13 sing N N 158 
ILE OXT HXT  sing N N 159 
LEU N   CA   sing N N 160 
LEU N   H    sing N N 161 
LEU N   H2   sing N N 162 
LEU CA  C    sing N N 163 
LEU CA  CB   sing N N 164 
LEU CA  HA   sing N N 165 
LEU C   O    doub N N 166 
LEU C   OXT  sing N N 167 
LEU CB  CG   sing N N 168 
LEU CB  HB2  sing N N 169 
LEU CB  HB3  sing N N 170 
LEU CG  CD1  sing N N 171 
LEU CG  CD2  sing N N 172 
LEU CG  HG   sing N N 173 
LEU CD1 HD11 sing N N 174 
LEU CD1 HD12 sing N N 175 
LEU CD1 HD13 sing N N 176 
LEU CD2 HD21 sing N N 177 
LEU CD2 HD22 sing N N 178 
LEU CD2 HD23 sing N N 179 
LEU OXT HXT  sing N N 180 
LYS N   CA   sing N N 181 
LYS N   H    sing N N 182 
LYS N   H2   sing N N 183 
LYS CA  C    sing N N 184 
LYS CA  CB   sing N N 185 
LYS CA  HA   sing N N 186 
LYS C   O    doub N N 187 
LYS C   OXT  sing N N 188 
LYS CB  CG   sing N N 189 
LYS CB  HB2  sing N N 190 
LYS CB  HB3  sing N N 191 
LYS CG  CD   sing N N 192 
LYS CG  HG2  sing N N 193 
LYS CG  HG3  sing N N 194 
LYS CD  CE   sing N N 195 
LYS CD  HD2  sing N N 196 
LYS CD  HD3  sing N N 197 
LYS CE  NZ   sing N N 198 
LYS CE  HE2  sing N N 199 
LYS CE  HE3  sing N N 200 
LYS NZ  HZ1  sing N N 201 
LYS NZ  HZ2  sing N N 202 
LYS NZ  HZ3  sing N N 203 
LYS OXT HXT  sing N N 204 
MET N   CA   sing N N 205 
MET N   H    sing N N 206 
MET N   H2   sing N N 207 
MET CA  C    sing N N 208 
MET CA  CB   sing N N 209 
MET CA  HA   sing N N 210 
MET C   O    doub N N 211 
MET C   OXT  sing N N 212 
MET CB  CG   sing N N 213 
MET CB  HB2  sing N N 214 
MET CB  HB3  sing N N 215 
MET CG  SD   sing N N 216 
MET CG  HG2  sing N N 217 
MET CG  HG3  sing N N 218 
MET SD  CE   sing N N 219 
MET CE  HE1  sing N N 220 
MET CE  HE2  sing N N 221 
MET CE  HE3  sing N N 222 
MET OXT HXT  sing N N 223 
PHE N   CA   sing N N 224 
PHE N   H    sing N N 225 
PHE N   H2   sing N N 226 
PHE CA  C    sing N N 227 
PHE CA  CB   sing N N 228 
PHE CA  HA   sing N N 229 
PHE C   O    doub N N 230 
PHE C   OXT  sing N N 231 
PHE CB  CG   sing N N 232 
PHE CB  HB2  sing N N 233 
PHE CB  HB3  sing N N 234 
PHE CG  CD1  doub Y N 235 
PHE CG  CD2  sing Y N 236 
PHE CD1 CE1  sing Y N 237 
PHE CD1 HD1  sing N N 238 
PHE CD2 CE2  doub Y N 239 
PHE CD2 HD2  sing N N 240 
PHE CE1 CZ   doub Y N 241 
PHE CE1 HE1  sing N N 242 
PHE CE2 CZ   sing Y N 243 
PHE CE2 HE2  sing N N 244 
PHE CZ  HZ   sing N N 245 
PHE OXT HXT  sing N N 246 
PRO N   CA   sing N N 247 
PRO N   CD   sing N N 248 
PRO N   H    sing N N 249 
PRO CA  C    sing N N 250 
PRO CA  CB   sing N N 251 
PRO CA  HA   sing N N 252 
PRO C   O    doub N N 253 
PRO C   OXT  sing N N 254 
PRO CB  CG   sing N N 255 
PRO CB  HB2  sing N N 256 
PRO CB  HB3  sing N N 257 
PRO CG  CD   sing N N 258 
PRO CG  HG2  sing N N 259 
PRO CG  HG3  sing N N 260 
PRO CD  HD2  sing N N 261 
PRO CD  HD3  sing N N 262 
PRO OXT HXT  sing N N 263 
SER N   CA   sing N N 264 
SER N   H    sing N N 265 
SER N   H2   sing N N 266 
SER CA  C    sing N N 267 
SER CA  CB   sing N N 268 
SER CA  HA   sing N N 269 
SER C   O    doub N N 270 
SER C   OXT  sing N N 271 
SER CB  OG   sing N N 272 
SER CB  HB2  sing N N 273 
SER CB  HB3  sing N N 274 
SER OG  HG   sing N N 275 
SER OXT HXT  sing N N 276 
THR N   CA   sing N N 277 
THR N   H    sing N N 278 
THR N   H2   sing N N 279 
THR CA  C    sing N N 280 
THR CA  CB   sing N N 281 
THR CA  HA   sing N N 282 
THR C   O    doub N N 283 
THR C   OXT  sing N N 284 
THR CB  OG1  sing N N 285 
THR CB  CG2  sing N N 286 
THR CB  HB   sing N N 287 
THR OG1 HG1  sing N N 288 
THR CG2 HG21 sing N N 289 
THR CG2 HG22 sing N N 290 
THR CG2 HG23 sing N N 291 
THR OXT HXT  sing N N 292 
TYR N   CA   sing N N 293 
TYR N   H    sing N N 294 
TYR N   H2   sing N N 295 
TYR CA  C    sing N N 296 
TYR CA  CB   sing N N 297 
TYR CA  HA   sing N N 298 
TYR C   O    doub N N 299 
TYR C   OXT  sing N N 300 
TYR CB  CG   sing N N 301 
TYR CB  HB2  sing N N 302 
TYR CB  HB3  sing N N 303 
TYR CG  CD1  doub Y N 304 
TYR CG  CD2  sing Y N 305 
TYR CD1 CE1  sing Y N 306 
TYR CD1 HD1  sing N N 307 
TYR CD2 CE2  doub Y N 308 
TYR CD2 HD2  sing N N 309 
TYR CE1 CZ   doub Y N 310 
TYR CE1 HE1  sing N N 311 
TYR CE2 CZ   sing Y N 312 
TYR CE2 HE2  sing N N 313 
TYR CZ  OH   sing N N 314 
TYR OH  HH   sing N N 315 
TYR OXT HXT  sing N N 316 
VAL N   CA   sing N N 317 
VAL N   H    sing N N 318 
VAL N   H2   sing N N 319 
VAL CA  C    sing N N 320 
VAL CA  CB   sing N N 321 
VAL CA  HA   sing N N 322 
VAL C   O    doub N N 323 
VAL C   OXT  sing N N 324 
VAL CB  CG1  sing N N 325 
VAL CB  CG2  sing N N 326 
VAL CB  HB   sing N N 327 
VAL CG1 HG11 sing N N 328 
VAL CG1 HG12 sing N N 329 
VAL CG1 HG13 sing N N 330 
VAL CG2 HG21 sing N N 331 
VAL CG2 HG22 sing N N 332 
VAL CG2 HG23 sing N N 333 
VAL OXT HXT  sing N N 334 
# 
_atom_sites.entry_id                    2HZ5 
_atom_sites.fract_transf_matrix[1][1]   0.00119722 
_atom_sites.fract_transf_matrix[1][2]   0.01225385 
_atom_sites.fract_transf_matrix[1][3]   -0.00642181 
_atom_sites.fract_transf_matrix[2][1]   -0.00264888 
_atom_sites.fract_transf_matrix[2][2]   0.00100241 
_atom_sites.fract_transf_matrix[2][3]   -0.01359512 
_atom_sites.fract_transf_matrix[3][1]   -0.00977302 
_atom_sites.fract_transf_matrix[3][2]   0.00203124 
_atom_sites.fract_transf_matrix[3][3]   0.00205395 
_atom_sites.fract_transf_vector[1]      0.289656 
_atom_sites.fract_transf_vector[2]      0.571663 
_atom_sites.fract_transf_vector[3]      0.080589 
# 
loop_
_atom_type.symbol 
C  
CS 
N  
O  
S  
# 
loop_
_atom_site.group_PDB 
_atom_site.id 
_atom_site.type_symbol 
_atom_site.label_atom_id 
_atom_site.label_alt_id 
_atom_site.label_comp_id 
_atom_site.label_asym_id 
_atom_site.label_entity_id 
_atom_site.label_seq_id 
_atom_site.pdbx_PDB_ins_code 
_atom_site.Cartn_x 
_atom_site.Cartn_y 
_atom_site.Cartn_z 
_atom_site.occupancy 
_atom_site.B_iso_or_equiv 
_atom_site.pdbx_formal_charge 
_atom_site.auth_seq_id 
_atom_site.auth_comp_id 
_atom_site.auth_asym_id 
_atom_site.auth_atom_id 
_atom_site.pdbx_PDB_model_num 
ATOM   1    N  N   . GLU A 1 15  ? 3.561   25.600  8.080   1.00 54.05 ? 5    GLU A N   1 
ATOM   2    C  CA  . GLU A 1 15  ? 2.751   24.776  9.033   1.00 53.88 ? 5    GLU A CA  1 
ATOM   3    C  C   . GLU A 1 15  ? 3.589   24.114  10.131  1.00 53.42 ? 5    GLU A C   1 
ATOM   4    O  O   . GLU A 1 15  ? 4.604   23.459  9.864   1.00 53.57 ? 5    GLU A O   1 
ATOM   5    C  CB  . GLU A 1 15  ? 1.954   23.706  8.284   1.00 54.27 ? 5    GLU A CB  1 
ATOM   6    C  CG  . GLU A 1 15  ? 0.948   22.962  9.149   1.00 54.83 ? 5    GLU A CG  1 
ATOM   7    C  CD  . GLU A 1 15  ? -0.422  23.631  9.148   1.00 57.04 ? 5    GLU A CD  1 
ATOM   8    O  OE1 . GLU A 1 15  ? -1.155  23.487  8.129   1.00 56.25 ? 5    GLU A OE1 1 
ATOM   9    O  OE2 . GLU A 1 15  ? -0.756  24.293  10.167  1.00 56.45 ? 5    GLU A OE2 1 
ATOM   10   N  N   . GLU A 1 16  ? 3.119   24.272  11.364  1.00 52.70 ? 6    GLU A N   1 
ATOM   11   C  CA  . GLU A 1 16  ? 3.764   23.740  12.550  1.00 51.88 ? 6    GLU A CA  1 
ATOM   12   C  C   . GLU A 1 16  ? 3.670   22.211  12.670  1.00 51.17 ? 6    GLU A C   1 
ATOM   13   O  O   . GLU A 1 16  ? 4.644   21.571  13.074  1.00 51.18 ? 6    GLU A O   1 
ATOM   14   C  CB  . GLU A 1 16  ? 3.195   24.432  13.797  1.00 52.08 ? 6    GLU A CB  1 
ATOM   15   C  CG  . GLU A 1 16  ? 3.760   23.956  15.135  1.00 53.39 ? 6    GLU A CG  1 
ATOM   16   C  CD  . GLU A 1 16  ? 5.281   24.094  15.238  1.00 55.83 ? 6    GLU A CD  1 
ATOM   17   O  OE1 . GLU A 1 16  ? 5.867   24.975  14.552  1.00 55.53 ? 6    GLU A OE1 1 
ATOM   18   O  OE2 . GLU A 1 16  ? 5.882   23.317  16.020  1.00 56.07 ? 6    GLU A OE2 1 
ATOM   19   N  N   . THR A 1 17  ? 2.512   21.629  12.338  1.00 50.04 ? 7    THR A N   1 
ATOM   20   C  CA  . THR A 1 17  ? 2.339   20.163  12.441  1.00 49.22 ? 7    THR A CA  1 
ATOM   21   C  C   . THR A 1 17  ? 3.229   19.412  11.449  1.00 47.98 ? 7    THR A C   1 
ATOM   22   O  O   . THR A 1 17  ? 3.694   18.316  11.736  1.00 48.02 ? 7    THR A O   1 
ATOM   23   C  CB  . THR A 1 17  ? 0.845   19.688  12.301  1.00 49.49 ? 7    THR A CB  1 
ATOM   24   O  OG1 . THR A 1 17  ? 0.223   20.329  11.181  1.00 50.17 ? 7    THR A OG1 1 
ATOM   25   C  CG2 . THR A 1 17  ? 0.049   20.009  13.550  1.00 49.75 ? 7    THR A CG2 1 
ATOM   26   N  N   . LEU A 1 18  ? 3.467   20.020  10.292  1.00 46.87 ? 8    LEU A N   1 
ATOM   27   C  CA  . LEU A 1 18  ? 4.399   19.480  9.306   1.00 46.02 ? 8    LEU A CA  1 
ATOM   28   C  C   . LEU A 1 18  ? 5.827   19.372  9.850   1.00 44.97 ? 8    LEU A C   1 
ATOM   29   O  O   . LEU A 1 18  ? 6.458   18.335  9.686   1.00 43.91 ? 8    LEU A O   1 
ATOM   30   C  CB  . LEU A 1 18  ? 4.353   20.294  8.015   1.00 46.17 ? 8    LEU A CB  1 
ATOM   31   C  CG  . LEU A 1 18  ? 3.311   19.829  6.991   1.00 47.56 ? 8    LEU A CG  1 
ATOM   32   C  CD1 . LEU A 1 18  ? 3.924   18.875  5.975   1.00 49.82 ? 8    LEU A CD1 1 
ATOM   33   C  CD2 . LEU A 1 18  ? 2.042   19.214  7.612   1.00 49.50 ? 8    LEU A CD2 1 
ATOM   34   N  N   . LYS A 1 19  ? 6.305   20.437  10.511  1.00 43.98 ? 9    LYS A N   1 
ATOM   35   C  CA  . LYS A 1 19  ? 7.598   20.430  11.211  1.00 43.31 ? 9    LYS A CA  1 
ATOM   36   C  C   . LYS A 1 19  ? 7.692   19.322  12.246  1.00 42.24 ? 9    LYS A C   1 
ATOM   37   O  O   . LYS A 1 19  ? 8.714   18.650  12.315  1.00 41.77 ? 9    LYS A O   1 
ATOM   38   C  CB  . LYS A 1 19  ? 7.889   21.774  11.899  1.00 43.09 ? 9    LYS A CB  1 
ATOM   39   C  CG  . LYS A 1 19  ? 8.497   22.807  10.992  1.00 43.85 ? 9    LYS A CG  1 
ATOM   40   C  CD  . LYS A 1 19  ? 8.604   24.151  11.689  1.00 44.92 ? 9    LYS A CD  1 
ATOM   41   C  CE  . LYS A 1 19  ? 8.621   25.267  10.666  1.00 46.05 ? 9    LYS A CE  1 
ATOM   42   N  NZ  . LYS A 1 19  ? 8.726   26.604  11.325  1.00 48.57 ? 9    LYS A NZ  1 
ATOM   43   N  N   . ARG A 1 20  ? 6.636   19.150  13.050  1.00 41.16 ? 10   ARG A N   1 
ATOM   44   C  CA  . ARG A 1 20  ? 6.635   18.134  14.112  1.00 40.80 ? 10   ARG A CA  1 
ATOM   45   C  C   . ARG A 1 20  ? 6.699   16.723  13.537  1.00 39.03 ? 10   ARG A C   1 
ATOM   46   O  O   . ARG A 1 20  ? 7.389   15.833  14.065  1.00 38.69 ? 10   ARG A O   1 
ATOM   47   C  CB  . ARG A 1 20  ? 5.403   18.279  15.015  1.00 41.37 ? 10   ARG A CB  1 
ATOM   48   C  CG  . ARG A 1 20  ? 5.562   19.355  16.100  1.00 45.90 ? 10   ARG A CG  1 
ATOM   49   C  CD  . ARG A 1 20  ? 4.273   19.623  16.889  1.00 51.81 ? 10   ARG A CD  1 
ATOM   50   N  NE  . ARG A 1 20  ? 3.737   18.418  17.533  1.00 57.78 ? 10   ARG A NE  1 
ATOM   51   C  CZ  . ARG A 1 20  ? 2.624   17.788  17.148  1.00 60.36 ? 10   ARG A CZ  1 
ATOM   52   N  NH1 . ARG A 1 20  ? 1.913   18.253  16.121  1.00 61.60 ? 10   ARG A NH1 1 
ATOM   53   N  NH2 . ARG A 1 20  ? 2.213   16.698  17.798  1.00 61.49 ? 10   ARG A NH2 1 
ATOM   54   N  N   . LEU A 1 21  ? 5.964   16.534  12.451  1.00 36.96 ? 11   LEU A N   1 
ATOM   55   C  CA  . LEU A 1 21  ? 5.919   15.253  11.787  1.00 35.64 ? 11   LEU A CA  1 
ATOM   56   C  C   . LEU A 1 21  ? 7.236   14.986  11.049  1.00 33.44 ? 11   LEU A C   1 
ATOM   57   O  O   . LEU A 1 21  ? 7.767   13.885  11.137  1.00 32.29 ? 11   LEU A O   1 
ATOM   58   C  CB  . LEU A 1 21  ? 4.711   15.189  10.844  1.00 35.74 ? 11   LEU A CB  1 
ATOM   59   C  CG  . LEU A 1 21  ? 4.432   13.843  10.176  1.00 38.15 ? 11   LEU A CG  1 
ATOM   60   C  CD1 . LEU A 1 21  ? 4.450   12.676  11.179  1.00 39.45 ? 11   LEU A CD1 1 
ATOM   61   C  CD2 . LEU A 1 21  ? 3.104   13.897  9.411   1.00 39.75 ? 11   LEU A CD2 1 
ATOM   62   N  N   . GLN A 1 22  ? 7.756   15.998  10.348  1.00 31.97 ? 12   GLN A N   1 
ATOM   63   C  CA  . GLN A 1 22  ? 9.059   15.906  9.670   1.00 31.51 ? 12   GLN A CA  1 
ATOM   64   C  C   . GLN A 1 22  ? 10.175  15.541  10.638  1.00 30.03 ? 12   GLN A C   1 
ATOM   65   O  O   . GLN A 1 22  ? 11.129  14.880  10.260  1.00 29.85 ? 12   GLN A O   1 
ATOM   66   C  CB  . GLN A 1 22  ? 9.426   17.222  8.945   1.00 31.45 ? 12   GLN A CB  1 
ATOM   67   C  CG  . GLN A 1 22  ? 10.905  17.275  8.410   1.00 35.02 ? 12   GLN A CG  1 
ATOM   68   C  CD  . GLN A 1 22  ? 11.199  16.258  7.267   1.00 38.76 ? 12   GLN A CD  1 
ATOM   69   O  OE1 . GLN A 1 22  ? 10.641  16.380  6.175   1.00 40.65 ? 12   GLN A OE1 1 
ATOM   70   N  NE2 . GLN A 1 22  ? 12.079  15.258  7.530   1.00 35.17 ? 12   GLN A NE2 1 
ATOM   71   N  N   . SER A 1 23  ? 10.069  15.995  11.882  1.00 29.19 ? 13   SER A N   1 
ATOM   72   C  CA  . SER A 1 23  ? 11.146  15.844  12.853  1.00 28.92 ? 13   SER A CA  1 
ATOM   73   C  C   . SER A 1 23  ? 11.148  14.479  13.558  1.00 29.07 ? 13   SER A C   1 
ATOM   74   O  O   . SER A 1 23  ? 12.123  14.125  14.231  1.00 28.81 ? 13   SER A O   1 
ATOM   75   C  CB  . SER A 1 23  ? 11.099  16.975  13.876  1.00 29.16 ? 13   SER A CB  1 
ATOM   76   O  OG  . SER A 1 23  ? 10.073  16.738  14.806  1.00 29.51 ? 13   SER A OG  1 
ATOM   77   N  N   . GLN A 1 24  ? 10.094  13.688  13.368  1.00 28.75 ? 14   GLN A N   1 
ATOM   78   C  CA  . GLN A 1 24  ? 10.034  12.356  13.978  1.00 29.32 ? 14   GLN A CA  1 
ATOM   79   C  C   . GLN A 1 24  ? 11.168  11.444  13.510  1.00 27.98 ? 14   GLN A C   1 
ATOM   80   O  O   . GLN A 1 24  ? 11.606  11.510  12.368  1.00 27.08 ? 14   GLN A O   1 
ATOM   81   C  CB  . GLN A 1 24  ? 8.676   11.694  13.709  1.00 29.84 ? 14   GLN A CB  1 
ATOM   82   C  CG  . GLN A 1 24  ? 7.498   12.423  14.384  1.00 35.31 ? 14   GLN A CG  1 
ATOM   83   C  CD  . GLN A 1 24  ? 7.687   12.558  15.891  1.00 42.08 ? 14   GLN A CD  1 
ATOM   84   O  OE1 . GLN A 1 24  ? 7.847   11.558  16.601  1.00 46.68 ? 14   GLN A OE1 1 
ATOM   85   N  NE2 . GLN A 1 24  ? 7.686   13.797  16.383  1.00 44.95 ? 14   GLN A NE2 1 
ATOM   86   N  N   . LYS A 1 25  ? 11.656  10.612  14.413  1.00 27.78 ? 15   LYS A N   1 
ATOM   87   C  CA  . LYS A 1 25  ? 12.676  9.617   14.103  1.00 28.39 ? 15   LYS A CA  1 
ATOM   88   C  C   . LYS A 1 25  ? 12.311  8.830   12.842  1.00 27.20 ? 15   LYS A C   1 
ATOM   89   O  O   . LYS A 1 25  ? 11.188  8.337   12.705  1.00 26.91 ? 15   LYS A O   1 
ATOM   90   C  CB  . LYS A 1 25  ? 12.828  8.657   15.295  1.00 29.24 ? 15   LYS A CB  1 
ATOM   91   C  CG  . LYS A 1 25  ? 13.929  7.598   15.156  1.00 33.40 ? 15   LYS A CG  1 
ATOM   92   C  CD  . LYS A 1 25  ? 13.894  6.655   16.372  1.00 39.75 ? 15   LYS A CD  1 
ATOM   93   C  CE  . LYS A 1 25  ? 14.731  5.396   16.154  1.00 43.57 ? 15   LYS A CE  1 
ATOM   94   N  NZ  . LYS A 1 25  ? 14.111  4.228   16.884  1.00 46.71 ? 15   LYS A NZ  1 
ATOM   95   N  N   . GLY A 1 26  ? 13.258  8.744   11.915  1.00 26.18 ? 16   GLY A N   1 
ATOM   96   C  CA  . GLY A 1 26  ? 13.078  7.959   10.713  1.00 24.90 ? 16   GLY A CA  1 
ATOM   97   C  C   . GLY A 1 26  ? 12.528  8.716   9.524   1.00 23.81 ? 16   GLY A C   1 
ATOM   98   O  O   . GLY A 1 26  ? 12.815  8.364   8.409   1.00 24.51 ? 16   GLY A O   1 
ATOM   99   N  N   . VAL A 1 27  ? 11.762  9.773   9.758   1.00 23.22 ? 17   VAL A N   1 
ATOM   100  C  CA  . VAL A 1 27  ? 11.077  10.497  8.684   1.00 22.11 ? 17   VAL A CA  1 
ATOM   101  C  C   . VAL A 1 27  ? 12.073  11.284  7.830   1.00 22.36 ? 17   VAL A C   1 
ATOM   102  O  O   . VAL A 1 27  ? 12.954  11.987  8.370   1.00 22.42 ? 17   VAL A O   1 
ATOM   103  C  CB  . VAL A 1 27  ? 10.002  11.426  9.256   1.00 21.87 ? 17   VAL A CB  1 
ATOM   104  C  CG1 . VAL A 1 27  ? 9.374   12.288  8.165   1.00 19.70 ? 17   VAL A CG1 1 
ATOM   105  C  CG2 . VAL A 1 27  ? 8.965   10.603  9.974   1.00 21.65 ? 17   VAL A CG2 1 
ATOM   106  N  N   . GLN A 1 28  ? 11.944  11.155  6.514   1.00 21.61 ? 18   GLN A N   1 
ATOM   107  C  CA  . GLN A 1 28  ? 12.841  11.807  5.568   1.00 22.23 ? 18   GLN A CA  1 
ATOM   108  C  C   . GLN A 1 28  ? 12.164  12.994  4.913   1.00 22.92 ? 18   GLN A C   1 
ATOM   109  O  O   . GLN A 1 28  ? 12.826  13.960  4.512   1.00 22.50 ? 18   GLN A O   1 
ATOM   110  C  CB  . GLN A 1 28  ? 13.299  10.811  4.485   1.00 22.37 ? 18   GLN A CB  1 
ATOM   111  C  CG  . GLN A 1 28  ? 14.154  9.655   5.028   1.00 23.49 ? 18   GLN A CG  1 
ATOM   112  C  CD  . GLN A 1 28  ? 14.580  8.645   3.966   1.00 26.39 ? 18   GLN A CD  1 
ATOM   113  O  OE1 . GLN A 1 28  ? 14.487  8.911   2.767   1.00 26.32 ? 18   GLN A OE1 1 
ATOM   114  N  NE2 . GLN A 1 28  ? 15.059  7.476   4.409   1.00 25.36 ? 18   GLN A NE2 1 
ATOM   115  N  N   . GLY A 1 29  ? 10.842  12.925  4.781   1.00 22.80 ? 19   GLY A N   1 
ATOM   116  C  CA  . GLY A 1 29  ? 10.109  14.007  4.129   1.00 23.67 ? 19   GLY A CA  1 
ATOM   117  C  C   . GLY A 1 29  ? 8.615   13.768  4.085   1.00 24.73 ? 19   GLY A C   1 
ATOM   118  O  O   . GLY A 1 29  ? 8.160   12.626  4.232   1.00 23.24 ? 19   GLY A O   1 
ATOM   119  N  N   . ILE A 1 30  ? 7.874   14.856  3.843   1.00 25.36 ? 20   ILE A N   1 
ATOM   120  C  CA  . ILE A 1 30  ? 6.411   14.875  3.764   1.00 26.54 ? 20   ILE A CA  1 
ATOM   121  C  C   . ILE A 1 30  ? 5.984   15.675  2.532   1.00 27.67 ? 20   ILE A C   1 
ATOM   122  O  O   . ILE A 1 30  ? 6.549   16.758  2.247   1.00 27.23 ? 20   ILE A O   1 
ATOM   123  C  CB  . ILE A 1 30  ? 5.781   15.532  5.021   1.00 27.31 ? 20   ILE A CB  1 
ATOM   124  C  CG1 . ILE A 1 30  ? 6.242   14.817  6.292   1.00 26.94 ? 20   ILE A CG1 1 
ATOM   125  C  CG2 . ILE A 1 30  ? 4.237   15.546  4.938   1.00 26.91 ? 20   ILE A CG2 1 
ATOM   126  C  CD1 . ILE A 1 30  ? 6.076   15.665  7.507   1.00 32.75 ? 20   ILE A CD1 1 
ATOM   127  N  N   . ILE A 1 31  ? 5.026   15.117  1.791   1.00 27.33 ? 21   ILE A N   1 
ATOM   128  C  CA  . ILE A 1 31  ? 4.440   15.741  0.598   1.00 28.28 ? 21   ILE A CA  1 
ATOM   129  C  C   . ILE A 1 31  ? 2.916   15.680  0.701   1.00 29.37 ? 21   ILE A C   1 
ATOM   130  O  O   . ILE A 1 31  ? 2.346   14.635  1.060   1.00 29.27 ? 21   ILE A O   1 
ATOM   131  C  CB  . ILE A 1 31  ? 4.870   15.041  -0.712  1.00 28.17 ? 21   ILE A CB  1 
ATOM   132  C  CG1 . ILE A 1 31  ? 6.386   14.820  -0.756  1.00 27.16 ? 21   ILE A CG1 1 
ATOM   133  C  CG2 . ILE A 1 31  ? 4.387   15.834  -1.960  1.00 27.92 ? 21   ILE A CG2 1 
ATOM   134  C  CD1 . ILE A 1 31  ? 6.854   13.999  -1.949  1.00 25.14 ? 21   ILE A CD1 1 
ATOM   135  N  N   . VAL A 1 32  ? 2.265   16.813  0.437   1.00 30.36 ? 22   VAL A N   1 
ATOM   136  C  CA  . VAL A 1 32  ? 0.812   16.871  0.234   1.00 30.91 ? 22   VAL A CA  1 
ATOM   137  C  C   . VAL A 1 32  ? 0.529   17.095  -1.253  1.00 31.81 ? 22   VAL A C   1 
ATOM   138  O  O   . VAL A 1 32  ? 0.975   18.096  -1.846  1.00 31.37 ? 22   VAL A O   1 
ATOM   139  C  CB  . VAL A 1 32  ? 0.166   17.988  1.061   1.00 31.59 ? 22   VAL A CB  1 
ATOM   140  C  CG1 . VAL A 1 32  ? -1.376  17.906  0.984   1.00 31.98 ? 22   VAL A CG1 1 
ATOM   141  C  CG2 . VAL A 1 32  ? 0.633   17.910  2.492   1.00 30.67 ? 22   VAL A CG2 1 
ATOM   142  N  N   . VAL A 1 33  ? -0.159  16.137  -1.872  1.00 32.32 ? 23   VAL A N   1 
ATOM   143  C  CA  . VAL A 1 33  ? -0.578  16.281  -3.256  1.00 33.73 ? 23   VAL A CA  1 
ATOM   144  C  C   . VAL A 1 33  ? -2.109  16.465  -3.299  1.00 35.38 ? 23   VAL A C   1 
ATOM   145  O  O   . VAL A 1 33  ? -2.825  15.980  -2.410  1.00 35.30 ? 23   VAL A O   1 
ATOM   146  C  CB  . VAL A 1 33  ? -0.124  15.092  -4.156  1.00 33.53 ? 23   VAL A CB  1 
ATOM   147  C  CG1 . VAL A 1 33  ? 1.404   14.996  -4.216  1.00 33.04 ? 23   VAL A CG1 1 
ATOM   148  C  CG2 . VAL A 1 33  ? -0.737  13.762  -3.681  1.00 33.20 ? 23   VAL A CG2 1 
ATOM   149  N  N   . ASN A 1 34  ? -2.602  17.187  -4.309  1.00 36.98 ? 24   ASN A N   1 
ATOM   150  C  CA  . ASN A 1 34  ? -4.051  17.328  -4.500  1.00 38.28 ? 24   ASN A CA  1 
ATOM   151  C  C   . ASN A 1 34  ? -4.628  16.154  -5.292  1.00 39.29 ? 24   ASN A C   1 
ATOM   152  O  O   . ASN A 1 34  ? -3.893  15.238  -5.684  1.00 38.13 ? 24   ASN A O   1 
ATOM   153  C  CB  . ASN A 1 34  ? -4.399  18.678  -5.152  1.00 38.39 ? 24   ASN A CB  1 
ATOM   154  C  CG  . ASN A 1 34  ? -3.881  18.809  -6.580  1.00 39.29 ? 24   ASN A CG  1 
ATOM   155  O  OD1 . ASN A 1 34  ? -3.521  17.827  -7.231  1.00 40.64 ? 24   ASN A OD1 1 
ATOM   156  N  ND2 . ASN A 1 34  ? -3.842  20.037  -7.073  1.00 39.42 ? 24   ASN A ND2 1 
ATOM   157  N  N   . THR A 1 35  ? -5.940  16.201  -5.540  1.00 41.04 ? 25   THR A N   1 
ATOM   158  C  CA  . THR A 1 35  ? -6.645  15.170  -6.312  1.00 42.48 ? 25   THR A CA  1 
ATOM   159  C  C   . THR A 1 35  ? -6.020  14.860  -7.674  1.00 42.45 ? 25   THR A C   1 
ATOM   160  O  O   . THR A 1 35  ? -6.120  13.726  -8.135  1.00 42.82 ? 25   THR A O   1 
ATOM   161  C  CB  . THR A 1 35  ? -8.154  15.506  -6.508  1.00 43.11 ? 25   THR A CB  1 
ATOM   162  O  OG1 . THR A 1 35  ? -8.294  16.847  -7.000  1.00 44.98 ? 25   THR A OG1 1 
ATOM   163  C  CG2 . THR A 1 35  ? -8.905  15.388  -5.192  1.00 44.05 ? 25   THR A CG2 1 
ATOM   164  N  N   . GLU A 1 36  ? -5.382  15.848  -8.305  1.00 42.33 ? 26   GLU A N   1 
ATOM   165  C  CA  . GLU A 1 36  ? -4.677  15.637  -9.570  1.00 42.88 ? 26   GLU A CA  1 
ATOM   166  C  C   . GLU A 1 36  ? -3.222  15.194  -9.384  1.00 42.44 ? 26   GLU A C   1 
ATOM   167  O  O   . GLU A 1 36  ? -2.493  15.051  -10.367 1.00 42.40 ? 26   GLU A O   1 
ATOM   168  C  CB  . GLU A 1 36  ? -4.644  16.916  -10.408 1.00 44.01 ? 26   GLU A CB  1 
ATOM   169  C  CG  . GLU A 1 36  ? -5.965  17.637  -10.615 1.00 47.81 ? 26   GLU A CG  1 
ATOM   170  C  CD  . GLU A 1 36  ? -5.753  19.142  -10.779 1.00 53.58 ? 26   GLU A CD  1 
ATOM   171  O  OE1 . GLU A 1 36  ? -6.200  19.908  -9.885  1.00 54.83 ? 26   GLU A OE1 1 
ATOM   172  O  OE2 . GLU A 1 36  ? -5.103  19.551  -11.779 1.00 55.10 ? 26   GLU A OE2 1 
ATOM   173  N  N   . GLY A 1 37  ? -2.787  15.017  -8.138  1.00 41.82 ? 27   GLY A N   1 
ATOM   174  C  CA  . GLY A 1 37  ? -1.397  14.630  -7.859  1.00 41.46 ? 27   GLY A CA  1 
ATOM   175  C  C   . GLY A 1 37  ? -0.373  15.757  -7.914  1.00 40.91 ? 27   GLY A C   1 
ATOM   176  O  O   . GLY A 1 37  ? 0.834   15.519  -7.885  1.00 40.48 ? 27   GLY A O   1 
ATOM   177  N  N   . ILE A 1 38  ? -0.859  16.987  -7.973  1.00 40.17 ? 28   ILE A N   1 
ATOM   178  C  CA  . ILE A 1 38  ? 0.013   18.155  -7.924  1.00 39.87 ? 28   ILE A CA  1 
ATOM   179  C  C   . ILE A 1 38  ? 0.452   18.413  -6.479  1.00 38.95 ? 28   ILE A C   1 
ATOM   180  O  O   . ILE A 1 38  ? -0.399  18.534  -5.585  1.00 38.73 ? 28   ILE A O   1 
ATOM   181  C  CB  . ILE A 1 38  ? -0.717  19.412  -8.484  1.00 40.20 ? 28   ILE A CB  1 
ATOM   182  C  CG1 . ILE A 1 38  ? -0.993  19.271  -9.996  1.00 40.66 ? 28   ILE A CG1 1 
ATOM   183  C  CG2 . ILE A 1 38  ? 0.025   20.709  -8.107  1.00 40.65 ? 28   ILE A CG2 1 
ATOM   184  C  CD1 . ILE A 1 38  ? 0.246   19.135  -10.899 1.00 44.08 ? 28   ILE A CD1 1 
ATOM   185  N  N   . PRO A 1 39  ? 1.777   18.509  -6.244  1.00 38.29 ? 29   PRO A N   1 
ATOM   186  C  CA  . PRO A 1 39  ? 2.256   18.765  -4.901  1.00 38.34 ? 29   PRO A CA  1 
ATOM   187  C  C   . PRO A 1 39  ? 1.872   20.169  -4.516  1.00 38.30 ? 29   PRO A C   1 
ATOM   188  O  O   . PRO A 1 39  ? 2.254   21.117  -5.203  1.00 39.11 ? 29   PRO A O   1 
ATOM   189  C  CB  . PRO A 1 39  ? 3.778   18.668  -5.035  1.00 38.15 ? 29   PRO A CB  1 
ATOM   190  C  CG  . PRO A 1 39  ? 4.035   18.067  -6.339  1.00 38.15 ? 29   PRO A CG  1 
ATOM   191  C  CD  . PRO A 1 39  ? 2.888   18.416  -7.200  1.00 38.16 ? 29   PRO A CD  1 
ATOM   192  N  N   . ILE A 1 40  ? 1.101   20.307  -3.449  1.00 38.16 ? 30   ILE A N   1 
ATOM   193  C  CA  . ILE A 1 40  ? 0.709   21.634  -3.010  1.00 38.26 ? 30   ILE A CA  1 
ATOM   194  C  C   . ILE A 1 40  ? 1.504   22.057  -1.782  1.00 37.83 ? 30   ILE A C   1 
ATOM   195  O  O   . ILE A 1 40  ? 1.493   23.223  -1.379  1.00 38.02 ? 30   ILE A O   1 
ATOM   196  C  CB  . ILE A 1 40  ? -0.826  21.744  -2.802  1.00 38.97 ? 30   ILE A CB  1 
ATOM   197  C  CG1 . ILE A 1 40  ? -1.318  20.742  -1.760  1.00 39.68 ? 30   ILE A CG1 1 
ATOM   198  C  CG2 . ILE A 1 40  ? -1.553  21.576  -4.156  1.00 38.96 ? 30   ILE A CG2 1 
ATOM   199  C  CD1 . ILE A 1 40  ? -2.852  20.677  -1.624  1.00 42.46 ? 30   ILE A CD1 1 
ATOM   200  N  N   . LYS A 1 41  ? 2.227   21.104  -1.210  1.00 36.41 ? 31   LYS A N   1 
ATOM   201  C  CA  . LYS A 1 41  ? 3.027   21.362  -0.027  1.00 35.87 ? 31   LYS A CA  1 
ATOM   202  C  C   . LYS A 1 41  ? 4.063   20.233  0.123   1.00 34.45 ? 31   LYS A C   1 
ATOM   203  O  O   . LYS A 1 41  ? 3.749   19.073  -0.146  1.00 33.58 ? 31   LYS A O   1 
ATOM   204  C  CB  . LYS A 1 41  ? 2.099   21.437  1.171   1.00 36.17 ? 31   LYS A CB  1 
ATOM   205  C  CG  . LYS A 1 41  ? 2.757   21.649  2.487   1.00 40.43 ? 31   LYS A CG  1 
ATOM   206  C  CD  . LYS A 1 41  ? 1.676   21.652  3.560   1.00 46.69 ? 31   LYS A CD  1 
ATOM   207  C  CE  . LYS A 1 41  ? 2.260   21.499  4.952   1.00 49.40 ? 31   LYS A CE  1 
ATOM   208  N  NZ  . LYS A 1 41  ? 3.597   22.160  5.144   1.00 52.12 ? 31   LYS A NZ  1 
ATOM   209  N  N   . SER A 1 42  ? 5.281   20.588  0.533   1.00 32.86 ? 32   SER A N   1 
ATOM   210  C  CA  . SER A 1 42  ? 6.394   19.649  0.646   1.00 31.62 ? 32   SER A CA  1 
ATOM   211  C  C   . SER A 1 42  ? 7.451   20.185  1.591   1.00 31.54 ? 32   SER A C   1 
ATOM   212  O  O   . SER A 1 42  ? 7.732   21.400  1.616   1.00 31.15 ? 32   SER A O   1 
ATOM   213  C  CB  . SER A 1 42  ? 7.018   19.392  -0.730  1.00 31.83 ? 32   SER A CB  1 
ATOM   214  O  OG  . SER A 1 42  ? 8.090   18.470  -0.657  1.00 29.59 ? 32   SER A OG  1 
ATOM   215  N  N   . THR A 1 43  ? 8.031   19.276  2.376   1.00 30.57 ? 33   THR A N   1 
ATOM   216  C  CA  . THR A 1 43  ? 9.138   19.595  3.260   1.00 29.67 ? 33   THR A CA  1 
ATOM   217  C  C   . THR A 1 43  ? 10.460  19.206  2.599   1.00 29.76 ? 33   THR A C   1 
ATOM   218  O  O   . THR A 1 43  ? 11.518  19.304  3.219   1.00 29.24 ? 33   THR A O   1 
ATOM   219  C  CB  . THR A 1 43  ? 8.997   18.865  4.625   1.00 30.50 ? 33   THR A CB  1 
ATOM   220  O  OG1 . THR A 1 43  ? 9.076   17.444  4.424   1.00 28.16 ? 33   THR A OG1 1 
ATOM   221  C  CG2 . THR A 1 43  ? 7.664   19.205  5.306   1.00 28.02 ? 33   THR A CG2 1 
ATOM   222  N  N   . MET A 1 44  ? 10.389  18.759  1.343   1.00 28.88 ? 34   MET A N   1 
ATOM   223  C  CA  . MET A 1 44  ? 11.548  18.237  0.633   1.00 29.58 ? 34   MET A CA  1 
ATOM   224  C  C   . MET A 1 44  ? 11.951  19.167  -0.488  1.00 29.91 ? 34   MET A C   1 
ATOM   225  O  O   . MET A 1 44  ? 11.153  19.990  -0.938  1.00 28.99 ? 34   MET A O   1 
ATOM   226  C  CB  . MET A 1 44  ? 11.255  16.848  0.031   1.00 28.98 ? 34   MET A CB  1 
ATOM   227  C  CG  . MET A 1 44  ? 10.386  15.933  0.929   1.00 30.55 ? 34   MET A CG  1 
ATOM   228  S  SD  . MET A 1 44  ? 10.326  14.177  0.441   1.00 29.03 ? 34   MET A SD  1 
ATOM   229  C  CE  . MET A 1 44  ? 9.936   14.248  -1.289  1.00 37.20 ? 34   MET A CE  1 
ATOM   230  N  N   . ASP A 1 45  ? 13.184  18.997  -0.958  1.00 31.12 ? 35   ASP A N   1 
ATOM   231  C  CA  . ASP A 1 45  ? 13.678  19.693  -2.137  1.00 32.50 ? 35   ASP A CA  1 
ATOM   232  C  C   . ASP A 1 45  ? 12.792  19.352  -3.335  1.00 33.67 ? 35   ASP A C   1 
ATOM   233  O  O   . ASP A 1 45  ? 12.119  18.313  -3.354  1.00 32.78 ? 35   ASP A O   1 
ATOM   234  C  CB  . ASP A 1 45  ? 15.110  19.253  -2.414  1.00 32.64 ? 35   ASP A CB  1 
ATOM   235  C  CG  . ASP A 1 45  ? 15.233  17.744  -2.495  1.00 34.72 ? 35   ASP A CG  1 
ATOM   236  O  OD1 . ASP A 1 45  ? 15.193  17.064  -1.430  1.00 35.91 ? 35   ASP A OD1 1 
ATOM   237  O  OD2 . ASP A 1 45  ? 15.326  17.243  -3.628  1.00 33.33 ? 35   ASP A OD2 1 
ATOM   238  N  N   . ASN A 1 46  ? 12.820  20.224  -4.335  1.00 34.46 ? 36   ASN A N   1 
ATOM   239  C  CA  . ASN A 1 46  ? 11.946  20.132  -5.490  1.00 36.46 ? 36   ASN A CA  1 
ATOM   240  C  C   . ASN A 1 46  ? 12.140  18.877  -6.354  1.00 36.01 ? 36   ASN A C   1 
ATOM   241  O  O   . ASN A 1 46  ? 11.154  18.231  -6.687  1.00 36.79 ? 36   ASN A O   1 
ATOM   242  C  CB  . ASN A 1 46  ? 12.026  21.417  -6.334  1.00 37.37 ? 36   ASN A CB  1 
ATOM   243  C  CG  . ASN A 1 46  ? 10.706  21.757  -6.992  1.00 42.48 ? 36   ASN A CG  1 
ATOM   244  O  OD1 . ASN A 1 46  ? 10.351  21.207  -8.043  1.00 44.52 ? 36   ASN A OD1 1 
ATOM   245  N  ND2 . ASN A 1 46  ? 9.961   22.678  -6.371  1.00 47.66 ? 36   ASN A ND2 1 
ATOM   246  N  N   . PRO A 1 47  ? 13.393  18.532  -6.725  1.00 35.63 ? 37   PRO A N   1 
ATOM   247  C  CA  . PRO A 1 47  ? 13.588  17.276  -7.458  1.00 35.38 ? 37   PRO A CA  1 
ATOM   248  C  C   . PRO A 1 47  ? 13.168  15.983  -6.719  1.00 34.64 ? 37   PRO A C   1 
ATOM   249  O  O   . PRO A 1 47  ? 12.715  15.047  -7.364  1.00 34.28 ? 37   PRO A O   1 
ATOM   250  C  CB  . PRO A 1 47  ? 15.092  17.262  -7.746  1.00 35.57 ? 37   PRO A CB  1 
ATOM   251  C  CG  . PRO A 1 47  ? 15.680  18.205  -6.775  1.00 36.26 ? 37   PRO A CG  1 
ATOM   252  C  CD  . PRO A 1 47  ? 14.665  19.264  -6.571  1.00 35.97 ? 37   PRO A CD  1 
ATOM   253  N  N   . THR A 1 48  ? 13.337  15.919  -5.398  1.00 33.17 ? 38   THR A N   1 
ATOM   254  C  CA  . THR A 1 48  ? 12.887  14.743  -4.664  1.00 32.02 ? 38   THR A CA  1 
ATOM   255  C  C   . THR A 1 48  ? 11.358  14.736  -4.615  1.00 32.09 ? 38   THR A C   1 
ATOM   256  O  O   . THR A 1 48  ? 10.745  13.698  -4.814  1.00 31.68 ? 38   THR A O   1 
ATOM   257  C  CB  . THR A 1 48  ? 13.476  14.649  -3.249  1.00 31.92 ? 38   THR A CB  1 
ATOM   258  O  OG1 . THR A 1 48  ? 14.899  14.823  -3.321  1.00 30.95 ? 38   THR A OG1 1 
ATOM   259  C  CG2 . THR A 1 48  ? 13.166  13.273  -2.626  1.00 30.54 ? 38   THR A CG2 1 
ATOM   260  N  N   . THR A 1 49  ? 10.759  15.900  -4.379  1.00 32.14 ? 39   THR A N   1 
ATOM   261  C  CA  . THR A 1 49  ? 9.322   16.051  -4.400  1.00 32.90 ? 39   THR A CA  1 
ATOM   262  C  C   . THR A 1 49  ? 8.766   15.546  -5.744  1.00 34.37 ? 39   THR A C   1 
ATOM   263  O  O   . THR A 1 49  ? 7.733   14.859  -5.773  1.00 34.78 ? 39   THR A O   1 
ATOM   264  C  CB  . THR A 1 49  ? 8.892   17.514  -4.126  1.00 33.03 ? 39   THR A CB  1 
ATOM   265  O  OG1 . THR A 1 49  ? 9.333   17.915  -2.820  1.00 31.50 ? 39   THR A OG1 1 
ATOM   266  C  CG2 . THR A 1 49  ? 7.375   17.656  -4.176  1.00 32.59 ? 39   THR A CG2 1 
ATOM   267  N  N   . THR A 1 50  ? 9.469   15.876  -6.835  1.00 34.71 ? 40   THR A N   1 
ATOM   268  C  CA  . THR A 1 50  ? 9.133   15.422  -8.185  1.00 35.42 ? 40   THR A CA  1 
ATOM   269  C  C   . THR A 1 50  ? 9.446   13.937  -8.386  1.00 34.70 ? 40   THR A C   1 
ATOM   270  O  O   . THR A 1 50  ? 8.697   13.252  -9.052  1.00 34.93 ? 40   THR A O   1 
ATOM   271  C  CB  . THR A 1 50  ? 9.828   16.303  -9.281  1.00 35.65 ? 40   THR A CB  1 
ATOM   272  O  OG1 . THR A 1 50  ? 9.461   17.676  -9.074  1.00 37.66 ? 40   THR A OG1 1 
ATOM   273  C  CG2 . THR A 1 50  ? 9.400   15.888  -10.700 1.00 36.86 ? 40   THR A CG2 1 
ATOM   274  N  N   . GLN A 1 51  ? 10.542  13.430  -7.821  1.00 34.58 ? 41   GLN A N   1 
ATOM   275  C  CA  . GLN A 1 51  ? 10.795  11.988  -7.863  1.00 34.11 ? 41   GLN A CA  1 
ATOM   276  C  C   . GLN A 1 51  ? 9.542   11.198  -7.415  1.00 33.66 ? 41   GLN A C   1 
ATOM   277  O  O   . GLN A 1 51  ? 9.211   10.175  -8.029  1.00 34.51 ? 41   GLN A O   1 
ATOM   278  C  CB  . GLN A 1 51  ? 12.012  11.626  -7.008  1.00 35.33 ? 41   GLN A CB  1 
ATOM   279  C  CG  . GLN A 1 51  ? 12.438  10.162  -7.028  1.00 36.57 ? 41   GLN A CG  1 
ATOM   280  C  CD  . GLN A 1 51  ? 13.610  9.888   -6.096  1.00 40.35 ? 41   GLN A CD  1 
ATOM   281  O  OE1 . GLN A 1 51  ? 14.072  10.782  -5.385  1.00 41.59 ? 41   GLN A OE1 1 
ATOM   282  N  NE2 . GLN A 1 51  ? 14.108  8.646   -6.103  1.00 39.87 ? 41   GLN A NE2 1 
ATOM   283  N  N   . TYR A 1 52  ? 8.825   11.696  -6.399  1.00 31.38 ? 42   TYR A N   1 
ATOM   284  C  CA  . TYR A 1 52  ? 7.767   10.922  -5.719  1.00 29.85 ? 42   TYR A CA  1 
ATOM   285  C  C   . TYR A 1 52  ? 6.304   11.257  -6.106  1.00 29.67 ? 42   TYR A C   1 
ATOM   286  O  O   . TYR A 1 52  ? 5.479   10.341  -6.238  1.00 28.53 ? 42   TYR A O   1 
ATOM   287  C  CB  . TYR A 1 52  ? 7.903   11.032  -4.185  1.00 28.96 ? 42   TYR A CB  1 
ATOM   288  C  CG  . TYR A 1 52  ? 9.017   10.200  -3.571  1.00 27.47 ? 42   TYR A CG  1 
ATOM   289  C  CD1 . TYR A 1 52  ? 10.323  10.677  -3.511  1.00 26.74 ? 42   TYR A CD1 1 
ATOM   290  C  CD2 . TYR A 1 52  ? 8.756   8.925   -3.050  1.00 25.82 ? 42   TYR A CD2 1 
ATOM   291  C  CE1 . TYR A 1 52  ? 11.366  9.890   -2.947  1.00 26.56 ? 42   TYR A CE1 1 
ATOM   292  C  CE2 . TYR A 1 52  ? 9.771   8.151   -2.480  1.00 25.47 ? 42   TYR A CE2 1 
ATOM   293  C  CZ  . TYR A 1 52  ? 11.072  8.634   -2.437  1.00 26.43 ? 42   TYR A CZ  1 
ATOM   294  O  OH  . TYR A 1 52  ? 12.065  7.856   -1.865  1.00 26.55 ? 42   TYR A OH  1 
ATOM   295  N  N   . ALA A 1 53  ? 5.990   12.550  -6.221  1.00 28.18 ? 43   ALA A N   1 
ATOM   296  C  CA  . ALA A 1 53  ? 4.625   13.022  -6.391  1.00 28.97 ? 43   ALA A CA  1 
ATOM   297  C  C   . ALA A 1 53  ? 3.883   12.345  -7.556  1.00 29.41 ? 43   ALA A C   1 
ATOM   298  O  O   . ALA A 1 53  ? 2.820   11.778  -7.361  1.00 28.70 ? 43   ALA A O   1 
ATOM   299  C  CB  . ALA A 1 53  ? 4.607   14.535  -6.567  1.00 28.95 ? 43   ALA A CB  1 
ATOM   300  N  N   . SER A 1 54  ? 4.449   12.401  -8.752  1.00 30.02 ? 44   SER A N   1 
ATOM   301  C  CA  . SER A 1 54  ? 3.763   11.877  -9.932  1.00 32.63 ? 44   SER A CA  1 
ATOM   302  C  C   . SER A 1 54  ? 3.560   10.354  -9.874  1.00 32.26 ? 44   SER A C   1 
ATOM   303  O  O   . SER A 1 54  ? 2.438   9.860   -10.069 1.00 32.25 ? 44   SER A O   1 
ATOM   304  C  CB  . SER A 1 54  ? 4.513   12.267  -11.200 1.00 33.12 ? 44   SER A CB  1 
ATOM   305  O  OG  . SER A 1 54  ? 3.756   11.864  -12.323 1.00 39.77 ? 44   SER A OG  1 
ATOM   306  N  N   . LEU A 1 55  ? 4.624   9.628   -9.525  1.00 31.83 ? 45   LEU A N   1 
ATOM   307  C  CA  . LEU A 1 55  ? 4.580   8.161   -9.443  1.00 31.13 ? 45   LEU A CA  1 
ATOM   308  C  C   . LEU A 1 55  ? 3.694   7.681   -8.308  1.00 30.57 ? 45   LEU A C   1 
ATOM   309  O  O   . LEU A 1 55  ? 2.987   6.673   -8.429  1.00 31.55 ? 45   LEU A O   1 
ATOM   310  C  CB  . LEU A 1 55  ? 5.998   7.606   -9.291  1.00 31.44 ? 45   LEU A CB  1 
ATOM   311  C  CG  . LEU A 1 55  ? 6.808   7.811   -10.570 1.00 33.64 ? 45   LEU A CG  1 
ATOM   312  C  CD1 . LEU A 1 55  ? 8.305   7.776   -10.313 1.00 33.75 ? 45   LEU A CD1 1 
ATOM   313  C  CD2 . LEU A 1 55  ? 6.376   6.819   -11.672 1.00 34.62 ? 45   LEU A CD2 1 
ATOM   314  N  N   . MET A 1 56  ? 3.699   8.409   -7.204  1.00 28.79 ? 46   MET A N   1 
ATOM   315  C  CA  . MET A 1 56  ? 2.890   8.008   -6.085  1.00 28.17 ? 46   MET A CA  1 
ATOM   316  C  C   . MET A 1 56  ? 1.401   8.243   -6.368  1.00 29.00 ? 46   MET A C   1 
ATOM   317  O  O   . MET A 1 56  ? 0.564   7.490   -5.889  1.00 28.45 ? 46   MET A O   1 
ATOM   318  C  CB  . MET A 1 56  ? 3.311   8.709   -4.793  1.00 27.15 ? 46   MET A CB  1 
ATOM   319  C  CG  . MET A 1 56  ? 4.538   8.085   -4.100  1.00 26.02 ? 46   MET A CG  1 
ATOM   320  S  SD  . MET A 1 56  ? 4.386   6.311   -3.736  1.00 25.07 ? 46   MET A SD  1 
ATOM   321  C  CE  . MET A 1 56  ? 3.001   6.365   -2.586  1.00 22.13 ? 46   MET A CE  1 
ATOM   322  N  N   . HIS A 1 57  ? 1.080   9.289   -7.126  1.00 29.38 ? 47   HIS A N   1 
ATOM   323  C  CA  . HIS A 1 57  ? -0.314  9.651   -7.377  1.00 29.42 ? 47   HIS A CA  1 
ATOM   324  C  C   . HIS A 1 57  ? -1.048  8.522   -8.120  1.00 28.50 ? 47   HIS A C   1 
ATOM   325  O  O   . HIS A 1 57  ? -2.131  8.122   -7.715  1.00 28.17 ? 47   HIS A O   1 
ATOM   326  C  CB  . HIS A 1 57  ? -0.398  10.973  -8.139  1.00 30.59 ? 47   HIS A CB  1 
ATOM   327  C  CG  . HIS A 1 57  ? -1.777  11.313  -8.621  1.00 31.75 ? 47   HIS A CG  1 
ATOM   328  N  ND1 . HIS A 1 57  ? -2.757  11.792  -7.783  1.00 33.73 ? 47   HIS A ND1 1 
ATOM   329  C  CD2 . HIS A 1 57  ? -2.336  11.234  -9.852  1.00 32.35 ? 47   HIS A CD2 1 
ATOM   330  C  CE1 . HIS A 1 57  ? -3.859  12.005  -8.479  1.00 33.65 ? 47   HIS A CE1 1 
ATOM   331  N  NE2 . HIS A 1 57  ? -3.629  11.673  -9.738  1.00 32.65 ? 47   HIS A NE2 1 
ATOM   332  N  N   . SER A 1 58  ? -0.422  8.017   -9.178  1.00 27.02 ? 48   SER A N   1 
ATOM   333  C  CA  . SER A 1 58  ? -0.898  6.892   -9.964  1.00 26.61 ? 48   SER A CA  1 
ATOM   334  C  C   . SER A 1 58  ? -1.171  5.622   -9.107  1.00 25.38 ? 48   SER A C   1 
ATOM   335  O  O   . SER A 1 58  ? -2.205  4.943   -9.242  1.00 23.85 ? 48   SER A O   1 
ATOM   336  C  CB  . SER A 1 58  ? 0.176   6.573   -10.992 1.00 27.90 ? 48   SER A CB  1 
ATOM   337  O  OG  . SER A 1 58  ? -0.298  5.661   -11.949 1.00 31.08 ? 48   SER A OG  1 
ATOM   338  N  N   . PHE A 1 59  ? -0.227  5.327   -8.223  1.00 22.99 ? 49   PHE A N   1 
ATOM   339  C  CA  . PHE A 1 59  ? -0.285  4.180   -7.350  1.00 22.43 ? 49   PHE A CA  1 
ATOM   340  C  C   . PHE A 1 59  ? -1.424  4.366   -6.338  1.00 21.22 ? 49   PHE A C   1 
ATOM   341  O  O   . PHE A 1 59  ? -2.175  3.440   -6.062  1.00 20.60 ? 49   PHE A O   1 
ATOM   342  C  CB  . PHE A 1 59  ? 1.052   3.999   -6.610  1.00 21.98 ? 49   PHE A CB  1 
ATOM   343  C  CG  . PHE A 1 59  ? 1.001   2.942   -5.544  1.00 25.09 ? 49   PHE A CG  1 
ATOM   344  C  CD1 . PHE A 1 59  ? 0.625   1.641   -5.854  1.00 25.91 ? 49   PHE A CD1 1 
ATOM   345  C  CD2 . PHE A 1 59  ? 1.265   3.257   -4.222  1.00 28.24 ? 49   PHE A CD2 1 
ATOM   346  C  CE1 . PHE A 1 59  ? 0.561   0.658   -4.875  1.00 26.47 ? 49   PHE A CE1 1 
ATOM   347  C  CE2 . PHE A 1 59  ? 1.203   2.263   -3.240  1.00 29.70 ? 49   PHE A CE2 1 
ATOM   348  C  CZ  . PHE A 1 59  ? 0.855   0.960   -3.582  1.00 26.20 ? 49   PHE A CZ  1 
ATOM   349  N  N   . ILE A 1 60  ? -1.555  5.569   -5.806  1.00 21.58 ? 50   ILE A N   1 
ATOM   350  C  CA  . ILE A 1 60  ? -2.622  5.879   -4.847  1.00 21.80 ? 50   ILE A CA  1 
ATOM   351  C  C   . ILE A 1 60  ? -4.037  5.750   -5.455  1.00 21.81 ? 50   ILE A C   1 
ATOM   352  O  O   . ILE A 1 60  ? -4.942  5.211   -4.820  1.00 20.90 ? 50   ILE A O   1 
ATOM   353  C  CB  . ILE A 1 60  ? -2.405  7.263   -4.214  1.00 23.00 ? 50   ILE A CB  1 
ATOM   354  C  CG1 . ILE A 1 60  ? -1.096  7.287   -3.411  1.00 23.04 ? 50   ILE A CG1 1 
ATOM   355  C  CG2 . ILE A 1 60  ? -3.598  7.638   -3.291  1.00 23.93 ? 50   ILE A CG2 1 
ATOM   356  C  CD1 . ILE A 1 60  ? -0.599  8.733   -3.105  1.00 27.71 ? 50   ILE A CD1 1 
ATOM   357  N  N   . LEU A 1 61  ? -4.221  6.232   -6.683  1.00 21.27 ? 51   LEU A N   1 
ATOM   358  C  CA  . LEU A 1 61  ? -5.497  6.040   -7.384  1.00 21.91 ? 51   LEU A CA  1 
ATOM   359  C  C   . LEU A 1 61  ? -5.813  4.553   -7.541  1.00 21.04 ? 51   LEU A C   1 
ATOM   360  O  O   . LEU A 1 61  ? -6.964  4.151   -7.429  1.00 20.66 ? 51   LEU A O   1 
ATOM   361  C  CB  . LEU A 1 61  ? -5.499  6.709   -8.774  1.00 22.40 ? 51   LEU A CB  1 
ATOM   362  C  CG  . LEU A 1 61  ? -5.301  8.236   -8.848  1.00 25.72 ? 51   LEU A CG  1 
ATOM   363  C  CD1 . LEU A 1 61  ? -5.363  8.734   -10.302 1.00 29.45 ? 51   LEU A CD1 1 
ATOM   364  C  CD2 . LEU A 1 61  ? -6.303  8.996   -7.975  1.00 28.58 ? 51   LEU A CD2 1 
ATOM   365  N  N   . LYS A 1 62  ? -4.786  3.745   -7.797  1.00 19.54 ? 52   LYS A N   1 
ATOM   366  C  CA  . LYS A 1 62  ? -4.961  2.302   -7.953  1.00 19.56 ? 52   LYS A CA  1 
ATOM   367  C  C   . LYS A 1 62  ? -5.332  1.641   -6.634  1.00 18.82 ? 52   LYS A C   1 
ATOM   368  O  O   . LYS A 1 62  ? -6.209  0.766   -6.613  1.00 19.14 ? 52   LYS A O   1 
ATOM   369  C  CB  . LYS A 1 62  ? -3.707  1.670   -8.568  1.00 18.99 ? 52   LYS A CB  1 
ATOM   370  C  CG  . LYS A 1 62  ? -3.783  0.173   -8.836  1.00 21.84 ? 52   LYS A CG  1 
ATOM   371  C  CD  . LYS A 1 62  ? -4.846  -0.171  -9.866  1.00 26.35 ? 52   LYS A CD  1 
ATOM   372  C  CE  . LYS A 1 62  ? -4.699  -1.643  -10.261 1.00 30.01 ? 52   LYS A CE  1 
ATOM   373  N  NZ  . LYS A 1 62  ? -5.981  -2.138  -10.877 1.00 33.68 ? 52   LYS A NZ  1 
ATOM   374  N  N   . ALA A 1 63  ? -4.675  2.048   -5.540  1.00 18.52 ? 53   ALA A N   1 
ATOM   375  C  CA  . ALA A 1 63  ? -5.031  1.549   -4.200  1.00 18.95 ? 53   ALA A CA  1 
ATOM   376  C  C   . ALA A 1 63  ? -6.492  1.867   -3.878  1.00 18.86 ? 53   ALA A C   1 
ATOM   377  O  O   . ALA A 1 63  ? -7.247  1.016   -3.400  1.00 18.55 ? 53   ALA A O   1 
ATOM   378  C  CB  . ALA A 1 63  ? -4.116  2.134   -3.132  1.00 18.21 ? 53   ALA A CB  1 
ATOM   379  N  N   . ARG A 1 64  ? -6.878  3.105   -4.137  1.00 19.57 ? 54   ARG A N   1 
ATOM   380  C  CA  . ARG A 1 64  ? -8.244  3.540   -3.834  1.00 20.18 ? 54   ARG A CA  1 
ATOM   381  C  C   . ARG A 1 64  ? -9.248  2.765   -4.705  1.00 19.32 ? 54   ARG A C   1 
ATOM   382  O  O   . ARG A 1 64  ? -10.229 2.233   -4.182  1.00 19.18 ? 54   ARG A O   1 
ATOM   383  C  CB  . ARG A 1 64  ? -8.362  5.057   -4.048  1.00 20.28 ? 54   ARG A CB  1 
ATOM   384  C  CG  . ARG A 1 64  ? -9.660  5.655   -3.482  1.00 24.18 ? 54   ARG A CG  1 
ATOM   385  C  CD  . ARG A 1 64  ? -9.690  7.163   -3.622  1.00 26.14 ? 54   ARG A CD  1 
ATOM   386  N  NE  . ARG A 1 64  ? -9.596  7.525   -5.029  1.00 32.93 ? 54   ARG A NE  1 
ATOM   387  C  CZ  . ARG A 1 64  ? -9.379  8.761   -5.476  1.00 37.07 ? 54   ARG A CZ  1 
ATOM   388  N  NH1 . ARG A 1 64  ? -9.260  9.771   -4.617  1.00 38.00 ? 54   ARG A NH1 1 
ATOM   389  N  NH2 . ARG A 1 64  ? -9.305  8.984   -6.787  1.00 38.11 ? 54   ARG A NH2 1 
ATOM   390  N  N   . SER A 1 65  ? -9.001  2.672   -6.019  1.00 19.29 ? 55   SER A N   1 
ATOM   391  C  CA  . SER A 1 65  ? -9.948  1.966   -6.915  1.00 19.31 ? 55   SER A CA  1 
ATOM   392  C  C   . SER A 1 65  ? -10.028 0.463   -6.649  1.00 19.17 ? 55   SER A C   1 
ATOM   393  O  O   . SER A 1 65  ? -11.094 -0.153  -6.809  1.00 20.40 ? 55   SER A O   1 
ATOM   394  C  CB  . SER A 1 65  ? -9.630  2.207   -8.397  1.00 19.69 ? 55   SER A CB  1 
ATOM   395  O  OG  . SER A 1 65  ? -8.468  1.474   -8.765  1.00 21.77 ? 55   SER A OG  1 
ATOM   396  N  N   . THR A 1 66  ? -8.913  -0.146  -6.230  1.00 18.46 ? 56   THR A N   1 
ATOM   397  C  CA  . THR A 1 66  ? -8.891  -1.576  -5.873  1.00 17.37 ? 56   THR A CA  1 
ATOM   398  C  C   . THR A 1 66  ? -9.752  -1.899  -4.663  1.00 16.73 ? 56   THR A C   1 
ATOM   399  O  O   . THR A 1 66  ? -10.495 -2.901  -4.657  1.00 16.21 ? 56   THR A O   1 
ATOM   400  C  CB  . THR A 1 66  ? -7.433  -2.061  -5.584  1.00 17.97 ? 56   THR A CB  1 
ATOM   401  O  OG1 . THR A 1 66  ? -6.632  -1.863  -6.758  1.00 19.95 ? 56   THR A OG1 1 
ATOM   402  C  CG2 . THR A 1 66  ? -7.405  -3.523  -5.161  1.00 16.87 ? 56   THR A CG2 1 
ATOM   403  N  N   . VAL A 1 67  ? -9.624  -1.095  -3.610  1.00 16.82 ? 57   VAL A N   1 
ATOM   404  C  CA  . VAL A 1 67  ? -10.477 -1.256  -2.417  1.00 17.30 ? 57   VAL A CA  1 
ATOM   405  C  C   . VAL A 1 67  ? -11.976 -1.277  -2.822  1.00 18.27 ? 57   VAL A C   1 
ATOM   406  O  O   . VAL A 1 67  ? -12.751 -2.139  -2.369  1.00 18.25 ? 57   VAL A O   1 
ATOM   407  C  CB  . VAL A 1 67  ? -10.179 -0.166  -1.352  1.00 17.37 ? 57   VAL A CB  1 
ATOM   408  C  CG1 . VAL A 1 67  ? -11.306 -0.090  -0.304  1.00 15.62 ? 57   VAL A CG1 1 
ATOM   409  C  CG2 . VAL A 1 67  ? -8.823  -0.442  -0.655  1.00 17.42 ? 57   VAL A CG2 1 
ATOM   410  N  N   . ARG A 1 68  ? -12.353 -0.342  -3.698  1.00 18.75 ? 58   ARG A N   1 
ATOM   411  C  CA  . ARG A 1 68  ? -13.739 -0.214  -4.170  1.00 20.44 ? 58   ARG A CA  1 
ATOM   412  C  C   . ARG A 1 68  ? -14.182 -1.307  -5.135  1.00 21.10 ? 58   ARG A C   1 
ATOM   413  O  O   . ARG A 1 68  ? -15.353 -1.692  -5.116  1.00 21.21 ? 58   ARG A O   1 
ATOM   414  C  CB  . ARG A 1 68  ? -13.967 1.145   -4.807  1.00 20.49 ? 58   ARG A CB  1 
ATOM   415  C  CG  . ARG A 1 68  ? -13.908 2.294   -3.837  1.00 24.64 ? 58   ARG A CG  1 
ATOM   416  C  CD  . ARG A 1 68  ? -14.014 3.572   -4.634  1.00 32.94 ? 58   ARG A CD  1 
ATOM   417  N  NE  . ARG A 1 68  ? -13.567 4.765   -3.920  1.00 36.99 ? 58   ARG A NE  1 
ATOM   418  C  CZ  . ARG A 1 68  ? -14.034 5.984   -4.166  1.00 38.82 ? 58   ARG A CZ  1 
ATOM   419  N  NH1 . ARG A 1 68  ? -15.011 6.138   -5.066  1.00 41.41 ? 58   ARG A NH1 1 
ATOM   420  N  NH2 . ARG A 1 68  ? -13.567 7.037   -3.489  1.00 36.63 ? 58   ARG A NH2 1 
ATOM   421  N  N   . ASP A 1 69  ? -13.269 -1.810  -5.976  1.00 21.41 ? 59   ASP A N   1 
ATOM   422  C  CA  . ASP A 1 69  ? -13.599 -2.935  -6.860  1.00 21.94 ? 59   ASP A CA  1 
ATOM   423  C  C   . ASP A 1 69  ? -13.811 -4.205  -6.049  1.00 21.82 ? 59   ASP A C   1 
ATOM   424  O  O   . ASP A 1 69  ? -14.591 -5.065  -6.440  1.00 21.09 ? 59   ASP A O   1 
ATOM   425  C  CB  . ASP A 1 69  ? -12.499 -3.193  -7.872  1.00 23.66 ? 59   ASP A CB  1 
ATOM   426  C  CG  . ASP A 1 69  ? -12.434 -2.131  -8.945  1.00 25.73 ? 59   ASP A CG  1 
ATOM   427  O  OD1 . ASP A 1 69  ? -13.474 -1.527  -9.292  1.00 32.12 ? 59   ASP A OD1 1 
ATOM   428  O  OD2 . ASP A 1 69  ? -11.321 -1.897  -9.423  1.00 33.25 ? 59   ASP A OD2 1 
ATOM   429  N  N   . ILE A 1 70  ? -13.095 -4.322  -4.933  1.00 20.50 ? 60   ILE A N   1 
ATOM   430  C  CA  . ILE A 1 70  ? -13.299 -5.436  -4.031  1.00 20.36 ? 60   ILE A CA  1 
ATOM   431  C  C   . ILE A 1 70  ? -14.608 -5.280  -3.231  1.00 20.64 ? 60   ILE A C   1 
ATOM   432  O  O   . ILE A 1 70  ? -15.335 -6.256  -3.076  1.00 21.34 ? 60   ILE A O   1 
ATOM   433  C  CB  . ILE A 1 70  ? -12.090 -5.673  -3.103  1.00 20.18 ? 60   ILE A CB  1 
ATOM   434  C  CG1 . ILE A 1 70  ? -10.864 -6.111  -3.930  1.00 20.15 ? 60   ILE A CG1 1 
ATOM   435  C  CG2 . ILE A 1 70  ? -12.418 -6.749  -2.039  1.00 21.43 ? 60   ILE A CG2 1 
ATOM   436  C  CD1 . ILE A 1 70  ? -9.565  -6.093  -3.126  1.00 20.74 ? 60   ILE A CD1 1 
ATOM   437  N  N   . ASP A 1 71  ? -14.899 -4.077  -2.726  1.00 19.24 ? 61   ASP A N   1 
ATOM   438  C  CA  . ASP A 1 71  ? -16.125 -3.847  -1.956  1.00 18.55 ? 61   ASP A CA  1 
ATOM   439  C  C   . ASP A 1 71  ? -16.535 -2.419  -2.244  1.00 19.24 ? 61   ASP A C   1 
ATOM   440  O  O   . ASP A 1 71  ? -15.954 -1.487  -1.711  1.00 18.25 ? 61   ASP A O   1 
ATOM   441  C  CB  . ASP A 1 71  ? -15.907 -4.056  -0.440  1.00 18.35 ? 61   ASP A CB  1 
ATOM   442  C  CG  . ASP A 1 71  ? -17.148 -3.691  0.402   1.00 19.06 ? 61   ASP A CG  1 
ATOM   443  O  OD1 . ASP A 1 71  ? -17.082 -3.737  1.652   1.00 21.09 ? 61   ASP A OD1 1 
ATOM   444  O  OD2 . ASP A 1 71  ? -18.181 -3.333  -0.181  1.00 18.96 ? 61   ASP A OD2 1 
ATOM   445  N  N   . PRO A 1 72  ? -17.537 -2.256  -3.109  1.00 20.16 ? 62   PRO A N   1 
ATOM   446  C  CA  . PRO A 1 72  ? -18.049 -0.935  -3.468  1.00 19.90 ? 62   PRO A CA  1 
ATOM   447  C  C   . PRO A 1 72  ? -18.391 -0.050  -2.268  1.00 20.22 ? 62   PRO A C   1 
ATOM   448  O  O   . PRO A 1 72  ? -18.378 1.178   -2.365  1.00 20.79 ? 62   PRO A O   1 
ATOM   449  C  CB  . PRO A 1 72  ? -19.270 -1.127  -4.386  1.00 20.39 ? 62   PRO A CB  1 
ATOM   450  N  N   . GLN A 1 73  ? -18.684 -0.653  -1.119  1.00 19.76 ? 63   GLN A N   1 
ATOM   451  C  CA  . GLN A 1 73  ? -19.074 0.147   0.037   1.00 19.89 ? 63   GLN A CA  1 
ATOM   452  C  C   . GLN A 1 73  ? -17.916 0.470   0.995   1.00 20.37 ? 63   GLN A C   1 
ATOM   453  O  O   . GLN A 1 73  ? -18.135 1.079   2.049   1.00 21.23 ? 63   GLN A O   1 
ATOM   454  C  CB  . GLN A 1 73  ? -20.220 -0.547  0.794   1.00 20.18 ? 63   GLN A CB  1 
ATOM   455  C  CG  . GLN A 1 73  ? -21.390 -0.915  -0.116  1.00 19.11 ? 63   GLN A CG  1 
ATOM   456  C  CD  . GLN A 1 73  ? -22.033 0.308   -0.801  1.00 19.28 ? 63   GLN A CD  1 
ATOM   457  O  OE1 . GLN A 1 73  ? -21.992 1.421   -0.285  1.00 19.87 ? 63   GLN A OE1 1 
ATOM   458  N  NE2 . GLN A 1 73  ? -22.644 0.090   -1.949  1.00 21.40 ? 63   GLN A NE2 1 
ATOM   459  N  N   . ASN A 1 74  ? -16.705 0.026   0.647   1.00 19.33 ? 64   ASN A N   1 
ATOM   460  C  CA  . ASN A 1 74  ? -15.510 0.254   1.484   1.00 19.04 ? 64   ASN A CA  1 
ATOM   461  C  C   . ASN A 1 74  ? -14.763 1.506   0.968   1.00 18.96 ? 64   ASN A C   1 
ATOM   462  O  O   . ASN A 1 74  ? -15.092 2.025   -0.106  1.00 18.38 ? 64   ASN A O   1 
ATOM   463  C  CB  . ASN A 1 74  ? -14.605 -1.000  1.391   1.00 18.43 ? 64   ASN A CB  1 
ATOM   464  C  CG  . ASN A 1 74  ? -13.641 -1.150  2.572   1.00 19.22 ? 64   ASN A CG  1 
ATOM   465  O  OD1 . ASN A 1 74  ? -13.662 -0.379  3.541   1.00 18.03 ? 64   ASN A OD1 1 
ATOM   466  N  ND2 . ASN A 1 74  ? -12.782 -2.151  2.482   1.00 20.43 ? 64   ASN A ND2 1 
ATOM   467  N  N   . ASP A 1 75  ? -13.779 1.983   1.738   1.00 18.80 ? 65   ASP A N   1 
ATOM   468  C  CA  . ASP A 1 75  ? -12.948 3.150   1.405   1.00 18.96 ? 65   ASP A CA  1 
ATOM   469  C  C   . ASP A 1 75  ? -11.566 2.948   1.975   1.00 18.94 ? 65   ASP A C   1 
ATOM   470  O  O   . ASP A 1 75  ? -11.421 2.665   3.158   1.00 18.56 ? 65   ASP A O   1 
ATOM   471  C  CB  . ASP A 1 75  ? -13.487 4.435   2.049   1.00 19.12 ? 65   ASP A CB  1 
ATOM   472  C  CG  . ASP A 1 75  ? -14.750 4.961   1.343   1.00 23.22 ? 65   ASP A CG  1 
ATOM   473  O  OD1 . ASP A 1 75  ? -14.634 5.483   0.215   1.00 22.88 ? 65   ASP A OD1 1 
ATOM   474  O  OD2 . ASP A 1 75  ? -15.837 4.820   1.916   1.00 25.69 ? 65   ASP A OD2 1 
ATOM   475  N  N   . LEU A 1 76  ? -10.562 3.147   1.136   1.00 19.32 ? 66   LEU A N   1 
ATOM   476  C  CA  . LEU A 1 76  ? -9.174  3.244   1.569   1.00 19.69 ? 66   LEU A CA  1 
ATOM   477  C  C   . LEU A 1 76  ? -9.013  4.339   2.629   1.00 20.08 ? 66   LEU A C   1 
ATOM   478  O  O   . LEU A 1 76  ? -9.503  5.455   2.449   1.00 20.42 ? 66   LEU A O   1 
ATOM   479  C  CB  . LEU A 1 76  ? -8.302  3.606   0.355   1.00 18.88 ? 66   LEU A CB  1 
ATOM   480  C  CG  . LEU A 1 76  ? -6.789  3.753   0.610   1.00 20.40 ? 66   LEU A CG  1 
ATOM   481  C  CD1 . LEU A 1 76  ? -6.189  2.385   0.816   1.00 18.46 ? 66   LEU A CD1 1 
ATOM   482  C  CD2 . LEU A 1 76  ? -6.130  4.469   -0.598  1.00 19.33 ? 66   LEU A CD2 1 
ATOM   483  N  N   . THR A 1 77  ? -8.318  4.028   3.710   1.00 19.55 ? 67   THR A N   1 
ATOM   484  C  CA  . THR A 1 77  ? -8.017  5.023   4.731   1.00 21.20 ? 67   THR A CA  1 
ATOM   485  C  C   . THR A 1 77  ? -6.516  5.215   4.981   1.00 21.67 ? 67   THR A C   1 
ATOM   486  O  O   . THR A 1 77  ? -6.115  6.260   5.488   1.00 22.02 ? 67   THR A O   1 
ATOM   487  C  CB  . THR A 1 77  ? -8.622  4.639   6.081   1.00 21.36 ? 67   THR A CB  1 
ATOM   488  O  OG1 . THR A 1 77  ? -8.175  3.328   6.420   1.00 21.49 ? 67   THR A OG1 1 
ATOM   489  C  CG2 . THR A 1 77  ? -10.145 4.667   6.029   1.00 20.95 ? 67   THR A CG2 1 
ATOM   490  N  N   . PHE A 1 78  ? -5.690  4.226   4.629   1.00 21.77 ? 68   PHE A N   1 
ATOM   491  C  CA  . PHE A 1 78  ? -4.252  4.316   4.924   1.00 22.42 ? 68   PHE A CA  1 
ATOM   492  C  C   . PHE A 1 78  ? -3.489  3.258   4.148   1.00 22.64 ? 68   PHE A C   1 
ATOM   493  O  O   . PHE A 1 78  ? -3.971  2.128   3.984   1.00 21.61 ? 68   PHE A O   1 
ATOM   494  C  CB  . PHE A 1 78  ? -4.014  4.106   6.425   1.00 23.69 ? 68   PHE A CB  1 
ATOM   495  C  CG  . PHE A 1 78  ? -2.586  4.326   6.857   1.00 27.84 ? 68   PHE A CG  1 
ATOM   496  C  CD1 . PHE A 1 78  ? -2.093  5.612   7.051   1.00 32.49 ? 68   PHE A CD1 1 
ATOM   497  C  CD2 . PHE A 1 78  ? -1.745  3.255   7.072   1.00 32.40 ? 68   PHE A CD2 1 
ATOM   498  C  CE1 . PHE A 1 78  ? -0.760  5.813   7.454   1.00 34.78 ? 68   PHE A CE1 1 
ATOM   499  C  CE2 . PHE A 1 78  ? -0.428  3.456   7.472   1.00 35.03 ? 68   PHE A CE2 1 
ATOM   500  C  CZ  . PHE A 1 78  ? 0.057   4.731   7.661   1.00 32.87 ? 68   PHE A CZ  1 
ATOM   501  N  N   . LEU A 1 79  ? -2.298  3.622   3.677   1.00 22.88 ? 69   LEU A N   1 
ATOM   502  C  CA  . LEU A 1 79  ? -1.432  2.713   2.932   1.00 24.24 ? 69   LEU A CA  1 
ATOM   503  C  C   . LEU A 1 79  ? -0.012  2.792   3.479   1.00 24.47 ? 69   LEU A C   1 
ATOM   504  O  O   . LEU A 1 79  ? 0.500   3.892   3.703   1.00 24.49 ? 69   LEU A O   1 
ATOM   505  C  CB  . LEU A 1 79  ? -1.325  3.157   1.466   1.00 25.23 ? 69   LEU A CB  1 
ATOM   506  C  CG  . LEU A 1 79  ? -2.140  2.732   0.255   1.00 28.02 ? 69   LEU A CG  1 
ATOM   507  C  CD1 . LEU A 1 79  ? -1.747  3.647   -0.883  1.00 28.59 ? 69   LEU A CD1 1 
ATOM   508  C  CD2 . LEU A 1 79  ? -1.857  1.280   -0.139  1.00 30.94 ? 69   LEU A CD2 1 
ATOM   509  N  N   . ARG A 1 80  ? 0.641   1.646   3.638   1.00 23.57 ? 70   ARG A N   1 
ATOM   510  C  CA  . ARG A 1 80  ? 2.063   1.616   3.961   1.00 24.65 ? 70   ARG A CA  1 
ATOM   511  C  C   . ARG A 1 80  ? 2.760   0.699   2.953   1.00 24.57 ? 70   ARG A C   1 
ATOM   512  O  O   . ARG A 1 80  ? 2.360   -0.455  2.780   1.00 23.89 ? 70   ARG A O   1 
ATOM   513  C  CB  . ARG A 1 80  ? 2.304   1.122   5.392   1.00 24.69 ? 70   ARG A CB  1 
ATOM   514  C  CG  . ARG A 1 80  ? 3.819   1.062   5.768   1.00 28.42 ? 70   ARG A CG  1 
ATOM   515  C  CD  . ARG A 1 80  ? 4.077   0.477   7.181   1.00 31.59 ? 70   ARG A CD  1 
ATOM   516  N  NE  . ARG A 1 80  ? 3.170   1.024   8.203   1.00 33.81 ? 70   ARG A NE  1 
ATOM   517  C  CZ  . ARG A 1 80  ? 3.482   2.000   9.054   1.00 36.23 ? 70   ARG A CZ  1 
ATOM   518  N  NH1 . ARG A 1 80  ? 4.687   2.558   9.030   1.00 37.51 ? 70   ARG A NH1 1 
ATOM   519  N  NH2 . ARG A 1 80  ? 2.585   2.427   9.931   1.00 34.02 ? 70   ARG A NH2 1 
ATOM   520  N  N   . ILE A 1 81  ? 3.770   1.228   2.268   1.00 23.82 ? 71   ILE A N   1 
ATOM   521  C  CA  . ILE A 1 81  ? 4.504   0.457   1.270   1.00 24.49 ? 71   ILE A CA  1 
ATOM   522  C  C   . ILE A 1 81  ? 5.908   0.368   1.823   1.00 23.91 ? 71   ILE A C   1 
ATOM   523  O  O   . ILE A 1 81  ? 6.589   1.388   1.941   1.00 23.73 ? 71   ILE A O   1 
ATOM   524  C  CB  . ILE A 1 81  ? 4.559   1.182   -0.106  1.00 25.15 ? 71   ILE A CB  1 
ATOM   525  C  CG1 . ILE A 1 81  ? 3.172   1.588   -0.583  1.00 27.85 ? 71   ILE A CG1 1 
ATOM   526  C  CG2 . ILE A 1 81  ? 5.249   0.328   -1.170  1.00 27.90 ? 71   ILE A CG2 1 
ATOM   527  C  CD1 . ILE A 1 81  ? 2.907   3.109   -0.467  1.00 33.24 ? 71   ILE A CD1 1 
ATOM   528  N  N   . ARG A 1 82  ? 6.323   -0.830  2.202   1.00 22.06 ? 72   ARG A N   1 
ATOM   529  C  CA  . ARG A 1 82  ? 7.642   -1.015  2.744   1.00 22.74 ? 72   ARG A CA  1 
ATOM   530  C  C   . ARG A 1 82  ? 8.536   -1.639  1.671   1.00 21.91 ? 72   ARG A C   1 
ATOM   531  O  O   . ARG A 1 82  ? 8.090   -2.497  0.916   1.00 20.53 ? 72   ARG A O   1 
ATOM   532  C  CB  . ARG A 1 82  ? 7.549   -1.901  3.974   1.00 23.43 ? 72   ARG A CB  1 
ATOM   533  C  CG  . ARG A 1 82  ? 8.835   -2.151  4.696   1.00 28.19 ? 72   ARG A CG  1 
ATOM   534  C  CD  . ARG A 1 82  ? 8.569   -3.213  5.759   1.00 37.08 ? 72   ARG A CD  1 
ATOM   535  N  NE  . ARG A 1 82  ? 8.112   -2.673  7.042   1.00 44.93 ? 72   ARG A NE  1 
ATOM   536  C  CZ  . ARG A 1 82  ? 6.854   -2.362  7.354   1.00 46.83 ? 72   ARG A CZ  1 
ATOM   537  N  NH1 . ARG A 1 82  ? 5.884   -2.506  6.463   1.00 50.24 ? 72   ARG A NH1 1 
ATOM   538  N  NH2 . ARG A 1 82  ? 6.569   -1.892  8.567   1.00 47.68 ? 72   ARG A NH2 1 
ATOM   539  N  N   . SER A 1 83  ? 9.777   -1.174  1.591   1.00 21.08 ? 73   SER A N   1 
ATOM   540  C  CA  . SER A 1 83  ? 10.751  -1.709  0.653   1.00 21.11 ? 73   SER A CA  1 
ATOM   541  C  C   . SER A 1 83  ? 12.079  -1.917  1.382   1.00 21.98 ? 73   SER A C   1 
ATOM   542  O  O   . SER A 1 83  ? 12.200  -1.590  2.570   1.00 21.53 ? 73   SER A O   1 
ATOM   543  C  CB  . SER A 1 83  ? 10.945  -0.738  -0.501  1.00 20.66 ? 73   SER A CB  1 
ATOM   544  O  OG  . SER A 1 83  ? 11.448  0.505   -0.009  1.00 21.67 ? 73   SER A OG  1 
ATOM   545  N  N   . LYS A 1 84  ? 13.061  -2.460  0.668   1.00 22.49 ? 74   LYS A N   1 
ATOM   546  C  CA  . LYS A 1 84  ? 14.398  -2.681  1.205   1.00 24.65 ? 74   LYS A CA  1 
ATOM   547  C  C   . LYS A 1 84  ? 15.018  -1.394  1.720   1.00 24.29 ? 74   LYS A C   1 
ATOM   548  O  O   . LYS A 1 84  ? 15.602  -1.391  2.791   1.00 24.64 ? 74   LYS A O   1 
ATOM   549  C  CB  . LYS A 1 84  ? 15.330  -3.308  0.153   1.00 25.03 ? 74   LYS A CB  1 
ATOM   550  C  CG  . LYS A 1 84  ? 14.941  -4.737  -0.216  1.00 31.82 ? 74   LYS A CG  1 
ATOM   551  C  CD  . LYS A 1 84  ? 15.324  -5.766  0.875   1.00 39.48 ? 74   LYS A CD  1 
ATOM   552  C  CE  . LYS A 1 84  ? 15.238  -7.205  0.344   1.00 42.75 ? 74   LYS A CE  1 
ATOM   553  N  NZ  . LYS A 1 84  ? 14.863  -8.218  1.400   1.00 45.07 ? 74   LYS A NZ  1 
ATOM   554  N  N   . LYS A 1 85  ? 14.853  -0.297  0.992   1.00 23.83 ? 75   LYS A N   1 
ATOM   555  C  CA  . LYS A 1 85  ? 15.552  0.930   1.354   1.00 24.41 ? 75   LYS A CA  1 
ATOM   556  C  C   . LYS A 1 85  ? 14.732  1.896   2.196   1.00 24.91 ? 75   LYS A C   1 
ATOM   557  O  O   . LYS A 1 85  ? 15.283  2.753   2.894   1.00 24.74 ? 75   LYS A O   1 
ATOM   558  C  CB  . LYS A 1 85  ? 16.013  1.652   0.102   1.00 24.93 ? 75   LYS A CB  1 
ATOM   559  C  CG  . LYS A 1 85  ? 17.068  0.920   -0.732  1.00 25.98 ? 75   LYS A CG  1 
ATOM   560  C  CD  . LYS A 1 85  ? 17.637  2.000   -1.631  1.00 27.23 ? 75   LYS A CD  1 
ATOM   561  C  CE  . LYS A 1 85  ? 18.650  1.513   -2.597  1.00 29.15 ? 75   LYS A CE  1 
ATOM   562  N  NZ  . LYS A 1 85  ? 18.928  2.698   -3.470  1.00 28.56 ? 75   LYS A NZ  1 
ATOM   563  N  N   . ASN A 1 86  ? 13.407  1.803   2.113   1.00 24.20 ? 76   ASN A N   1 
ATOM   564  C  CA  . ASN A 1 86  ? 12.596  2.765   2.834   1.00 23.94 ? 76   ASN A CA  1 
ATOM   565  C  C   . ASN A 1 86  ? 11.159  2.312   2.996   1.00 23.98 ? 76   ASN A C   1 
ATOM   566  O  O   . ASN A 1 86  ? 10.834  1.156   2.720   1.00 22.93 ? 76   ASN A O   1 
ATOM   567  C  CB  . ASN A 1 86  ? 12.696  4.160   2.178   1.00 24.43 ? 76   ASN A CB  1 
ATOM   568  C  CG  . ASN A 1 86  ? 12.086  4.206   0.773   1.00 25.54 ? 76   ASN A CG  1 
ATOM   569  O  OD1 . ASN A 1 86  ? 11.306  3.333   0.386   1.00 26.15 ? 76   ASN A OD1 1 
ATOM   570  N  ND2 . ASN A 1 86  ? 12.422  5.244   0.019   1.00 25.41 ? 76   ASN A ND2 1 
ATOM   571  N  N   . GLU A 1 87  ? 10.308  3.247   3.412   1.00 24.09 ? 77   GLU A N   1 
ATOM   572  C  CA  . GLU A 1 87  ? 8.918   2.970   3.702   1.00 24.90 ? 77   GLU A CA  1 
ATOM   573  C  C   . GLU A 1 87  ? 8.132   4.231   3.346   1.00 24.10 ? 77   GLU A C   1 
ATOM   574  O  O   . GLU A 1 87  ? 8.581   5.350   3.638   1.00 23.82 ? 77   GLU A O   1 
ATOM   575  C  CB  . GLU A 1 87  ? 8.829   2.649   5.189   1.00 25.84 ? 77   GLU A CB  1 
ATOM   576  C  CG  . GLU A 1 87  ? 7.590   2.010   5.690   1.00 30.19 ? 77   GLU A CG  1 
ATOM   577  C  CD  . GLU A 1 87  ? 7.811   1.525   7.124   1.00 34.20 ? 77   GLU A CD  1 
ATOM   578  O  OE1 . GLU A 1 87  ? 8.495   0.492   7.305   1.00 38.50 ? 77   GLU A OE1 1 
ATOM   579  O  OE2 . GLU A 1 87  ? 7.344   2.195   8.063   1.00 36.79 ? 77   GLU A OE2 1 
ATOM   580  N  N   . ILE A 1 88  ? 6.999   4.060   2.674   1.00 22.37 ? 78   ILE A N   1 
ATOM   581  C  CA  . ILE A 1 88  ? 6.142   5.188   2.318   1.00 22.47 ? 78   ILE A CA  1 
ATOM   582  C  C   . ILE A 1 88  ? 4.743   5.000   2.914   1.00 22.67 ? 78   ILE A C   1 
ATOM   583  O  O   . ILE A 1 88  ? 4.122   3.955   2.725   1.00 22.22 ? 78   ILE A O   1 
ATOM   584  C  CB  . ILE A 1 88  ? 6.063   5.391   0.779   1.00 22.24 ? 78   ILE A CB  1 
ATOM   585  C  CG1 . ILE A 1 88  ? 7.478   5.521   0.177   1.00 22.30 ? 78   ILE A CG1 1 
ATOM   586  C  CG2 . ILE A 1 88  ? 5.222   6.629   0.436   1.00 21.05 ? 78   ILE A CG2 1 
ATOM   587  C  CD1 . ILE A 1 88  ? 7.514   5.451   -1.369  1.00 23.77 ? 78   ILE A CD1 1 
ATOM   588  N  N   . MET A 1 89  ? 4.265   6.003   3.649   1.00 22.27 ? 79   MET A N   1 
ATOM   589  C  CA  . MET A 1 89  ? 2.897   5.978   4.162   1.00 22.46 ? 79   MET A CA  1 
ATOM   590  C  C   . MET A 1 89  ? 2.075   6.992   3.412   1.00 22.36 ? 79   MET A C   1 
ATOM   591  O  O   . MET A 1 89  ? 2.591   8.064   3.071   1.00 22.09 ? 79   MET A O   1 
ATOM   592  C  CB  . MET A 1 89  ? 2.848   6.306   5.655   1.00 22.90 ? 79   MET A CB  1 
ATOM   593  C  CG  . MET A 1 89  ? 3.657   5.331   6.520   1.00 25.36 ? 79   MET A CG  1 
ATOM   594  S  SD  . MET A 1 89  ? 3.406   5.635   8.269   1.00 31.88 ? 79   MET A SD  1 
ATOM   595  C  CE  . MET A 1 89  ? 4.224   7.215   8.497   1.00 31.35 ? 79   MET A CE  1 
ATOM   596  N  N   . VAL A 1 90  ? 0.799   6.669   3.190   1.00 21.96 ? 80   VAL A N   1 
ATOM   597  C  CA  . VAL A 1 90  ? -0.142  7.557   2.504   1.00 22.37 ? 80   VAL A CA  1 
ATOM   598  C  C   . VAL A 1 90  ? -1.477  7.568   3.263   1.00 23.98 ? 80   VAL A C   1 
ATOM   599  O  O   . VAL A 1 90  ? -2.001  6.519   3.626   1.00 22.79 ? 80   VAL A O   1 
ATOM   600  C  CB  . VAL A 1 90  ? -0.369  7.136   1.043   1.00 22.14 ? 80   VAL A CB  1 
ATOM   601  C  CG1 . VAL A 1 90  ? -1.304  8.096   0.337   1.00 21.12 ? 80   VAL A CG1 1 
ATOM   602  C  CG2 . VAL A 1 90  ? 0.972   7.026   0.282   1.00 21.49 ? 80   VAL A CG2 1 
ATOM   603  N  N   . ALA A 1 91  ? -1.981  8.761   3.549   1.00 25.93 ? 81   ALA A N   1 
ATOM   604  C  CA  . ALA A 1 91  ? -3.321  8.929   4.118   1.00 28.60 ? 81   ALA A CA  1 
ATOM   605  C  C   . ALA A 1 91  ? -4.125  9.892   3.237   1.00 30.08 ? 81   ALA A C   1 
ATOM   606  O  O   . ALA A 1 91  ? -3.685  11.023  3.012   1.00 30.29 ? 81   ALA A O   1 
ATOM   607  C  CB  . ALA A 1 91  ? -3.231  9.452   5.549   1.00 28.50 ? 81   ALA A CB  1 
ATOM   608  N  N   . PRO A 1 92  ? -5.277  9.431   2.703   1.00 31.92 ? 82   PRO A N   1 
ATOM   609  C  CA  . PRO A 1 92  ? -6.372  10.222  2.080   1.00 33.32 ? 82   PRO A CA  1 
ATOM   610  C  C   . PRO A 1 92  ? -6.896  11.331  2.978   1.00 34.33 ? 82   PRO A C   1 
ATOM   611  O  O   . PRO A 1 92  ? -6.997  11.126  4.200   1.00 36.21 ? 82   PRO A O   1 
ATOM   612  C  CB  . PRO A 1 92  ? -7.490  9.197   1.921   1.00 33.74 ? 82   PRO A CB  1 
ATOM   613  C  CG  . PRO A 1 92  ? -6.767  7.902   1.762   1.00 33.25 ? 82   PRO A CG  1 
ATOM   614  C  CD  . PRO A 1 92  ? -5.573  7.987   2.662   1.00 32.46 ? 82   PRO A CD  1 
ATOM   615  N  N   . TYR A 1 96  ? -7.109  15.736  -0.751  1.00 36.34 ? 86   TYR A N   1 
ATOM   616  C  CA  . TYR A 1 96  ? -5.639  15.685  -0.628  1.00 36.20 ? 86   TYR A CA  1 
ATOM   617  C  C   . TYR A 1 96  ? -5.138  14.283  -0.282  1.00 34.37 ? 86   TYR A C   1 
ATOM   618  O  O   . TYR A 1 96  ? -5.869  13.477  0.284   1.00 32.96 ? 86   TYR A O   1 
ATOM   619  C  CB  . TYR A 1 96  ? -5.150  16.668  0.450   1.00 37.03 ? 86   TYR A CB  1 
ATOM   620  C  CG  . TYR A 1 96  ? -5.588  18.115  0.272   1.00 42.83 ? 86   TYR A CG  1 
ATOM   621  C  CD1 . TYR A 1 96  ? -5.887  18.637  -1.001  1.00 47.19 ? 86   TYR A CD1 1 
ATOM   622  C  CD2 . TYR A 1 96  ? -5.669  18.976  1.370   1.00 47.74 ? 86   TYR A CD2 1 
ATOM   623  C  CE1 . TYR A 1 96  ? -6.279  19.983  -1.171  1.00 50.66 ? 86   TYR A CE1 1 
ATOM   624  C  CE2 . TYR A 1 96  ? -6.053  20.335  1.210   1.00 51.29 ? 86   TYR A CE2 1 
ATOM   625  C  CZ  . TYR A 1 96  ? -6.355  20.821  -0.066  1.00 52.30 ? 86   TYR A CZ  1 
ATOM   626  O  OH  . TYR A 1 96  ? -6.731  22.140  -0.239  1.00 55.30 ? 86   TYR A OH  1 
ATOM   627  N  N   . PHE A 1 97  ? -3.881  14.004  -0.619  1.00 32.96 ? 87   PHE A N   1 
ATOM   628  C  CA  . PHE A 1 97  ? -3.206  12.831  -0.066  1.00 32.37 ? 87   PHE A CA  1 
ATOM   629  C  C   . PHE A 1 97  ? -1.935  13.280  0.650   1.00 30.89 ? 87   PHE A C   1 
ATOM   630  O  O   . PHE A 1 97  ? -1.160  14.058  0.104   1.00 29.85 ? 87   PHE A O   1 
ATOM   631  C  CB  . PHE A 1 97  ? -2.876  11.821  -1.168  1.00 32.70 ? 87   PHE A CB  1 
ATOM   632  C  CG  . PHE A 1 97  ? -4.094  11.206  -1.799  1.00 36.54 ? 87   PHE A CG  1 
ATOM   633  C  CD1 . PHE A 1 97  ? -4.825  10.227  -1.127  1.00 38.95 ? 87   PHE A CD1 1 
ATOM   634  C  CD2 . PHE A 1 97  ? -4.515  11.605  -3.062  1.00 39.85 ? 87   PHE A CD2 1 
ATOM   635  C  CE1 . PHE A 1 97  ? -5.965  9.656   -1.713  1.00 40.80 ? 87   PHE A CE1 1 
ATOM   636  C  CE2 . PHE A 1 97  ? -5.655  11.035  -3.657  1.00 40.47 ? 87   PHE A CE2 1 
ATOM   637  C  CZ  . PHE A 1 97  ? -6.374  10.072  -2.980  1.00 39.73 ? 87   PHE A CZ  1 
ATOM   638  N  N   . LEU A 1 98  ? -1.745  12.786  1.870   1.00 29.19 ? 88   LEU A N   1 
ATOM   639  C  CA  . LEU A 1 98  ? -0.543  13.046  2.626   1.00 27.91 ? 88   LEU A CA  1 
ATOM   640  C  C   . LEU A 1 98  ? 0.428   11.874  2.434   1.00 26.52 ? 88   LEU A C   1 
ATOM   641  O  O   . LEU A 1 98  ? 0.070   10.711  2.678   1.00 25.66 ? 88   LEU A O   1 
ATOM   642  C  CB  . LEU A 1 98  ? -0.897  13.205  4.102   1.00 28.67 ? 88   LEU A CB  1 
ATOM   643  C  CG  . LEU A 1 98  ? 0.291   13.464  5.030   1.00 30.97 ? 88   LEU A CG  1 
ATOM   644  C  CD1 . LEU A 1 98  ? 0.797   14.881  4.800   1.00 33.57 ? 88   LEU A CD1 1 
ATOM   645  C  CD2 . LEU A 1 98  ? -0.141  13.273  6.473   1.00 32.50 ? 88   LEU A CD2 1 
ATOM   646  N  N   . ILE A 1 99  ? 1.635   12.183  1.972   1.00 24.33 ? 89   ILE A N   1 
ATOM   647  C  CA  . ILE A 1 99  ? 2.662   11.187  1.722   1.00 22.87 ? 89   ILE A CA  1 
ATOM   648  C  C   . ILE A 1 99  ? 3.842   11.416  2.677   1.00 23.11 ? 89   ILE A C   1 
ATOM   649  O  O   . ILE A 1 99  ? 4.423   12.499  2.693   1.00 22.10 ? 89   ILE A O   1 
ATOM   650  C  CB  . ILE A 1 99  ? 3.187   11.279  0.277   1.00 22.74 ? 89   ILE A CB  1 
ATOM   651  C  CG1 . ILE A 1 99  ? 2.044   11.105  -0.750  1.00 23.31 ? 89   ILE A CG1 1 
ATOM   652  C  CG2 . ILE A 1 99  ? 4.332   10.263  0.060   1.00 20.79 ? 89   ILE A CG2 1 
ATOM   653  C  CD1 . ILE A 1 99  ? 2.370   11.648  -2.166  1.00 22.26 ? 89   ILE A CD1 1 
ATOM   654  N  N   . VAL A 1 100 ? 4.213   10.385  3.425   1.00 22.26 ? 90   VAL A N   1 
ATOM   655  C  CA  . VAL A 1 100 ? 5.354   10.441  4.338   1.00 22.39 ? 90   VAL A CA  1 
ATOM   656  C  C   . VAL A 1 100 ? 6.403   9.412   3.920   1.00 22.67 ? 90   VAL A C   1 
ATOM   657  O  O   . VAL A 1 100 ? 6.098   8.220   3.821   1.00 22.01 ? 90   VAL A O   1 
ATOM   658  C  CB  . VAL A 1 100 ? 4.947   10.148  5.797   1.00 22.75 ? 90   VAL A CB  1 
ATOM   659  C  CG1 . VAL A 1 100 ? 6.192   10.301  6.753   1.00 23.80 ? 90   VAL A CG1 1 
ATOM   660  C  CG2 . VAL A 1 100 ? 3.767   11.048  6.250   1.00 21.72 ? 90   VAL A CG2 1 
ATOM   661  N  N   . ILE A 1 101 ? 7.634   9.871   3.683   1.00 22.18 ? 91   ILE A N   1 
ATOM   662  C  CA  . ILE A 1 101 ? 8.729   8.970   3.298   1.00 22.19 ? 91   ILE A CA  1 
ATOM   663  C  C   . ILE A 1 101 ? 9.644   8.807   4.499   1.00 22.67 ? 91   ILE A C   1 
ATOM   664  O  O   . ILE A 1 101 ? 10.015  9.802   5.156   1.00 21.27 ? 91   ILE A O   1 
ATOM   665  C  CB  . ILE A 1 101 ? 9.506   9.515   2.074   1.00 22.55 ? 91   ILE A CB  1 
ATOM   666  C  CG1 . ILE A 1 101 ? 8.569   9.655   0.878   1.00 22.91 ? 91   ILE A CG1 1 
ATOM   667  C  CG2 . ILE A 1 101 ? 10.727  8.634   1.729   1.00 20.93 ? 91   ILE A CG2 1 
ATOM   668  C  CD1 . ILE A 1 101 ? 8.843   10.917  0.082   1.00 24.54 ? 91   ILE A CD1 1 
ATOM   669  N  N   . GLN A 1 102 ? 9.997   7.562   4.806   1.00 22.65 ? 92   GLN A N   1 
ATOM   670  C  CA  . GLN A 1 102 ? 10.746  7.290   6.029   1.00 24.27 ? 92   GLN A CA  1 
ATOM   671  C  C   . GLN A 1 102 ? 11.646  6.053   5.943   1.00 24.45 ? 92   GLN A C   1 
ATOM   672  O  O   . GLN A 1 102 ? 11.535  5.264   5.002   1.00 23.80 ? 92   GLN A O   1 
ATOM   673  C  CB  . GLN A 1 102 ? 9.779   7.179   7.227   1.00 24.74 ? 92   GLN A CB  1 
ATOM   674  C  CG  . GLN A 1 102 ? 8.819   6.020   7.149   1.00 28.09 ? 92   GLN A CG  1 
ATOM   675  C  CD  . GLN A 1 102 ? 7.819   6.003   8.300   1.00 33.77 ? 92   GLN A CD  1 
ATOM   676  O  OE1 . GLN A 1 102 ? 7.297   4.948   8.665   1.00 34.61 ? 92   GLN A OE1 1 
ATOM   677  N  NE2 . GLN A 1 102 ? 7.543   7.170   8.862   1.00 32.08 ? 92   GLN A NE2 1 
ATOM   678  N  N   . ASN A 1 103 ? 12.550  5.915   6.914   1.00 25.68 ? 93   ASN A N   1 
ATOM   679  C  CA  . ASN A 1 103 ? 13.400  4.727   7.051   1.00 27.37 ? 93   ASN A CA  1 
ATOM   680  C  C   . ASN A 1 103 ? 12.517  3.488   7.311   1.00 28.88 ? 93   ASN A C   1 
ATOM   681  O  O   . ASN A 1 103 ? 11.416  3.608   7.849   1.00 28.78 ? 93   ASN A O   1 
ATOM   682  C  CB  . ASN A 1 103 ? 14.386  4.879   8.229   1.00 27.25 ? 93   ASN A CB  1 
ATOM   683  C  CG  . ASN A 1 103 ? 15.488  5.952   8.009   1.00 27.50 ? 93   ASN A CG  1 
ATOM   684  O  OD1 . ASN A 1 103 ? 15.698  6.493   6.908   1.00 27.80 ? 93   ASN A OD1 1 
ATOM   685  N  ND2 . ASN A 1 103 ? 16.221  6.235   9.089   1.00 29.17 ? 93   ASN A ND2 1 
ATOM   686  N  N   . PRO A 1 104 ? 12.997  2.282   6.942   1.00 31.00 ? 94   PRO A N   1 
ATOM   687  C  CA  . PRO A 1 104 ? 12.156  1.096   7.185   1.00 32.29 ? 94   PRO A CA  1 
ATOM   688  C  C   . PRO A 1 104 ? 11.819  0.885   8.662   1.00 33.78 ? 94   PRO A C   1 
ATOM   689  O  O   . PRO A 1 104 ? 12.651  1.190   9.525   1.00 35.12 ? 94   PRO A O   1 
ATOM   690  C  CB  . PRO A 1 104 ? 13.030  -0.063  6.692   1.00 33.19 ? 94   PRO A CB  1 
ATOM   691  C  CG  . PRO A 1 104 ? 14.024  0.568   5.730   1.00 31.90 ? 94   PRO A CG  1 
ATOM   692  C  CD  . PRO A 1 104 ? 14.284  1.941   6.293   1.00 30.50 ? 94   PRO A CD  1 
ATOM   693  N  N   . LEU B 1 18  ? -1.661  -21.547 5.817   1.00 42.52 ? 8    LEU B N   1 
ATOM   694  C  CA  . LEU B 1 18  ? -1.276  -21.964 7.197   1.00 41.98 ? 8    LEU B CA  1 
ATOM   695  C  C   . LEU B 1 18  ? -2.300  -21.645 8.306   1.00 41.95 ? 8    LEU B C   1 
ATOM   696  O  O   . LEU B 1 18  ? -2.774  -20.505 8.444   1.00 40.91 ? 8    LEU B O   1 
ATOM   697  C  CB  . LEU B 1 18  ? 0.085   -21.389 7.576   1.00 42.28 ? 8    LEU B CB  1 
ATOM   698  C  CG  . LEU B 1 18  ? 0.538   -21.682 9.001   1.00 42.11 ? 8    LEU B CG  1 
ATOM   699  C  CD1 . LEU B 1 18  ? 1.581   -22.846 9.065   1.00 45.08 ? 8    LEU B CD1 1 
ATOM   700  C  CD2 . LEU B 1 18  ? 1.085   -20.438 9.594   1.00 43.18 ? 8    LEU B CD2 1 
ATOM   701  N  N   . LYS B 1 19  ? -2.558  -22.680 9.117   1.00 41.50 ? 9    LYS B N   1 
ATOM   702  C  CA  . LYS B 1 19  ? -3.499  -22.672 10.232  1.00 41.15 ? 9    LYS B CA  1 
ATOM   703  C  C   . LYS B 1 19  ? -3.149  -21.694 11.327  1.00 40.34 ? 9    LYS B C   1 
ATOM   704  O  O   . LYS B 1 19  ? -4.050  -21.052 11.865  1.00 39.97 ? 9    LYS B O   1 
ATOM   705  C  CB  . LYS B 1 19  ? -3.603  -24.070 10.861  1.00 41.13 ? 9    LYS B CB  1 
ATOM   706  C  CG  . LYS B 1 19  ? -4.366  -25.061 10.041  1.00 41.72 ? 9    LYS B CG  1 
ATOM   707  C  CD  . LYS B 1 19  ? -4.560  -26.356 10.801  1.00 43.44 ? 9    LYS B CD  1 
ATOM   708  C  CE  . LYS B 1 19  ? -4.629  -27.516 9.840   1.00 44.99 ? 9    LYS B CE  1 
ATOM   709  N  NZ  . LYS B 1 19  ? -5.026  -27.062 8.465   1.00 47.69 ? 9    LYS B NZ  1 
ATOM   710  N  N   . ARG B 1 20  ? -1.862  -21.609 11.679  1.00 39.58 ? 10   ARG B N   1 
ATOM   711  C  CA  . ARG B 1 20  ? -1.426  -20.761 12.801  1.00 39.70 ? 10   ARG B CA  1 
ATOM   712  C  C   . ARG B 1 20  ? -1.678  -19.288 12.526  1.00 38.10 ? 10   ARG B C   1 
ATOM   713  O  O   . ARG B 1 20  ? -2.124  -18.528 13.405  1.00 37.65 ? 10   ARG B O   1 
ATOM   714  C  CB  . ARG B 1 20  ? 0.062   -20.959 13.120  1.00 40.47 ? 10   ARG B CB  1 
ATOM   715  C  CG  . ARG B 1 20  ? 0.410   -22.288 13.781  1.00 44.65 ? 10   ARG B CG  1 
ATOM   716  C  CD  . ARG B 1 20  ? 1.649   -22.143 14.655  1.00 50.59 ? 10   ARG B CD  1 
ATOM   717  N  NE  . ARG B 1 20  ? 2.440   -23.373 14.715  1.00 55.82 ? 10   ARG B NE  1 
ATOM   718  C  CZ  . ARG B 1 20  ? 3.472   -23.647 13.914  1.00 58.48 ? 10   ARG B CZ  1 
ATOM   719  N  NH1 . ARG B 1 20  ? 3.841   -22.785 12.966  1.00 58.37 ? 10   ARG B NH1 1 
ATOM   720  N  NH2 . ARG B 1 20  ? 4.137   -24.791 14.058  1.00 59.57 ? 10   ARG B NH2 1 
ATOM   721  N  N   . LEU B 1 21  ? -1.365  -18.892 11.300  1.00 36.47 ? 11   LEU B N   1 
ATOM   722  C  CA  . LEU B 1 21  ? -1.542  -17.516 10.888  1.00 35.35 ? 11   LEU B CA  1 
ATOM   723  C  C   . LEU B 1 21  ? -3.035  -17.206 10.696  1.00 33.05 ? 11   LEU B C   1 
ATOM   724  O  O   . LEU B 1 21  ? -3.486  -16.154 11.103  1.00 32.13 ? 11   LEU B O   1 
ATOM   725  C  CB  . LEU B 1 21  ? -0.700  -17.221 9.640   1.00 35.96 ? 11   LEU B CB  1 
ATOM   726  C  CG  . LEU B 1 21  ? -0.758  -15.827 9.004   1.00 38.65 ? 11   LEU B CG  1 
ATOM   727  C  CD1 . LEU B 1 21  ? -0.655  -14.678 10.015  1.00 40.38 ? 11   LEU B CD1 1 
ATOM   728  C  CD2 . LEU B 1 21  ? 0.320   -15.716 7.915   1.00 41.78 ? 11   LEU B CD2 1 
ATOM   729  N  N   . GLN B 1 22  ? -3.793  -18.144 10.126  1.00 32.07 ? 12   GLN B N   1 
ATOM   730  C  CA  . GLN B 1 22  ? -5.246  -17.988 9.978   1.00 31.56 ? 12   GLN B CA  1 
ATOM   731  C  C   . GLN B 1 22  ? -5.916  -17.807 11.333  1.00 30.17 ? 12   GLN B C   1 
ATOM   732  O  O   . GLN B 1 22  ? -6.921  -17.110 11.442  1.00 30.09 ? 12   GLN B O   1 
ATOM   733  C  CB  . GLN B 1 22  ? -5.875  -19.193 9.256   1.00 32.06 ? 12   GLN B CB  1 
ATOM   734  C  CG  . GLN B 1 22  ? -7.453  -19.245 9.316   1.00 35.69 ? 12   GLN B CG  1 
ATOM   735  C  CD  . GLN B 1 22  ? -8.143  -18.098 8.533   1.00 39.92 ? 12   GLN B CD  1 
ATOM   736  O  OE1 . GLN B 1 22  ? -8.064  -18.055 7.304   1.00 42.64 ? 12   GLN B OE1 1 
ATOM   737  N  NE2 . GLN B 1 22  ? -8.819  -17.172 9.250   1.00 37.94 ? 12   GLN B NE2 1 
ATOM   738  N  N   . SER B 1 23  ? -5.361  -18.440 12.364  1.00 28.83 ? 13   SER B N   1 
ATOM   739  C  CA  . SER B 1 23  ? -5.981  -18.457 13.678  1.00 28.55 ? 13   SER B CA  1 
ATOM   740  C  C   . SER B 1 23  ? -5.719  -17.188 14.507  1.00 28.29 ? 13   SER B C   1 
ATOM   741  O  O   . SER B 1 23  ? -6.389  -16.964 15.511  1.00 27.84 ? 13   SER B O   1 
ATOM   742  C  CB  . SER B 1 23  ? -5.545  -19.690 14.453  1.00 28.73 ? 13   SER B CB  1 
ATOM   743  O  OG  . SER B 1 23  ? -4.229  -19.501 14.913  1.00 29.49 ? 13   SER B OG  1 
ATOM   744  N  N   . GLN B 1 24  ? -4.793  -16.339 14.069  1.00 27.84 ? 14   GLN B N   1 
ATOM   745  C  CA  . GLN B 1 24  ? -4.471  -15.110 14.801  1.00 28.55 ? 14   GLN B CA  1 
ATOM   746  C  C   . GLN B 1 24  ? -5.671  -14.182 14.914  1.00 27.62 ? 14   GLN B C   1 
ATOM   747  O  O   . GLN B 1 24  ? -6.476  -14.087 13.998  1.00 26.63 ? 14   GLN B O   1 
ATOM   748  C  CB  . GLN B 1 24  ? -3.333  -14.361 14.112  1.00 28.79 ? 14   GLN B CB  1 
ATOM   749  C  CG  . GLN B 1 24  ? -2.069  -15.179 13.977  1.00 33.87 ? 14   GLN B CG  1 
ATOM   750  C  CD  . GLN B 1 24  ? -1.307  -15.260 15.273  1.00 41.66 ? 14   GLN B CD  1 
ATOM   751  O  OE1 . GLN B 1 24  ? -1.364  -16.272 15.985  1.00 44.83 ? 14   GLN B OE1 1 
ATOM   752  N  NE2 . GLN B 1 24  ? -0.600  -14.179 15.607  1.00 44.55 ? 14   GLN B NE2 1 
ATOM   753  N  N   . LYS B 1 25  ? -5.789  -13.511 16.048  1.00 27.46 ? 15   LYS B N   1 
ATOM   754  C  CA  . LYS B 1 25  ? -6.839  -12.536 16.285  1.00 27.87 ? 15   LYS B CA  1 
ATOM   755  C  C   . LYS B 1 25  ? -6.943  -11.571 15.103  1.00 26.94 ? 15   LYS B C   1 
ATOM   756  O  O   . LYS B 1 25  ? -5.933  -11.055 14.625  1.00 27.41 ? 15   LYS B O   1 
ATOM   757  C  CB  . LYS B 1 25  ? -6.516  -11.764 17.568  1.00 29.05 ? 15   LYS B CB  1 
ATOM   758  C  CG  . LYS B 1 25  ? -7.535  -10.711 17.968  1.00 32.64 ? 15   LYS B CG  1 
ATOM   759  C  CD  . LYS B 1 25  ? -7.089  -10.049 19.282  1.00 39.31 ? 15   LYS B CD  1 
ATOM   760  C  CE  . LYS B 1 25  ? -8.081  -9.003  19.745  1.00 42.29 ? 15   LYS B CE  1 
ATOM   761  N  NZ  . LYS B 1 25  ? -9.376  -9.650  20.063  1.00 46.74 ? 15   LYS B NZ  1 
ATOM   762  N  N   . GLY B 1 26  ? -8.155  -11.364 14.608  1.00 25.64 ? 16   GLY B N   1 
ATOM   763  C  CA  . GLY B 1 26  ? -8.370  -10.413 13.541  1.00 24.12 ? 16   GLY B CA  1 
ATOM   764  C  C   . GLY B 1 26  ? -8.313  -10.975 12.138  1.00 23.37 ? 16   GLY B C   1 
ATOM   765  O  O   . GLY B 1 26  ? -8.974  -10.453 11.264  1.00 24.25 ? 16   GLY B O   1 
ATOM   766  N  N   . VAL B 1 27  ? -7.563  -12.051 11.919  1.00 22.40 ? 17   VAL B N   1 
ATOM   767  C  CA  . VAL B 1 27  ? -7.344  -12.566 10.571  1.00 21.72 ? 17   VAL B CA  1 
ATOM   768  C  C   . VAL B 1 27  ? -8.607  -13.243 10.050  1.00 22.14 ? 17   VAL B C   1 
ATOM   769  O  O   . VAL B 1 27  ? -9.233  -14.074 10.757  1.00 21.68 ? 17   VAL B O   1 
ATOM   770  C  CB  . VAL B 1 27  ? -6.180  -13.561 10.537  1.00 21.89 ? 17   VAL B CB  1 
ATOM   771  C  CG1 . VAL B 1 27  ? -6.054  -14.239 9.158   1.00 19.75 ? 17   VAL B CG1 1 
ATOM   772  C  CG2 . VAL B 1 27  ? -4.905  -12.860 10.937  1.00 21.62 ? 17   VAL B CG2 1 
ATOM   773  N  N   . GLN B 1 28  ? -8.981  -12.898 8.827   1.00 21.43 ? 18   GLN B N   1 
ATOM   774  C  CA  . GLN B 1 28  ? -10.172 -13.452 8.218   1.00 21.89 ? 18   GLN B CA  1 
ATOM   775  C  C   . GLN B 1 28  ? -9.811  -14.509 7.197   1.00 22.64 ? 18   GLN B C   1 
ATOM   776  O  O   . GLN B 1 28  ? -10.588 -15.439 6.958   1.00 21.61 ? 18   GLN B O   1 
ATOM   777  C  CB  . GLN B 1 28  ? -10.992 -12.340 7.570   1.00 22.04 ? 18   GLN B CB  1 
ATOM   778  C  CG  . GLN B 1 28  ? -11.568 -11.339 8.591   1.00 22.75 ? 18   GLN B CG  1 
ATOM   779  C  CD  . GLN B 1 28  ? -12.276 -10.166 7.945   1.00 24.87 ? 18   GLN B CD  1 
ATOM   780  O  OE1 . GLN B 1 28  ? -12.644 -10.219 6.775   1.00 25.49 ? 18   GLN B OE1 1 
ATOM   781  N  NE2 . GLN B 1 28  ? -12.469 -9.092  8.710   1.00 25.52 ? 18   GLN B NE2 1 
ATOM   782  N  N   . GLY B 1 29  ? -8.633  -14.379 6.587   1.00 22.55 ? 19   GLY B N   1 
ATOM   783  C  CA  . GLY B 1 29  ? -8.232  -15.330 5.554   1.00 23.65 ? 19   GLY B CA  1 
ATOM   784  C  C   . GLY B 1 29  ? -6.865  -15.056 4.954   1.00 25.04 ? 19   GLY B C   1 
ATOM   785  O  O   . GLY B 1 29  ? -6.335  -13.935 5.060   1.00 24.16 ? 19   GLY B O   1 
ATOM   786  N  N   . ILE B 1 30  ? -6.317  -16.090 4.306   1.00 25.75 ? 20   ILE B N   1 
ATOM   787  C  CA  . ILE B 1 30  ? -4.988  -16.080 3.702   1.00 26.92 ? 20   ILE B CA  1 
ATOM   788  C  C   . ILE B 1 30  ? -5.075  -16.684 2.306   1.00 27.81 ? 20   ILE B C   1 
ATOM   789  O  O   . ILE B 1 30  ? -5.719  -17.735 2.115   1.00 27.40 ? 20   ILE B O   1 
ATOM   790  C  CB  . ILE B 1 30  ? -3.993  -16.919 4.523   1.00 27.38 ? 20   ILE B CB  1 
ATOM   791  C  CG1 . ILE B 1 30  ? -3.899  -16.397 5.961   1.00 28.04 ? 20   ILE B CG1 1 
ATOM   792  C  CG2 . ILE B 1 30  ? -2.602  -16.920 3.867   1.00 27.96 ? 20   ILE B CG2 1 
ATOM   793  C  CD1 . ILE B 1 30  ? -3.228  -17.386 6.876   1.00 33.63 ? 20   ILE B CD1 1 
ATOM   794  N  N   . ILE B 1 31  ? -4.468  -15.992 1.339   1.00 27.09 ? 21   ILE B N   1 
ATOM   795  C  CA  . ILE B 1 31  ? -4.386  -16.428 -0.054  1.00 27.77 ? 21   ILE B CA  1 
ATOM   796  C  C   . ILE B 1 31  ? -2.928  -16.335 -0.506  1.00 29.16 ? 21   ILE B C   1 
ATOM   797  O  O   . ILE B 1 31  ? -2.253  -15.315 -0.261  1.00 28.61 ? 21   ILE B O   1 
ATOM   798  C  CB  . ILE B 1 31  ? -5.242  -15.548 -0.999  1.00 27.74 ? 21   ILE B CB  1 
ATOM   799  C  CG1 . ILE B 1 31  ? -6.648  -15.323 -0.437  1.00 26.43 ? 21   ILE B CG1 1 
ATOM   800  C  CG2 . ILE B 1 31  ? -5.313  -16.142 -2.421  1.00 27.13 ? 21   ILE B CG2 1 
ATOM   801  C  CD1 . ILE B 1 31  ? -7.483  -14.395 -1.260  1.00 24.95 ? 21   ILE B CD1 1 
ATOM   802  N  N   . VAL B 1 32  ? -2.433  -17.414 -1.120  1.00 30.47 ? 22   VAL B N   1 
ATOM   803  C  CA  . VAL B 1 32  ? -1.178  -17.390 -1.881  1.00 31.63 ? 22   VAL B CA  1 
ATOM   804  C  C   . VAL B 1 32  ? -1.492  -17.415 -3.379  1.00 32.64 ? 22   VAL B C   1 
ATOM   805  O  O   . VAL B 1 32  ? -2.218  -18.304 -3.875  1.00 31.91 ? 22   VAL B O   1 
ATOM   806  C  CB  . VAL B 1 32  ? -0.244  -18.561 -1.511  1.00 32.23 ? 22   VAL B CB  1 
ATOM   807  C  CG1 . VAL B 1 32  ? 1.098   -18.417 -2.218  1.00 32.87 ? 22   VAL B CG1 1 
ATOM   808  C  CG2 . VAL B 1 32  ? -0.034  -18.621 -0.029  1.00 32.29 ? 22   VAL B CG2 1 
ATOM   809  N  N   . VAL B 1 33  ? -0.989  -16.402 -4.085  1.00 33.37 ? 23   VAL B N   1 
ATOM   810  C  CA  . VAL B 1 33  ? -1.141  -16.308 -5.530  1.00 34.65 ? 23   VAL B CA  1 
ATOM   811  C  C   . VAL B 1 33  ? 0.248   -16.456 -6.186  1.00 36.15 ? 23   VAL B C   1 
ATOM   812  O  O   . VAL B 1 33  ? 1.255   -16.043 -5.600  1.00 36.21 ? 23   VAL B O   1 
ATOM   813  C  CB  . VAL B 1 33  ? -1.876  -14.996 -5.989  1.00 34.66 ? 23   VAL B CB  1 
ATOM   814  C  CG1 . VAL B 1 33  ? -3.309  -14.931 -5.420  1.00 33.70 ? 23   VAL B CG1 1 
ATOM   815  C  CG2 . VAL B 1 33  ? -1.096  -13.733 -5.619  1.00 34.17 ? 23   VAL B CG2 1 
ATOM   816  N  N   . ASN B 1 34  ? 0.304   -17.078 -7.367  1.00 37.44 ? 24   ASN B N   1 
ATOM   817  C  CA  . ASN B 1 34  ? 1.567   -17.166 -8.115  1.00 38.76 ? 24   ASN B CA  1 
ATOM   818  C  C   . ASN B 1 34  ? 1.848   -15.863 -8.860  1.00 39.73 ? 24   ASN B C   1 
ATOM   819  O  O   . ASN B 1 34  ? 1.067   -14.907 -8.779  1.00 38.90 ? 24   ASN B O   1 
ATOM   820  C  CB  . ASN B 1 34  ? 1.583   -18.374 -9.072  1.00 38.60 ? 24   ASN B CB  1 
ATOM   821  C  CG  . ASN B 1 34  ? 0.591   -18.245 -10.224 1.00 39.04 ? 24   ASN B CG  1 
ATOM   822  O  OD1 . ASN B 1 34  ? 0.066   -17.167 -10.517 1.00 39.34 ? 24   ASN B OD1 1 
ATOM   823  N  ND2 . ASN B 1 34  ? 0.321   -19.364 -10.881 1.00 40.08 ? 24   ASN B ND2 1 
ATOM   824  N  N   . THR B 1 35  ? 2.947   -15.838 -9.613  1.00 41.34 ? 25   THR B N   1 
ATOM   825  C  CA  . THR B 1 35  ? 3.354   -14.629 -10.331 1.00 42.80 ? 25   THR B CA  1 
ATOM   826  C  C   . THR B 1 35  ? 2.336   -14.125 -11.355 1.00 42.62 ? 25   THR B C   1 
ATOM   827  O  O   . THR B 1 35  ? 2.359   -12.953 -11.704 1.00 42.68 ? 25   THR B O   1 
ATOM   828  C  CB  . THR B 1 35  ? 4.781   -14.754 -10.971 1.00 43.35 ? 25   THR B CB  1 
ATOM   829  O  OG1 . THR B 1 35  ? 4.912   -16.009 -11.655 1.00 45.37 ? 25   THR B OG1 1 
ATOM   830  C  CG2 . THR B 1 35  ? 5.852   -14.672 -9.892  1.00 44.28 ? 25   THR B CG2 1 
ATOM   831  N  N   . GLU B 1 36  ? 1.435   -14.995 -11.818 1.00 42.74 ? 26   GLU B N   1 
ATOM   832  C  CA  . GLU B 1 36  ? 0.376   -14.573 -12.736 1.00 42.86 ? 26   GLU B CA  1 
ATOM   833  C  C   . GLU B 1 36  ? -0.958  -14.268 -12.040 1.00 42.42 ? 26   GLU B C   1 
ATOM   834  O  O   . GLU B 1 36  ? -1.966  -14.011 -12.704 1.00 42.31 ? 26   GLU B O   1 
ATOM   835  C  CB  . GLU B 1 36  ? 0.161   -15.607 -13.847 1.00 43.84 ? 26   GLU B CB  1 
ATOM   836  C  CG  . GLU B 1 36  ? 1.389   -15.838 -14.743 1.00 46.93 ? 26   GLU B CG  1 
ATOM   837  C  CD  . GLU B 1 36  ? 2.449   -16.677 -14.058 1.00 50.61 ? 26   GLU B CD  1 
ATOM   838  O  OE1 . GLU B 1 36  ? 2.186   -17.870 -13.781 1.00 53.45 ? 26   GLU B OE1 1 
ATOM   839  O  OE2 . GLU B 1 36  ? 3.542   -16.137 -13.785 1.00 52.98 ? 26   GLU B OE2 1 
ATOM   840  N  N   . GLY B 1 37  ? -0.965  -14.296 -10.709 1.00 41.70 ? 27   GLY B N   1 
ATOM   841  C  CA  . GLY B 1 37  ? -2.168  -13.952 -9.948  1.00 41.31 ? 27   GLY B CA  1 
ATOM   842  C  C   . GLY B 1 37  ? -3.162  -15.074 -9.707  1.00 40.91 ? 27   GLY B C   1 
ATOM   843  O  O   . GLY B 1 37  ? -4.251  -14.843 -9.190  1.00 40.90 ? 27   GLY B O   1 
ATOM   844  N  N   . ILE B 1 38  ? -2.785  -16.296 -10.059 1.00 40.22 ? 28   ILE B N   1 
ATOM   845  C  CA  . ILE B 1 38  ? -3.654  -17.447 -9.820  1.00 39.59 ? 28   ILE B CA  1 
ATOM   846  C  C   . ILE B 1 38  ? -3.447  -17.947 -8.391  1.00 38.67 ? 28   ILE B C   1 
ATOM   847  O  O   . ILE B 1 38  ? -2.302  -18.190 -7.981  1.00 38.00 ? 28   ILE B O   1 
ATOM   848  C  CB  . ILE B 1 38  ? -3.387  -18.598 -10.830 1.00 40.12 ? 28   ILE B CB  1 
ATOM   849  C  CG1 . ILE B 1 38  ? -3.537  -18.097 -12.274 1.00 40.81 ? 28   ILE B CG1 1 
ATOM   850  C  CG2 . ILE B 1 38  ? -4.324  -19.795 -10.547 1.00 40.34 ? 28   ILE B CG2 1 
ATOM   851  C  CD1 . ILE B 1 38  ? -2.639  -18.840 -13.285 1.00 44.81 ? 28   ILE B CD1 1 
ATOM   852  N  N   . PRO B 1 39  ? -4.551  -18.087 -7.626  1.00 37.91 ? 29   PRO B N   1 
ATOM   853  C  CA  . PRO B 1 39  ? -4.422  -18.579 -6.269  1.00 38.07 ? 29   PRO B CA  1 
ATOM   854  C  C   . PRO B 1 39  ? -3.986  -20.033 -6.262  1.00 37.99 ? 29   PRO B C   1 
ATOM   855  O  O   . PRO B 1 39  ? -4.630  -20.879 -6.892  1.00 39.01 ? 29   PRO B O   1 
ATOM   856  C  CB  . PRO B 1 39  ? -5.828  -18.407 -5.680  1.00 37.94 ? 29   PRO B CB  1 
ATOM   857  C  CG  . PRO B 1 39  ? -6.728  -18.243 -6.816  1.00 37.85 ? 29   PRO B CG  1 
ATOM   858  C  CD  . PRO B 1 39  ? -5.947  -17.775 -7.981  1.00 37.88 ? 29   PRO B CD  1 
ATOM   859  N  N   . ILE B 1 40  ? -2.879  -20.310 -5.587  1.00 37.58 ? 30   ILE B N   1 
ATOM   860  C  CA  . ILE B 1 40  ? -2.359  -21.666 -5.520  1.00 37.12 ? 30   ILE B CA  1 
ATOM   861  C  C   . ILE B 1 40  ? -2.642  -22.293 -4.157  1.00 36.76 ? 30   ILE B C   1 
ATOM   862  O  O   . ILE B 1 40  ? -2.518  -23.505 -3.982  1.00 36.90 ? 30   ILE B O   1 
ATOM   863  C  CB  . ILE B 1 40  ? -0.846  -21.733 -5.870  1.00 37.78 ? 30   ILE B CB  1 
ATOM   864  C  CG1 . ILE B 1 40  ? -0.009  -20.956 -4.852  1.00 37.92 ? 30   ILE B CG1 1 
ATOM   865  C  CG2 . ILE B 1 40  ? -0.602  -21.271 -7.331  1.00 37.64 ? 30   ILE B CG2 1 
ATOM   866  C  CD1 . ILE B 1 40  ? 1.502   -21.059 -5.057  1.00 41.11 ? 30   ILE B CD1 1 
ATOM   867  N  N   . LYS B 1 41  ? -3.023  -21.457 -3.196  1.00 35.30 ? 31   LYS B N   1 
ATOM   868  C  CA  . LYS B 1 41  ? -3.436  -21.915 -1.873  1.00 34.29 ? 31   LYS B CA  1 
ATOM   869  C  C   . LYS B 1 41  ? -4.299  -20.816 -1.247  1.00 33.06 ? 31   LYS B C   1 
ATOM   870  O  O   . LYS B 1 41  ? -4.011  -19.630 -1.416  1.00 31.95 ? 31   LYS B O   1 
ATOM   871  C  CB  . LYS B 1 41  ? -2.225  -22.203 -0.990  1.00 34.76 ? 31   LYS B CB  1 
ATOM   872  C  CG  . LYS B 1 41  ? -2.548  -22.607 0.453   1.00 37.74 ? 31   LYS B CG  1 
ATOM   873  C  CD  . LYS B 1 41  ? -3.042  -24.068 0.571   1.00 42.86 ? 31   LYS B CD  1 
ATOM   874  C  CE  . LYS B 1 41  ? -3.483  -24.411 2.006   1.00 45.17 ? 31   LYS B CE  1 
ATOM   875  N  NZ  . LYS B 1 41  ? -3.668  -25.895 2.212   1.00 47.20 ? 31   LYS B NZ  1 
ATOM   876  N  N   . SER B 1 42  ? -5.346  -21.226 -0.541  1.00 31.24 ? 32   SER B N   1 
ATOM   877  C  CA  . SER B 1 42  ? -6.256  -20.323 0.136   1.00 30.59 ? 32   SER B CA  1 
ATOM   878  C  C   . SER B 1 42  ? -6.850  -21.042 1.337   1.00 30.76 ? 32   SER B C   1 
ATOM   879  O  O   . SER B 1 42  ? -7.105  -22.256 1.288   1.00 30.61 ? 32   SER B O   1 
ATOM   880  C  CB  . SER B 1 42  ? -7.363  -19.873 -0.818  1.00 30.25 ? 32   SER B CB  1 
ATOM   881  O  OG  . SER B 1 42  ? -8.294  -19.027 -0.165  1.00 28.02 ? 32   SER B OG  1 
ATOM   882  N  N   . THR B 1 43  ? -7.052  -20.298 2.417   1.00 30.24 ? 33   THR B N   1 
ATOM   883  C  CA  . THR B 1 43  ? -7.783  -20.790 3.574   1.00 29.46 ? 33   THR B CA  1 
ATOM   884  C  C   . THR B 1 43  ? -9.248  -20.343 3.516   1.00 29.76 ? 33   THR B C   1 
ATOM   885  O  O   . THR B 1 43  ? -10.004 -20.561 4.463   1.00 28.80 ? 33   THR B O   1 
ATOM   886  C  CB  . THR B 1 43  ? -7.144  -20.291 4.885   1.00 30.07 ? 33   THR B CB  1 
ATOM   887  O  OG1 . THR B 1 43  ? -7.199  -18.854 4.933   1.00 27.35 ? 33   THR B OG1 1 
ATOM   888  C  CG2 . THR B 1 43  ? -5.698  -20.761 4.997   1.00 28.63 ? 33   THR B CG2 1 
ATOM   889  N  N   . MET B 1 44  ? -9.635  -19.709 2.406   1.00 29.44 ? 34   MET B N   1 
ATOM   890  C  CA  . MET B 1 44  ? -10.951 -19.118 2.267   1.00 30.04 ? 34   MET B CA  1 
ATOM   891  C  C   . MET B 1 44  ? -11.807 -19.873 1.258   1.00 31.02 ? 34   MET B C   1 
ATOM   892  O  O   . MET B 1 44  ? -11.282 -20.616 0.433   1.00 30.20 ? 34   MET B O   1 
ATOM   893  C  CB  . MET B 1 44  ? -10.848 -17.644 1.834   1.00 29.87 ? 34   MET B CB  1 
ATOM   894  C  CG  . MET B 1 44  ? -9.810  -16.828 2.617   1.00 29.56 ? 34   MET B CG  1 
ATOM   895  S  SD  . MET B 1 44  ? -9.775  -15.080 2.119   1.00 28.17 ? 34   MET B SD  1 
ATOM   896  C  CE  . MET B 1 44  ? -11.053 -14.395 3.177   1.00 27.61 ? 34   MET B CE  1 
ATOM   897  N  N   . ASP B 1 45  ? -13.122 -19.653 1.333   1.00 32.27 ? 35   ASP B N   1 
ATOM   898  C  CA  . ASP B 1 45  ? -14.077 -20.153 0.348   1.00 34.15 ? 35   ASP B CA  1 
ATOM   899  C  C   . ASP B 1 45  ? -13.726 -19.652 -1.053  1.00 35.07 ? 35   ASP B C   1 
ATOM   900  O  O   . ASP B 1 45  ? -13.088 -18.601 -1.215  1.00 34.19 ? 35   ASP B O   1 
ATOM   901  C  CB  . ASP B 1 45  ? -15.505 -19.724 0.723   1.00 34.95 ? 35   ASP B CB  1 
ATOM   902  C  CG  . ASP B 1 45  ? -15.809 -18.267 0.330   1.00 37.74 ? 35   ASP B CG  1 
ATOM   903  O  OD1 . ASP B 1 45  ? -15.789 -17.941 -0.857  1.00 43.36 ? 35   ASP B OD1 1 
ATOM   904  O  OD2 . ASP B 1 45  ? -16.091 -17.429 1.193   1.00 41.25 ? 35   ASP B OD2 1 
ATOM   905  N  N   . ASN B 1 46  ? -14.172 -20.397 -2.059  1.00 35.85 ? 36   ASN B N   1 
ATOM   906  C  CA  . ASN B 1 46  ? -13.823 -20.121 -3.447  1.00 37.58 ? 36   ASN B CA  1 
ATOM   907  C  C   . ASN B 1 46  ? -14.274 -18.755 -3.986  1.00 37.25 ? 36   ASN B C   1 
ATOM   908  O  O   . ASN B 1 46  ? -13.471 -18.060 -4.599  1.00 37.65 ? 36   ASN B O   1 
ATOM   909  C  CB  . ASN B 1 46  ? -14.324 -21.244 -4.347  1.00 38.57 ? 36   ASN B CB  1 
ATOM   910  C  CG  . ASN B 1 46  ? -13.412 -21.495 -5.500  1.00 43.12 ? 36   ASN B CG  1 
ATOM   911  O  OD1 . ASN B 1 46  ? -13.310 -20.676 -6.424  1.00 45.87 ? 36   ASN B OD1 1 
ATOM   912  N  ND2 . ASN B 1 46  ? -12.722 -22.641 -5.462  1.00 48.45 ? 36   ASN B ND2 1 
ATOM   913  N  N   . PRO B 1 47  ? -15.554 -18.379 -3.780  1.00 36.94 ? 37   PRO B N   1 
ATOM   914  C  CA  . PRO B 1 47  ? -16.019 -17.036 -4.127  1.00 36.47 ? 37   PRO B CA  1 
ATOM   915  C  C   . PRO B 1 47  ? -15.202 -15.875 -3.509  1.00 35.74 ? 37   PRO B C   1 
ATOM   916  O  O   . PRO B 1 47  ? -14.922 -14.900 -4.204  1.00 35.19 ? 37   PRO B O   1 
ATOM   917  C  CB  . PRO B 1 47  ? -17.447 -17.016 -3.590  1.00 36.71 ? 37   PRO B CB  1 
ATOM   918  C  CG  . PRO B 1 47  ? -17.871 -18.445 -3.614  1.00 37.59 ? 37   PRO B CG  1 
ATOM   919  C  CD  . PRO B 1 47  ? -16.659 -19.216 -3.260  1.00 37.11 ? 37   PRO B CD  1 
ATOM   920  N  N   . THR B 1 48  ? -14.852 -15.960 -2.226  1.00 33.90 ? 38   THR B N   1 
ATOM   921  C  CA  . THR B 1 48  ? -14.097 -14.892 -1.583  1.00 32.74 ? 38   THR B CA  1 
ATOM   922  C  C   . THR B 1 48  ? -12.651 -14.868 -2.115  1.00 32.69 ? 38   THR B C   1 
ATOM   923  O  O   . THR B 1 48  ? -12.101 -13.801 -2.355  1.00 32.22 ? 38   THR B O   1 
ATOM   924  C  CB  . THR B 1 48  ? -14.108 -15.005 -0.042  1.00 32.67 ? 38   THR B CB  1 
ATOM   925  O  OG1 . THR B 1 48  ? -15.461 -15.152 0.420   1.00 32.72 ? 38   THR B OG1 1 
ATOM   926  C  CG2 . THR B 1 48  ? -13.514 -13.754 0.588   1.00 31.32 ? 38   THR B CG2 1 
ATOM   927  N  N   . THR B 1 49  ? -12.052 -16.044 -2.300  1.00 32.41 ? 39   THR B N   1 
ATOM   928  C  CA  . THR B 1 49  ? -10.737 -16.153 -2.905  1.00 33.41 ? 39   THR B CA  1 
ATOM   929  C  C   . THR B 1 49  ? -10.731 -15.434 -4.269  1.00 34.28 ? 39   THR B C   1 
ATOM   930  O  O   . THR B 1 49  ? -9.808  -14.653 -4.555  1.00 34.79 ? 39   THR B O   1 
ATOM   931  C  CB  . THR B 1 49  ? -10.264 -17.625 -3.022  1.00 33.29 ? 39   THR B CB  1 
ATOM   932  O  OG1 . THR B 1 49  ? -10.229 -18.229 -1.718  1.00 32.97 ? 39   THR B OG1 1 
ATOM   933  C  CG2 . THR B 1 49  ? -8.867  -17.701 -3.622  1.00 33.21 ? 39   THR B CG2 1 
ATOM   934  N  N   . THR B 1 50  ? -11.773 -15.673 -5.073  1.00 34.51 ? 40   THR B N   1 
ATOM   935  C  CA  . THR B 1 50  ? -11.989 -14.985 -6.351  1.00 35.19 ? 40   THR B CA  1 
ATOM   936  C  C   . THR B 1 50  ? -12.308 -13.486 -6.191  1.00 34.80 ? 40   THR B C   1 
ATOM   937  O  O   . THR B 1 50  ? -11.838 -12.687 -6.973  1.00 35.60 ? 40   THR B O   1 
ATOM   938  C  CB  . THR B 1 50  ? -13.088 -15.697 -7.227  1.00 35.47 ? 40   THR B CB  1 
ATOM   939  O  OG1 . THR B 1 50  ? -12.793 -17.095 -7.321  1.00 35.67 ? 40   THR B OG1 1 
ATOM   940  C  CG2 . THR B 1 50  ? -13.122 -15.126 -8.660  1.00 36.28 ? 40   THR B CG2 1 
ATOM   941  N  N   . GLN B 1 51  ? -13.101 -13.097 -5.193  1.00 34.71 ? 41   GLN B N   1 
ATOM   942  C  CA  . GLN B 1 51  ? -13.322 -11.675 -4.918  1.00 34.03 ? 41   GLN B CA  1 
ATOM   943  C  C   . GLN B 1 51  ? -11.977 -10.913 -4.849  1.00 33.67 ? 41   GLN B C   1 
ATOM   944  O  O   . GLN B 1 51  ? -11.891 -9.761  -5.317  1.00 34.14 ? 41   GLN B O   1 
ATOM   945  C  CB  . GLN B 1 51  ? -14.125 -11.488 -3.617  1.00 35.16 ? 41   GLN B CB  1 
ATOM   946  C  CG  . GLN B 1 51  ? -14.582 -10.057 -3.312  1.00 36.24 ? 41   GLN B CG  1 
ATOM   947  C  CD  . GLN B 1 51  ? -15.176 -9.897  -1.902  1.00 39.91 ? 41   GLN B CD  1 
ATOM   948  O  OE1 . GLN B 1 51  ? -15.391 -10.876 -1.184  1.00 40.96 ? 41   GLN B OE1 1 
ATOM   949  N  NE2 . GLN B 1 51  ? -15.455 -8.654  -1.514  1.00 39.79 ? 41   GLN B NE2 1 
ATOM   950  N  N   . TYR B 1 52  ? -10.933 -11.563 -4.310  1.00 31.42 ? 42   TYR B N   1 
ATOM   951  C  CA  . TYR B 1 52  ? -9.681  -10.882 -3.940  1.00 29.47 ? 42   TYR B CA  1 
ATOM   952  C  C   . TYR B 1 52  ? -8.489  -11.082 -4.888  1.00 29.38 ? 42   TYR B C   1 
ATOM   953  O  O   . TYR B 1 52  ? -7.754  -10.116 -5.160  1.00 27.82 ? 42   TYR B O   1 
ATOM   954  C  CB  . TYR B 1 52  ? -9.254  -11.260 -2.509  1.00 28.91 ? 42   TYR B CB  1 
ATOM   955  C  CG  . TYR B 1 52  ? -10.039 -10.539 -1.413  1.00 27.46 ? 42   TYR B CG  1 
ATOM   956  C  CD1 . TYR B 1 52  ? -9.571  -9.337  -0.878  1.00 26.48 ? 42   TYR B CD1 1 
ATOM   957  C  CD2 . TYR B 1 52  ? -11.246 -11.056 -0.924  1.00 27.01 ? 42   TYR B CD2 1 
ATOM   958  C  CE1 . TYR B 1 52  ? -10.260 -8.669  0.120   1.00 25.01 ? 42   TYR B CE1 1 
ATOM   959  C  CE2 . TYR B 1 52  ? -11.971 -10.381 0.076   1.00 27.24 ? 42   TYR B CE2 1 
ATOM   960  C  CZ  . TYR B 1 52  ? -11.457 -9.185  0.588   1.00 27.30 ? 42   TYR B CZ  1 
ATOM   961  O  OH  . TYR B 1 52  ? -12.118 -8.492  1.564   1.00 26.58 ? 42   TYR B OH  1 
ATOM   962  N  N   . ALA B 1 53  ? -8.267  -12.326 -5.325  1.00 28.26 ? 43   ALA B N   1 
ATOM   963  C  CA  . ALA B 1 53  ? -7.073  -12.708 -6.080  1.00 28.95 ? 43   ALA B CA  1 
ATOM   964  C  C   . ALA B 1 53  ? -6.809  -11.840 -7.319  1.00 29.33 ? 43   ALA B C   1 
ATOM   965  O  O   . ALA B 1 53  ? -5.772  -11.222 -7.401  1.00 28.63 ? 43   ALA B O   1 
ATOM   966  C  CB  . ALA B 1 53  ? -7.118  -14.188 -6.458  1.00 28.97 ? 43   ALA B CB  1 
ATOM   967  N  N   . SER B 1 54  ? -7.732  -11.767 -8.270  1.00 29.98 ? 44   SER B N   1 
ATOM   968  C  CA  . SER B 1 54  ? -7.409  -11.039 -9.504  1.00 32.35 ? 44   SER B CA  1 
ATOM   969  C  C   . SER B 1 54  ? -7.193  -9.549  -9.247  1.00 32.28 ? 44   SER B C   1 
ATOM   970  O  O   . SER B 1 54  ? -6.173  -8.975  -9.685  1.00 32.47 ? 44   SER B O   1 
ATOM   971  C  CB  . SER B 1 54  ? -8.435  -11.281 -10.609 1.00 32.87 ? 44   SER B CB  1 
ATOM   972  O  OG  . SER B 1 54  ? -9.671  -11.696 -10.051 1.00 37.93 ? 44   SER B OG  1 
ATOM   973  N  N   . LEU B 1 55  ? -8.089  -8.944  -8.461  1.00 31.93 ? 45   LEU B N   1 
ATOM   974  C  CA  . LEU B 1 55  ? -7.992  -7.506  -8.153  1.00 30.95 ? 45   LEU B CA  1 
ATOM   975  C  C   . LEU B 1 55  ? -6.740  -7.172  -7.359  1.00 30.42 ? 45   LEU B C   1 
ATOM   976  O  O   . LEU B 1 55  ? -6.073  -6.157  -7.609  1.00 31.37 ? 45   LEU B O   1 
ATOM   977  C  CB  . LEU B 1 55  ? -9.253  -7.044  -7.430  1.00 31.42 ? 45   LEU B CB  1 
ATOM   978  C  CG  . LEU B 1 55  ? -10.433 -6.997  -8.400  1.00 32.75 ? 45   LEU B CG  1 
ATOM   979  C  CD1 . LEU B 1 55  ? -11.772 -6.973  -7.672  1.00 33.97 ? 45   LEU B CD1 1 
ATOM   980  C  CD2 . LEU B 1 55  ? -10.286 -5.826  -9.375  1.00 35.23 ? 45   LEU B CD2 1 
ATOM   981  N  N   . MET B 1 56  ? -6.381  -8.035  -6.420  1.00 28.53 ? 46   MET B N   1 
ATOM   982  C  CA  . MET B 1 56  ? -5.196  -7.790  -5.639  1.00 27.70 ? 46   MET B CA  1 
ATOM   983  C  C   . MET B 1 56  ? -3.940  -7.932  -6.513  1.00 28.74 ? 46   MET B C   1 
ATOM   984  O  O   . MET B 1 56  ? -2.972  -7.204  -6.322  1.00 28.09 ? 46   MET B O   1 
ATOM   985  C  CB  . MET B 1 56  ? -5.108  -8.711  -4.424  1.00 26.86 ? 46   MET B CB  1 
ATOM   986  C  CG  . MET B 1 56  ? -5.944  -8.244  -3.220  1.00 25.71 ? 46   MET B CG  1 
ATOM   987  S  SD  . MET B 1 56  ? -5.675  -6.515  -2.724  1.00 25.84 ? 46   MET B SD  1 
ATOM   988  C  CE  . MET B 1 56  ? -3.955  -6.624  -2.201  1.00 22.96 ? 46   MET B CE  1 
ATOM   989  N  N   . HIS B 1 57  ? -3.976  -8.864  -7.466  1.00 29.18 ? 47   HIS B N   1 
ATOM   990  C  CA  . HIS B 1 57  ? -2.839  -9.108  -8.345  1.00 29.39 ? 47   HIS B CA  1 
ATOM   991  C  C   . HIS B 1 57  ? -2.414  -7.861  -9.132  1.00 28.19 ? 47   HIS B C   1 
ATOM   992  O  O   . HIS B 1 57  ? -1.247  -7.498  -9.058  1.00 27.83 ? 47   HIS B O   1 
ATOM   993  C  CB  . HIS B 1 57  ? -3.068  -10.314 -9.259  1.00 30.05 ? 47   HIS B CB  1 
ATOM   994  C  CG  . HIS B 1 57  ? -1.953  -10.551 -10.236 1.00 31.95 ? 47   HIS B CG  1 
ATOM   995  N  ND1 . HIS B 1 57  ? -0.743  -11.101 -9.868  1.00 34.44 ? 47   HIS B ND1 1 
ATOM   996  C  CD2 . HIS B 1 57  ? -1.867  -10.303 -11.563 1.00 32.43 ? 47   HIS B CD2 1 
ATOM   997  C  CE1 . HIS B 1 57  ? 0.038   -11.187 -10.930 1.00 34.23 ? 47   HIS B CE1 1 
ATOM   998  N  NE2 . HIS B 1 57  ? -0.622  -10.709 -11.973 1.00 32.21 ? 47   HIS B NE2 1 
ATOM   999  N  N   . SER B 1 58  ? -3.335  -7.205  -9.847  1.00 27.46 ? 48   SER B N   1 
ATOM   1000 C  CA  . SER B 1 58  ? -2.982  -5.982  -10.581 1.00 26.96 ? 48   SER B CA  1 
ATOM   1001 C  C   . SER B 1 58  ? -2.481  -4.834  -9.672  1.00 25.76 ? 48   SER B C   1 
ATOM   1002 O  O   . SER B 1 58  ? -1.541  -4.120  -10.027 1.00 24.31 ? 48   SER B O   1 
ATOM   1003 C  CB  . SER B 1 58  ? -4.058  -5.523  -11.579 1.00 28.15 ? 48   SER B CB  1 
ATOM   1004 O  OG  . SER B 1 58  ? -5.186  -4.900  -10.975 1.00 31.14 ? 48   SER B OG  1 
ATOM   1005 N  N   . PHE B 1 59  ? -3.067  -4.709  -8.485  1.00 23.63 ? 49   PHE B N   1 
ATOM   1006 C  CA  . PHE B 1 59  ? -2.641  -3.716  -7.514  1.00 22.67 ? 49   PHE B CA  1 
ATOM   1007 C  C   . PHE B 1 59  ? -1.213  -4.031  -7.013  1.00 21.66 ? 49   PHE B C   1 
ATOM   1008 O  O   . PHE B 1 59  ? -0.392  -3.140  -6.913  1.00 21.17 ? 49   PHE B O   1 
ATOM   1009 C  CB  . PHE B 1 59  ? -3.610  -3.653  -6.329  1.00 22.36 ? 49   PHE B CB  1 
ATOM   1010 C  CG  . PHE B 1 59  ? -3.108  -2.802  -5.184  1.00 25.77 ? 49   PHE B CG  1 
ATOM   1011 C  CD1 . PHE B 1 59  ? -2.812  -1.463  -5.374  1.00 25.99 ? 49   PHE B CD1 1 
ATOM   1012 C  CD2 . PHE B 1 59  ? -2.888  -3.355  -3.939  1.00 28.90 ? 49   PHE B CD2 1 
ATOM   1013 C  CE1 . PHE B 1 59  ? -2.337  -0.672  -4.326  1.00 27.65 ? 49   PHE B CE1 1 
ATOM   1014 C  CE2 . PHE B 1 59  ? -2.414  -2.560  -2.886  1.00 31.47 ? 49   PHE B CE2 1 
ATOM   1015 C  CZ  . PHE B 1 59  ? -2.152  -1.213  -3.092  1.00 28.20 ? 49   PHE B CZ  1 
ATOM   1016 N  N   . ILE B 1 60  ? -0.926  -5.297  -6.714  1.00 21.62 ? 50   ILE B N   1 
ATOM   1017 C  CA  . ILE B 1 60  ? 0.425   -5.705  -6.266  1.00 21.73 ? 50   ILE B CA  1 
ATOM   1018 C  C   . ILE B 1 60  ? 1.513   -5.449  -7.330  1.00 21.76 ? 50   ILE B C   1 
ATOM   1019 O  O   . ILE B 1 60  ? 2.608   -4.980  -7.008  1.00 21.38 ? 50   ILE B O   1 
ATOM   1020 C  CB  . ILE B 1 60  ? 0.440   -7.180  -5.793  1.00 22.78 ? 50   ILE B CB  1 
ATOM   1021 C  CG1 . ILE B 1 60  ? -0.443  -7.353  -4.549  1.00 22.71 ? 50   ILE B CG1 1 
ATOM   1022 C  CG2 . ILE B 1 60  ? 1.886   -7.651  -5.477  1.00 22.94 ? 50   ILE B CG2 1 
ATOM   1023 C  CD1 . ILE B 1 60  ? -0.922  -8.813  -4.361  1.00 25.47 ? 50   ILE B CD1 1 
ATOM   1024 N  N   . LEU B 1 61  ? 1.202   -5.749  -8.589  1.00 21.48 ? 51   LEU B N   1 
ATOM   1025 C  CA  . LEU B 1 61  ? 2.102   -5.419  -9.703  1.00 22.38 ? 51   LEU B CA  1 
ATOM   1026 C  C   . LEU B 1 61  ? 2.399   -3.928  -9.742  1.00 21.45 ? 51   LEU B C   1 
ATOM   1027 O  O   . LEU B 1 61  ? 3.541   -3.541  -9.965  1.00 21.70 ? 51   LEU B O   1 
ATOM   1028 C  CB  . LEU B 1 61  ? 1.518   -5.841  -11.063 1.00 22.07 ? 51   LEU B CB  1 
ATOM   1029 C  CG  . LEU B 1 61  ? 1.309   -7.338  -11.355 1.00 26.21 ? 51   LEU B CG  1 
ATOM   1030 C  CD1 . LEU B 1 61  ? 0.759   -7.531  -12.776 1.00 29.61 ? 51   LEU B CD1 1 
ATOM   1031 C  CD2 . LEU B 1 61  ? 2.577   -8.152  -11.159 1.00 29.37 ? 51   LEU B CD2 1 
ATOM   1032 N  N   . LYS B 1 62  ? 1.368   -3.105  -9.541  1.00 19.90 ? 52   LYS B N   1 
ATOM   1033 C  CA  . LYS B 1 62  ? 1.526   -1.650  -9.520  1.00 19.71 ? 52   LYS B CA  1 
ATOM   1034 C  C   . LYS B 1 62  ? 2.390   -1.181  -8.361  1.00 19.38 ? 52   LYS B C   1 
ATOM   1035 O  O   . LYS B 1 62  ? 3.229   -0.285  -8.545  1.00 19.75 ? 52   LYS B O   1 
ATOM   1036 C  CB  . LYS B 1 62  ? 0.153   -0.949  -9.510  1.00 19.51 ? 52   LYS B CB  1 
ATOM   1037 C  CG  . LYS B 1 62  ? 0.178   0.583   -9.553  1.00 20.37 ? 52   LYS B CG  1 
ATOM   1038 C  CD  . LYS B 1 62  ? 0.809   1.088   -10.828 1.00 24.94 ? 52   LYS B CD  1 
ATOM   1039 C  CE  . LYS B 1 62  ? 0.778   2.623   -10.887 1.00 29.43 ? 52   LYS B CE  1 
ATOM   1040 N  NZ  . LYS B 1 62  ? 1.803   3.086   -11.919 1.00 31.77 ? 52   LYS B NZ  1 
ATOM   1041 N  N   . ALA B 1 63  ? 2.199   -1.763  -7.170  1.00 18.91 ? 53   ALA B N   1 
ATOM   1042 C  CA  . ALA B 1 63  ? 3.066   -1.439  -6.008  1.00 19.39 ? 53   ALA B CA  1 
ATOM   1043 C  C   . ALA B 1 63  ? 4.544   -1.753  -6.299  1.00 19.38 ? 53   ALA B C   1 
ATOM   1044 O  O   . ALA B 1 63  ? 5.448   -0.961  -6.028  1.00 18.44 ? 53   ALA B O   1 
ATOM   1045 C  CB  . ALA B 1 63  ? 2.608   -2.199  -4.741  1.00 18.37 ? 53   ALA B CB  1 
ATOM   1046 N  N   . ARG B 1 64  ? 4.778   -2.955  -6.801  1.00 20.58 ? 54   ARG B N   1 
ATOM   1047 C  CA  . ARG B 1 64  ? 6.133   -3.389  -7.145  1.00 20.80 ? 54   ARG B CA  1 
ATOM   1048 C  C   . ARG B 1 64  ? 6.739   -2.464  -8.214  1.00 20.04 ? 54   ARG B C   1 
ATOM   1049 O  O   . ARG B 1 64  ? 7.857   -2.008  -8.047  1.00 20.27 ? 54   ARG B O   1 
ATOM   1050 C  CB  . ARG B 1 64  ? 6.095   -4.841  -7.639  1.00 20.82 ? 54   ARG B CB  1 
ATOM   1051 C  CG  . ARG B 1 64  ? 7.471   -5.481  -7.740  1.00 25.32 ? 54   ARG B CG  1 
ATOM   1052 C  CD  . ARG B 1 64  ? 7.372   -6.966  -8.043  1.00 27.51 ? 54   ARG B CD  1 
ATOM   1053 N  NE  . ARG B 1 64  ? 6.747   -7.163  -9.343  1.00 33.50 ? 54   ARG B NE  1 
ATOM   1054 C  CZ  . ARG B 1 64  ? 6.383   -8.345  -9.840  1.00 37.16 ? 54   ARG B CZ  1 
ATOM   1055 N  NH1 . ARG B 1 64  ? 6.593   -9.467  -9.153  1.00 39.11 ? 54   ARG B NH1 1 
ATOM   1056 N  NH2 . ARG B 1 64  ? 5.821   -8.400  -11.041 1.00 39.04 ? 54   ARG B NH2 1 
ATOM   1057 N  N   . SER B 1 65  ? 6.011   -2.178  -9.299  1.00 19.95 ? 55   SER B N   1 
ATOM   1058 C  CA  . SER B 1 65  ? 6.576   -1.348  -10.378 1.00 19.68 ? 55   SER B CA  1 
ATOM   1059 C  C   . SER B 1 65  ? 6.780   0.108   -9.962  1.00 20.05 ? 55   SER B C   1 
ATOM   1060 O  O   . SER B 1 65  ? 7.721   0.773   -10.426 1.00 20.58 ? 55   SER B O   1 
ATOM   1061 C  CB  . SER B 1 65  ? 5.723   -1.415  -11.656 1.00 20.31 ? 55   SER B CB  1 
ATOM   1062 O  OG  . SER B 1 65  ? 4.509   -0.697  -11.481 1.00 20.91 ? 55   SER B OG  1 
ATOM   1063 N  N   . THR B 1 66  ? 5.903   0.617   -9.089  1.00 19.25 ? 56   THR B N   1 
ATOM   1064 C  CA  . THR B 1 66  ? 6.038   1.980   -8.541  1.00 18.02 ? 56   THR B CA  1 
ATOM   1065 C  C   . THR B 1 66  ? 7.295   2.148   -7.696  1.00 17.45 ? 56   THR B C   1 
ATOM   1066 O  O   . THR B 1 66  ? 8.012   3.146   -7.834  1.00 16.85 ? 56   THR B O   1 
ATOM   1067 C  CB  . THR B 1 66  ? 4.798   2.376   -7.672  1.00 19.30 ? 56   THR B CB  1 
ATOM   1068 O  OG1 . THR B 1 66  ? 3.611   2.321   -8.480  1.00 19.54 ? 56   THR B OG1 1 
ATOM   1069 C  CG2 . THR B 1 66  ? 4.966   3.781   -7.056  1.00 17.74 ? 56   THR B CG2 1 
ATOM   1070 N  N   . VAL B 1 67  ? 7.553   1.213   -6.783  1.00 17.09 ? 57   VAL B N   1 
ATOM   1071 C  CA  . VAL B 1 67  ? 8.804   1.265   -5.999  1.00 17.03 ? 57   VAL B CA  1 
ATOM   1072 C  C   . VAL B 1 67  ? 10.033  1.370   -6.937  1.00 18.07 ? 57   VAL B C   1 
ATOM   1073 O  O   . VAL B 1 67  ? 10.971  2.158   -6.695  1.00 17.88 ? 57   VAL B O   1 
ATOM   1074 C  CB  . VAL B 1 67  ? 8.915   0.027   -5.073  1.00 17.33 ? 57   VAL B CB  1 
ATOM   1075 C  CG1 . VAL B 1 67  ? 10.359  -0.178  -4.554  1.00 14.94 ? 57   VAL B CG1 1 
ATOM   1076 C  CG2 . VAL B 1 67  ? 7.894   0.126   -3.897  1.00 16.03 ? 57   VAL B CG2 1 
ATOM   1077 N  N   . ARG B 1 68  ? 10.020  0.564   -8.001  1.00 18.49 ? 58   ARG B N   1 
ATOM   1078 C  CA  . ARG B 1 68  ? 11.144  0.510   -8.953  1.00 19.76 ? 58   ARG B CA  1 
ATOM   1079 C  C   . ARG B 1 68  ? 11.230  1.742   -9.843  1.00 20.11 ? 58   ARG B C   1 
ATOM   1080 O  O   . ARG B 1 68  ? 12.326  2.166   -10.196 1.00 20.12 ? 58   ARG B O   1 
ATOM   1081 C  CB  . ARG B 1 68  ? 11.112  -0.776  -9.792  1.00 19.95 ? 58   ARG B CB  1 
ATOM   1082 C  CG  . ARG B 1 68  ? 11.491  -2.064  -9.037  1.00 23.00 ? 58   ARG B CG  1 
ATOM   1083 C  CD  . ARG B 1 68  ? 13.033  -2.304  -8.945  1.00 27.36 ? 58   ARG B CD  1 
ATOM   1084 N  NE  . ARG B 1 68  ? 13.338  -3.666  -8.448  1.00 29.42 ? 58   ARG B NE  1 
ATOM   1085 C  CZ  . ARG B 1 68  ? 13.996  -4.634  -9.105  1.00 26.47 ? 58   ARG B CZ  1 
ATOM   1086 N  NH1 . ARG B 1 68  ? 14.495  -4.455  -10.323 1.00 32.11 ? 58   ARG B NH1 1 
ATOM   1087 N  NH2 . ARG B 1 68  ? 14.140  -5.812  -8.547  1.00 21.60 ? 58   ARG B NH2 1 
ATOM   1088 N  N   . ASP B 1 69  ? 10.093  2.350   -10.189 1.00 20.49 ? 59   ASP B N   1 
ATOM   1089 C  CA  . ASP B 1 69  ? 10.112  3.589   -10.966 1.00 21.22 ? 59   ASP B CA  1 
ATOM   1090 C  C   . ASP B 1 69  ? 10.632  4.749   -10.148 1.00 21.28 ? 59   ASP B C   1 
ATOM   1091 O  O   . ASP B 1 69  ? 11.227  5.676   -10.697 1.00 20.65 ? 59   ASP B O   1 
ATOM   1092 C  CB  . ASP B 1 69  ? 8.731   3.947   -11.478 1.00 22.87 ? 59   ASP B CB  1 
ATOM   1093 C  CG  . ASP B 1 69  ? 8.311   3.091   -12.651 1.00 25.26 ? 59   ASP B CG  1 
ATOM   1094 O  OD1 . ASP B 1 69  ? 9.189   2.621   -13.419 1.00 31.58 ? 59   ASP B OD1 1 
ATOM   1095 O  OD2 . ASP B 1 69  ? 7.100   2.878   -12.775 1.00 31.98 ? 59   ASP B OD2 1 
ATOM   1096 N  N   . ILE B 1 70  ? 10.381  4.706   -8.844  1.00 19.89 ? 60   ILE B N   1 
ATOM   1097 C  CA  . ILE B 1 70  ? 10.918  5.701   -7.947  1.00 20.00 ? 60   ILE B CA  1 
ATOM   1098 C  C   . ILE B 1 70  ? 12.433  5.460   -7.718  1.00 20.33 ? 60   ILE B C   1 
ATOM   1099 O  O   . ILE B 1 70  ? 13.207  6.415   -7.719  1.00 20.82 ? 60   ILE B O   1 
ATOM   1100 C  CB  . ILE B 1 70  ? 10.147  5.740   -6.622  1.00 19.94 ? 60   ILE B CB  1 
ATOM   1101 C  CG1 . ILE B 1 70  ? 8.709   6.255   -6.849  1.00 20.02 ? 60   ILE B CG1 1 
ATOM   1102 C  CG2 . ILE B 1 70  ? 10.883  6.624   -5.595  1.00 21.11 ? 60   ILE B CG2 1 
ATOM   1103 C  CD1 . ILE B 1 70  ? 7.807   6.001   -5.631  1.00 21.25 ? 60   ILE B CD1 1 
ATOM   1104 N  N   . ASP B 1 71  ? 12.842  4.202   -7.541  1.00 18.95 ? 61   ASP B N   1 
ATOM   1105 C  CA  . ASP B 1 71  ? 14.263  3.861   -7.330  1.00 18.77 ? 61   ASP B CA  1 
ATOM   1106 C  C   . ASP B 1 71  ? 14.496  2.492   -7.918  1.00 19.16 ? 61   ASP B C   1 
ATOM   1107 O  O   . ASP B 1 71  ? 14.141  1.486   -7.306  1.00 19.10 ? 61   ASP B O   1 
ATOM   1108 C  CB  . ASP B 1 71  ? 14.643  3.828   -5.831  1.00 18.66 ? 61   ASP B CB  1 
ATOM   1109 C  CG  . ASP B 1 71  ? 16.128  3.424   -5.601  1.00 19.61 ? 61   ASP B CG  1 
ATOM   1110 O  OD1 . ASP B 1 71  ? 16.852  3.167   -6.577  1.00 18.70 ? 61   ASP B OD1 1 
ATOM   1111 O  OD2 . ASP B 1 71  ? 16.563  3.346   -4.435  1.00 22.84 ? 61   ASP B OD2 1 
ATOM   1112 N  N   . PRO B 1 72  ? 15.076  2.443   -9.134  1.00 20.03 ? 62   PRO B N   1 
ATOM   1113 C  CA  . PRO B 1 72  ? 15.381  1.200   -9.830  1.00 19.74 ? 62   PRO B CA  1 
ATOM   1114 C  C   . PRO B 1 72  ? 16.136  0.197   -8.968  1.00 20.04 ? 62   PRO B C   1 
ATOM   1115 O  O   . PRO B 1 72  ? 16.049  -0.987  -9.221  1.00 20.85 ? 62   PRO B O   1 
ATOM   1116 C  CB  . PRO B 1 72  ? 16.244  1.686   -11.002 1.00 20.27 ? 62   PRO B CB  1 
ATOM   1117 C  CG  . PRO B 1 72  ? 15.657  2.991   -11.323 1.00 21.52 ? 62   PRO B CG  1 
ATOM   1118 C  CD  . PRO B 1 72  ? 15.422  3.617   -9.954  1.00 19.92 ? 62   PRO B CD  1 
ATOM   1119 N  N   . GLN B 1 73  ? 16.871  0.654   -7.950  1.00 19.96 ? 63   GLN B N   1 
ATOM   1120 C  CA  . GLN B 1 73  ? 17.679  -0.280  -7.153  1.00 19.74 ? 63   GLN B CA  1 
ATOM   1121 C  C   . GLN B 1 73  ? 16.954  -0.750  -5.886  1.00 20.43 ? 63   GLN B C   1 
ATOM   1122 O  O   . GLN B 1 73  ? 17.517  -1.511  -5.103  1.00 20.73 ? 63   GLN B O   1 
ATOM   1123 C  CB  . GLN B 1 73  ? 19.053  0.340   -6.807  1.00 20.32 ? 63   GLN B CB  1 
ATOM   1124 C  CG  . GLN B 1 73  ? 19.816  0.873   -8.044  1.00 20.14 ? 63   GLN B CG  1 
ATOM   1125 C  CD  . GLN B 1 73  ? 20.085  -0.206  -9.087  1.00 19.62 ? 63   GLN B CD  1 
ATOM   1126 O  OE1 . GLN B 1 73  ? 20.137  -1.388  -8.768  1.00 19.01 ? 63   GLN B OE1 1 
ATOM   1127 N  NE2 . GLN B 1 73  ? 20.291  0.201   -10.328 1.00 21.06 ? 63   GLN B NE2 1 
ATOM   1128 N  N   . ASN B 1 74  ? 15.711  -0.289  -5.697  1.00 19.52 ? 64   ASN B N   1 
ATOM   1129 C  CA  . ASN B 1 74  ? 14.903  -0.655  -4.523  1.00 19.61 ? 64   ASN B CA  1 
ATOM   1130 C  C   . ASN B 1 74  ? 13.988  -1.840  -4.884  1.00 19.30 ? 64   ASN B C   1 
ATOM   1131 O  O   . ASN B 1 74  ? 13.871  -2.201  -6.065  1.00 18.98 ? 64   ASN B O   1 
ATOM   1132 C  CB  . ASN B 1 74  ? 14.087  0.584   -4.076  1.00 18.96 ? 64   ASN B CB  1 
ATOM   1133 C  CG  . ASN B 1 74  ? 13.635  0.528   -2.620  1.00 19.81 ? 64   ASN B CG  1 
ATOM   1134 O  OD1 . ASN B 1 74  ? 14.000  -0.379  -1.847  1.00 18.35 ? 64   ASN B OD1 1 
ATOM   1135 N  ND2 . ASN B 1 74  ? 12.838  1.518   -2.235  1.00 21.05 ? 64   ASN B ND2 1 
ATOM   1136 N  N   . ASP B 1 75  ? 13.383  -2.464  -3.870  1.00 19.63 ? 65   ASP B N   1 
ATOM   1137 C  CA  . ASP B 1 75  ? 12.427  -3.583  -4.021  1.00 19.37 ? 65   ASP B CA  1 
ATOM   1138 C  C   . ASP B 1 75  ? 11.341  -3.538  -2.957  1.00 19.11 ? 65   ASP B C   1 
ATOM   1139 O  O   . ASP B 1 75  ? 11.636  -3.449  -1.787  1.00 18.23 ? 65   ASP B O   1 
ATOM   1140 C  CB  . ASP B 1 75  ? 13.103  -4.948  -3.861  1.00 19.60 ? 65   ASP B CB  1 
ATOM   1141 C  CG  . ASP B 1 75  ? 14.001  -5.295  -5.044  1.00 23.91 ? 65   ASP B CG  1 
ATOM   1142 O  OD1 . ASP B 1 75  ? 13.466  -5.664  -6.121  1.00 24.61 ? 65   ASP B OD1 1 
ATOM   1143 O  OD2 . ASP B 1 75  ? 15.226  -5.170  -4.877  1.00 25.30 ? 65   ASP B OD2 1 
ATOM   1144 N  N   . LEU B 1 76  ? 10.091  -3.654  -3.387  1.00 19.68 ? 66   LEU B N   1 
ATOM   1145 C  CA  . LEU B 1 76  ? 8.950   -3.827  -2.488  1.00 19.97 ? 66   LEU B CA  1 
ATOM   1146 C  C   . LEU B 1 76  ? 9.156   -5.068  -1.610  1.00 20.33 ? 66   LEU B C   1 
ATOM   1147 O  O   . LEU B 1 76  ? 9.523   -6.125  -2.130  1.00 20.40 ? 66   LEU B O   1 
ATOM   1148 C  CB  . LEU B 1 76  ? 7.680   -4.021  -3.333  1.00 19.32 ? 66   LEU B CB  1 
ATOM   1149 C  CG  . LEU B 1 76  ? 6.373   -4.308  -2.554  1.00 20.42 ? 66   LEU B CG  1 
ATOM   1150 C  CD1 . LEU B 1 76  ? 5.893   -3.021  -1.913  1.00 17.44 ? 66   LEU B CD1 1 
ATOM   1151 C  CD2 . LEU B 1 76  ? 5.319   -4.854  -3.539  1.00 19.47 ? 66   LEU B CD2 1 
ATOM   1152 N  N   . THR B 1 77  ? 8.934   -4.948  -0.305  1.00 19.78 ? 67   THR B N   1 
ATOM   1153 C  CA  . THR B 1 77  ? 9.026   -6.105  0.594   1.00 21.46 ? 67   THR B CA  1 
ATOM   1154 C  C   . THR B 1 77  ? 7.735   -6.362  1.376   1.00 22.31 ? 67   THR B C   1 
ATOM   1155 O  O   . THR B 1 77  ? 7.527   -7.473  1.861   1.00 22.61 ? 67   THR B O   1 
ATOM   1156 C  CB  . THR B 1 77  ? 10.125  -5.930  1.647   1.00 21.52 ? 67   THR B CB  1 
ATOM   1157 O  OG1 . THR B 1 77  ? 9.919   -4.684  2.304   1.00 21.12 ? 67   THR B OG1 1 
ATOM   1158 C  CG2 . THR B 1 77  ? 11.512  -5.953  1.009   1.00 20.69 ? 67   THR B CG2 1 
ATOM   1159 N  N   . PHE B 1 78  ? 6.877   -5.344  1.508   1.00 22.77 ? 68   PHE B N   1 
ATOM   1160 C  CA  . PHE B 1 78  ? 5.646   -5.502  2.297   1.00 23.62 ? 68   PHE B CA  1 
ATOM   1161 C  C   . PHE B 1 78  ? 4.665   -4.370  2.000   1.00 23.58 ? 68   PHE B C   1 
ATOM   1162 O  O   . PHE B 1 78  ? 5.082   -3.217  1.821   1.00 22.59 ? 68   PHE B O   1 
ATOM   1163 C  CB  . PHE B 1 78  ? 5.981   -5.503  3.792   1.00 24.69 ? 68   PHE B CB  1 
ATOM   1164 C  CG  . PHE B 1 78  ? 4.797   -5.781  4.689   1.00 28.49 ? 68   PHE B CG  1 
ATOM   1165 C  CD1 . PHE B 1 78  ? 4.348   -7.079  4.887   1.00 31.57 ? 68   PHE B CD1 1 
ATOM   1166 C  CD2 . PHE B 1 78  ? 4.154   -4.750  5.352   1.00 33.01 ? 68   PHE B CD2 1 
ATOM   1167 C  CE1 . PHE B 1 78  ? 3.252   -7.339  5.725   1.00 32.66 ? 68   PHE B CE1 1 
ATOM   1168 C  CE2 . PHE B 1 78  ? 3.071   -5.011  6.193   1.00 34.24 ? 68   PHE B CE2 1 
ATOM   1169 C  CZ  . PHE B 1 78  ? 2.624   -6.309  6.368   1.00 32.01 ? 68   PHE B CZ  1 
ATOM   1170 N  N   . LEU B 1 79  ? 3.374   -4.698  1.975   1.00 23.31 ? 69   LEU B N   1 
ATOM   1171 C  CA  . LEU B 1 79  ? 2.300   -3.725  1.714   1.00 24.62 ? 69   LEU B CA  1 
ATOM   1172 C  C   . LEU B 1 79  ? 1.199   -3.914  2.744   1.00 24.12 ? 69   LEU B C   1 
ATOM   1173 O  O   . LEU B 1 79  ? 0.771   -5.041  2.962   1.00 23.64 ? 69   LEU B O   1 
ATOM   1174 C  CB  . LEU B 1 79  ? 1.630   -4.015  0.360   1.00 24.94 ? 69   LEU B CB  1 
ATOM   1175 C  CG  . LEU B 1 79  ? 1.804   -3.243  -0.927  1.00 28.34 ? 69   LEU B CG  1 
ATOM   1176 C  CD1 . LEU B 1 79  ? 0.969   -3.932  -1.993  1.00 27.48 ? 69   LEU B CD1 1 
ATOM   1177 C  CD2 . LEU B 1 79  ? 1.368   -1.789  -0.760  1.00 31.97 ? 69   LEU B CD2 1 
ATOM   1178 N  N   . ARG B 1 80  ? 0.702   -2.816  3.308   1.00 23.53 ? 70   ARG B N   1 
ATOM   1179 C  CA  . ARG B 1 80  ? -0.501  -2.842  4.131   1.00 24.30 ? 70   ARG B CA  1 
ATOM   1180 C  C   . ARG B 1 80  ? -1.510  -1.820  3.579   1.00 24.17 ? 70   ARG B C   1 
ATOM   1181 O  O   . ARG B 1 80  ? -1.186  -0.640  3.427   1.00 23.47 ? 70   ARG B O   1 
ATOM   1182 C  CB  . ARG B 1 80  ? -0.175  -2.565  5.597   1.00 24.19 ? 70   ARG B CB  1 
ATOM   1183 C  CG  . ARG B 1 80  ? -1.387  -2.792  6.547   1.00 27.92 ? 70   ARG B CG  1 
ATOM   1184 C  CD  . ARG B 1 80  ? -1.070  -2.396  8.016   1.00 32.43 ? 70   ARG B CD  1 
ATOM   1185 N  NE  . ARG B 1 80  ? 0.165   -3.023  8.513   1.00 33.99 ? 70   ARG B NE  1 
ATOM   1186 C  CZ  . ARG B 1 80  ? 0.199   -4.079  9.323   1.00 35.92 ? 70   ARG B CZ  1 
ATOM   1187 N  NH1 . ARG B 1 80  ? -0.926  -4.626  9.763   1.00 37.61 ? 70   ARG B NH1 1 
ATOM   1188 N  NH2 . ARG B 1 80  ? 1.355   -4.588  9.708   1.00 33.87 ? 70   ARG B NH2 1 
ATOM   1189 N  N   . ILE B 1 81  ? -2.708  -2.291  3.239   1.00 23.92 ? 71   ILE B N   1 
ATOM   1190 C  CA  . ILE B 1 81  ? -3.772  -1.433  2.713   1.00 24.47 ? 71   ILE B CA  1 
ATOM   1191 C  C   . ILE B 1 81  ? -4.864  -1.437  3.781   1.00 24.24 ? 71   ILE B C   1 
ATOM   1192 O  O   . ILE B 1 81  ? -5.514  -2.463  4.016   1.00 24.06 ? 71   ILE B O   1 
ATOM   1193 C  CB  . ILE B 1 81  ? -4.327  -1.952  1.355   1.00 25.28 ? 71   ILE B CB  1 
ATOM   1194 C  CG1 . ILE B 1 81  ? -3.193  -2.295  0.392   1.00 28.30 ? 71   ILE B CG1 1 
ATOM   1195 C  CG2 . ILE B 1 81  ? -5.229  -0.918  0.683   1.00 27.38 ? 71   ILE B CG2 1 
ATOM   1196 C  CD1 . ILE B 1 81  ? -2.970  -3.817  0.183   1.00 32.49 ? 71   ILE B CD1 1 
ATOM   1197 N  N   . ARG B 1 82  ? -5.044  -0.308  4.453   1.00 22.41 ? 72   ARG B N   1 
ATOM   1198 C  CA  . ARG B 1 82  ? -6.063  -0.227  5.477   1.00 23.08 ? 72   ARG B CA  1 
ATOM   1199 C  C   . ARG B 1 82  ? -7.280  0.495   4.891   1.00 21.84 ? 72   ARG B C   1 
ATOM   1200 O  O   . ARG B 1 82  ? -7.126  1.458   4.145   1.00 20.35 ? 72   ARG B O   1 
ATOM   1201 C  CB  . ARG B 1 82  ? -5.498  0.492   6.698   1.00 23.64 ? 72   ARG B CB  1 
ATOM   1202 C  CG  . ARG B 1 82  ? -6.389  0.564   7.899   1.00 28.79 ? 72   ARG B CG  1 
ATOM   1203 C  CD  . ARG B 1 82  ? -5.732  1.491   8.943   1.00 37.63 ? 72   ARG B CD  1 
ATOM   1204 N  NE  . ARG B 1 82  ? -4.796  0.830   9.864   1.00 45.02 ? 72   ARG B NE  1 
ATOM   1205 C  CZ  . ARG B 1 82  ? -3.535  0.497   9.598   1.00 46.81 ? 72   ARG B CZ  1 
ATOM   1206 N  NH1 . ARG B 1 82  ? -3.012  0.718   8.401   1.00 50.60 ? 72   ARG B NH1 1 
ATOM   1207 N  NH2 . ARG B 1 82  ? -2.795  -0.086  10.533  1.00 48.72 ? 72   ARG B NH2 1 
ATOM   1208 N  N   . SER B 1 83  ? -8.475  0.012   5.223   1.00 21.19 ? 73   SER B N   1 
ATOM   1209 C  CA  . SER B 1 83  ? -9.716  0.653   4.810   1.00 21.21 ? 73   SER B CA  1 
ATOM   1210 C  C   . SER B 1 83  ? -10.672 0.730   6.007   1.00 22.12 ? 73   SER B C   1 
ATOM   1211 O  O   . SER B 1 83  ? -10.361 0.234   7.086   1.00 21.21 ? 73   SER B O   1 
ATOM   1212 C  CB  . SER B 1 83  ? -10.364 -0.154  3.690   1.00 20.73 ? 73   SER B CB  1 
ATOM   1213 O  OG  . SER B 1 83  ? -10.673 -1.472  4.151   1.00 19.90 ? 73   SER B OG  1 
ATOM   1214 N  N   . LYS B 1 84  ? -11.836 1.343   5.802   1.00 22.52 ? 74   LYS B N   1 
ATOM   1215 C  CA  . LYS B 1 84  ? -12.836 1.462   6.852   1.00 24.56 ? 74   LYS B CA  1 
ATOM   1216 C  C   . LYS B 1 84  ? -13.284 0.092   7.367   1.00 24.07 ? 74   LYS B C   1 
ATOM   1217 O  O   . LYS B 1 84  ? -13.386 -0.095  8.565   1.00 23.95 ? 74   LYS B O   1 
ATOM   1218 C  CB  . LYS B 1 84  ? -14.034 2.308   6.380   1.00 25.46 ? 74   LYS B CB  1 
ATOM   1219 C  CG  . LYS B 1 84  ? -13.671 3.809   6.256   1.00 30.84 ? 74   LYS B CG  1 
ATOM   1220 C  CD  . LYS B 1 84  ? -14.127 4.650   7.485   1.00 37.25 ? 74   LYS B CD  1 
ATOM   1221 C  CE  . LYS B 1 84  ? -13.148 5.816   7.776   1.00 39.52 ? 74   LYS B CE  1 
ATOM   1222 N  NZ  . LYS B 1 84  ? -13.801 7.154   7.997   1.00 42.11 ? 74   LYS B NZ  1 
ATOM   1223 N  N   . LYS B 1 85  ? -13.448 -0.880  6.477   1.00 23.28 ? 75   LYS B N   1 
ATOM   1224 C  CA  . LYS B 1 85  ? -13.970 -2.185  6.889   1.00 24.27 ? 75   LYS B CA  1 
ATOM   1225 C  C   . LYS B 1 85  ? -12.921 -3.256  7.214   1.00 24.68 ? 75   LYS B C   1 
ATOM   1226 O  O   . LYS B 1 85  ? -13.183 -4.186  7.993   1.00 23.78 ? 75   LYS B O   1 
ATOM   1227 C  CB  . LYS B 1 85  ? -14.954 -2.697  5.839   1.00 24.97 ? 75   LYS B CB  1 
ATOM   1228 C  CG  . LYS B 1 85  ? -16.180 -1.753  5.700   1.00 26.49 ? 75   LYS B CG  1 
ATOM   1229 C  CD  . LYS B 1 85  ? -16.965 -2.017  4.435   1.00 30.25 ? 75   LYS B CD  1 
ATOM   1230 C  CE  . LYS B 1 85  ? -18.098 -2.951  4.667   1.00 32.44 ? 75   LYS B CE  1 
ATOM   1231 N  NZ  . LYS B 1 85  ? -18.894 -3.252  3.436   1.00 31.30 ? 75   LYS B NZ  1 
ATOM   1232 N  N   . ASN B 1 86  ? -11.729 -3.137  6.630   1.00 23.85 ? 76   ASN B N   1 
ATOM   1233 C  CA  . ASN B 1 86  ? -10.738 -4.161  6.850   1.00 24.12 ? 76   ASN B CA  1 
ATOM   1234 C  C   . ASN B 1 86  ? -9.315  -3.682  6.555   1.00 24.15 ? 76   ASN B C   1 
ATOM   1235 O  O   . ASN B 1 86  ? -9.070  -2.486  6.379   1.00 23.77 ? 76   ASN B O   1 
ATOM   1236 C  CB  . ASN B 1 86  ? -11.109 -5.448  6.080   1.00 24.63 ? 76   ASN B CB  1 
ATOM   1237 C  CG  . ASN B 1 86  ? -11.086 -5.262  4.557   1.00 25.95 ? 76   ASN B CG  1 
ATOM   1238 O  OD1 . ASN B 1 86  ? -10.538 -4.289  4.051   1.00 28.67 ? 76   ASN B OD1 1 
ATOM   1239 N  ND2 . ASN B 1 86  ? -11.666 -6.213  3.830   1.00 25.98 ? 76   ASN B ND2 1 
ATOM   1240 N  N   . GLU B 1 87  ? -8.390  -4.628  6.481   1.00 24.21 ? 77   GLU B N   1 
ATOM   1241 C  CA  . GLU B 1 87  ? -6.992  -4.330  6.244   1.00 24.96 ? 77   GLU B CA  1 
ATOM   1242 C  C   . GLU B 1 87  ? -6.427  -5.519  5.486   1.00 24.37 ? 77   GLU B C   1 
ATOM   1243 O  O   . GLU B 1 87  ? -6.777  -6.684  5.772   1.00 24.19 ? 77   GLU B O   1 
ATOM   1244 C  CB  . GLU B 1 87  ? -6.318  -4.142  7.605   1.00 25.95 ? 77   GLU B CB  1 
ATOM   1245 C  CG  . GLU B 1 87  ? -4.899  -3.676  7.629   1.00 30.17 ? 77   GLU B CG  1 
ATOM   1246 C  CD  . GLU B 1 87  ? -4.412  -3.571  9.082   1.00 35.25 ? 77   GLU B CD  1 
ATOM   1247 O  OE1 . GLU B 1 87  ? -4.934  -2.719  9.827   1.00 37.86 ? 77   GLU B OE1 1 
ATOM   1248 O  OE2 . GLU B 1 87  ? -3.542  -4.369  9.486   1.00 38.18 ? 77   GLU B OE2 1 
ATOM   1249 N  N   . ILE B 1 88  ? -5.604  -5.233  4.486   1.00 22.67 ? 78   ILE B N   1 
ATOM   1250 C  CA  . ILE B 1 88  ? -4.986  -6.286  3.681   1.00 22.32 ? 78   ILE B CA  1 
ATOM   1251 C  C   . ILE B 1 88  ? -3.472  -6.121  3.722   1.00 22.65 ? 78   ILE B C   1 
ATOM   1252 O  O   . ILE B 1 88  ? -2.960  -5.019  3.496   1.00 22.29 ? 78   ILE B O   1 
ATOM   1253 C  CB  . ILE B 1 88  ? -5.490  -6.253  2.207   1.00 21.92 ? 78   ILE B CB  1 
ATOM   1254 C  CG1 . ILE B 1 88  ? -7.020  -6.360  2.152   1.00 22.34 ? 78   ILE B CG1 1 
ATOM   1255 C  CG2 . ILE B 1 88  ? -4.841  -7.376  1.371   1.00 20.75 ? 78   ILE B CG2 1 
ATOM   1256 C  CD1 . ILE B 1 88  ? -7.601  -6.122  0.737   1.00 23.99 ? 78   ILE B CD1 1 
ATOM   1257 N  N   . MET B 1 89  ? -2.769  -7.207  4.034   1.00 22.16 ? 79   MET B N   1 
ATOM   1258 C  CA  . MET B 1 89  ? -1.308  -7.225  3.995   1.00 22.67 ? 79   MET B CA  1 
ATOM   1259 C  C   . MET B 1 89  ? -0.853  -8.103  2.860   1.00 22.62 ? 79   MET B C   1 
ATOM   1260 O  O   . MET B 1 89  ? -1.499  -9.113  2.567   1.00 22.36 ? 79   MET B O   1 
ATOM   1261 C  CB  . MET B 1 89  ? -0.727  -7.766  5.309   1.00 22.92 ? 79   MET B CB  1 
ATOM   1262 C  CG  . MET B 1 89  ? -1.122  -6.915  6.531   1.00 24.73 ? 79   MET B CG  1 
ATOM   1263 S  SD  . MET B 1 89  ? -0.293  -7.443  8.026   1.00 30.65 ? 79   MET B SD  1 
ATOM   1264 C  CE  . MET B 1 89  ? -0.908  -9.109  8.238   1.00 29.81 ? 79   MET B CE  1 
ATOM   1265 N  N   . VAL B 1 90  ? 0.269   -7.733  2.243   1.00 22.27 ? 80   VAL B N   1 
ATOM   1266 C  CA  . VAL B 1 90  ? 0.849   -8.494  1.146   1.00 22.68 ? 80   VAL B CA  1 
ATOM   1267 C  C   . VAL B 1 90  ? 2.361   -8.558  1.351   1.00 24.50 ? 80   VAL B C   1 
ATOM   1268 O  O   . VAL B 1 90  ? 2.996   -7.545  1.627   1.00 22.87 ? 80   VAL B O   1 
ATOM   1269 C  CB  . VAL B 1 90  ? 0.543   -7.860  -0.231  1.00 22.68 ? 80   VAL B CB  1 
ATOM   1270 C  CG1 . VAL B 1 90  ? 1.129   -8.689  -1.349  1.00 20.87 ? 80   VAL B CG1 1 
ATOM   1271 C  CG2 . VAL B 1 90  ? -0.969  -7.677  -0.443  1.00 22.08 ? 80   VAL B CG2 1 
ATOM   1272 N  N   . ALA B 1 91  ? 2.910   -9.767  1.275   1.00 26.62 ? 81   ALA B N   1 
ATOM   1273 C  CA  . ALA B 1 91  ? 4.368   -9.979  1.256   1.00 29.88 ? 81   ALA B CA  1 
ATOM   1274 C  C   . ALA B 1 91  ? 4.751   -10.806 0.021   1.00 31.79 ? 81   ALA B C   1 
ATOM   1275 O  O   . ALA B 1 91  ? 4.219   -11.900 -0.160  1.00 31.17 ? 81   ALA B O   1 
ATOM   1276 C  CB  . ALA B 1 91  ? 4.821   -10.693 2.526   1.00 29.46 ? 81   ALA B CB  1 
ATOM   1277 N  N   . PRO B 1 92  ? 5.644   -10.268 -0.843  1.00 34.55 ? 82   PRO B N   1 
ATOM   1278 C  CA  . PRO B 1 92  ? 6.303   -10.983 -1.964  1.00 37.00 ? 82   PRO B CA  1 
ATOM   1279 C  C   . PRO B 1 92  ? 7.209   -12.081 -1.439  1.00 39.43 ? 82   PRO B C   1 
ATOM   1280 O  O   . PRO B 1 92  ? 7.762   -11.926 -0.352  1.00 40.55 ? 82   PRO B O   1 
ATOM   1281 C  CB  . PRO B 1 92  ? 7.188   -9.907  -2.599  1.00 37.24 ? 82   PRO B CB  1 
ATOM   1282 C  CG  . PRO B 1 92  ? 6.629   -8.594  -2.113  1.00 35.83 ? 82   PRO B CG  1 
ATOM   1283 C  CD  . PRO B 1 92  ? 6.092   -8.865  -0.758  1.00 34.90 ? 82   PRO B CD  1 
ATOM   1284 N  N   . ASP B 1 93  ? 7.352   -13.180 -2.182  1.00 42.10 ? 83   ASP B N   1 
ATOM   1285 C  CA  . ASP B 1 93  ? 8.222   -14.305 -1.764  1.00 44.48 ? 83   ASP B CA  1 
ATOM   1286 C  C   . ASP B 1 93  ? 8.475   -15.266 -2.922  1.00 44.65 ? 83   ASP B C   1 
ATOM   1287 O  O   . ASP B 1 93  ? 9.617   -15.414 -3.378  1.00 45.42 ? 83   ASP B O   1 
ATOM   1288 C  CB  . ASP B 1 93  ? 7.632   -15.060 -0.550  1.00 45.43 ? 83   ASP B CB  1 
ATOM   1289 C  CG  . ASP B 1 93  ? 8.421   -16.335 -0.183  1.00 49.05 ? 83   ASP B CG  1 
ATOM   1290 O  OD1 . ASP B 1 93  ? 9.335   -16.737 -0.931  1.00 52.20 ? 83   ASP B OD1 1 
ATOM   1291 O  OD2 . ASP B 1 93  ? 8.117   -16.946 0.870   1.00 52.60 ? 83   ASP B OD2 1 
ATOM   1292 N  N   . TYR B 1 96  ? 5.828   -15.908 -5.714  1.00 36.13 ? 86   TYR B N   1 
ATOM   1293 C  CA  . TYR B 1 96  ? 4.423   -15.709 -5.280  1.00 35.57 ? 86   TYR B CA  1 
ATOM   1294 C  C   . TYR B 1 96  ? 4.171   -14.521 -4.344  1.00 33.77 ? 86   TYR B C   1 
ATOM   1295 O  O   . TYR B 1 96  ? 5.103   -13.913 -3.820  1.00 32.73 ? 86   TYR B O   1 
ATOM   1296 C  CB  . TYR B 1 96  ? 3.871   -16.997 -4.655  1.00 36.43 ? 86   TYR B CB  1 
ATOM   1297 C  CG  . TYR B 1 96  ? 4.525   -17.409 -3.363  1.00 40.61 ? 86   TYR B CG  1 
ATOM   1298 C  CD1 . TYR B 1 96  ? 4.178   -16.796 -2.153  1.00 44.51 ? 86   TYR B CD1 1 
ATOM   1299 C  CD2 . TYR B 1 96  ? 5.463   -18.444 -3.335  1.00 45.51 ? 86   TYR B CD2 1 
ATOM   1300 C  CE1 . TYR B 1 96  ? 4.761   -17.179 -0.950  1.00 47.84 ? 86   TYR B CE1 1 
ATOM   1301 C  CE2 . TYR B 1 96  ? 6.061   -18.836 -2.131  1.00 48.23 ? 86   TYR B CE2 1 
ATOM   1302 C  CZ  . TYR B 1 96  ? 5.701   -18.200 -0.945  1.00 49.92 ? 86   TYR B CZ  1 
ATOM   1303 O  OH  . TYR B 1 96  ? 6.282   -18.577 0.253   1.00 53.23 ? 86   TYR B OH  1 
ATOM   1304 N  N   . PHE B 1 97  ? 2.894   -14.212 -4.121  1.00 32.15 ? 87   PHE B N   1 
ATOM   1305 C  CA  . PHE B 1 97  ? 2.517   -13.203 -3.136  1.00 31.47 ? 87   PHE B CA  1 
ATOM   1306 C  C   . PHE B 1 97  ? 1.641   -13.837 -2.053  1.00 29.99 ? 87   PHE B C   1 
ATOM   1307 O  O   . PHE B 1 97  ? 0.701   -14.570 -2.364  1.00 29.03 ? 87   PHE B O   1 
ATOM   1308 C  CB  . PHE B 1 97  ? 1.751   -12.053 -3.802  1.00 31.68 ? 87   PHE B CB  1 
ATOM   1309 C  CG  . PHE B 1 97  ? 2.440   -11.473 -5.014  1.00 35.37 ? 87   PHE B CG  1 
ATOM   1310 C  CD1 . PHE B 1 97  ? 3.756   -11.016 -4.944  1.00 36.43 ? 87   PHE B CD1 1 
ATOM   1311 C  CD2 . PHE B 1 97  ? 1.759   -11.359 -6.227  1.00 38.93 ? 87   PHE B CD2 1 
ATOM   1312 C  CE1 . PHE B 1 97  ? 4.395   -10.470 -6.072  1.00 37.34 ? 87   PHE B CE1 1 
ATOM   1313 C  CE2 . PHE B 1 97  ? 2.398   -10.812 -7.365  1.00 40.14 ? 87   PHE B CE2 1 
ATOM   1314 C  CZ  . PHE B 1 97  ? 3.716   -10.368 -7.274  1.00 37.75 ? 87   PHE B CZ  1 
ATOM   1315 N  N   . LEU B 1 98  ? 1.953   -13.544 -0.794  1.00 28.56 ? 88   LEU B N   1 
ATOM   1316 C  CA  . LEU B 1 98  ? 1.101   -13.933 0.317   1.00 27.79 ? 88   LEU B CA  1 
ATOM   1317 C  C   . LEU B 1 98  ? 0.162   -12.774 0.671   1.00 26.58 ? 88   LEU B C   1 
ATOM   1318 O  O   . LEU B 1 98  ? 0.616   -11.668 0.940   1.00 25.85 ? 88   LEU B O   1 
ATOM   1319 C  CB  . LEU B 1 98  ? 1.954   -14.316 1.524   1.00 28.46 ? 88   LEU B CB  1 
ATOM   1320 C  CG  . LEU B 1 98  ? 1.191   -14.720 2.789   1.00 30.77 ? 88   LEU B CG  1 
ATOM   1321 C  CD1 . LEU B 1 98  ? 0.563   -16.113 2.619   1.00 32.75 ? 88   LEU B CD1 1 
ATOM   1322 C  CD2 . LEU B 1 98  ? 2.145   -14.677 3.980   1.00 32.48 ? 88   LEU B CD2 1 
ATOM   1323 N  N   . ILE B 1 99  ? -1.142  -13.034 0.638   1.00 25.01 ? 89   ILE B N   1 
ATOM   1324 C  CA  . ILE B 1 99  ? -2.170  -12.046 0.932   1.00 23.96 ? 89   ILE B CA  1 
ATOM   1325 C  C   . ILE B 1 99  ? -2.912  -12.425 2.229   1.00 24.42 ? 89   ILE B C   1 
ATOM   1326 O  O   . ILE B 1 99  ? -3.457  -13.520 2.330   1.00 24.02 ? 89   ILE B O   1 
ATOM   1327 C  CB  . ILE B 1 99  ? -3.203  -11.953 -0.214  1.00 24.08 ? 89   ILE B CB  1 
ATOM   1328 C  CG1 . ILE B 1 99  ? -2.513  -11.655 -1.562  1.00 24.33 ? 89   ILE B CG1 1 
ATOM   1329 C  CG2 . ILE B 1 99  ? -4.302  -10.910 0.134   1.00 22.18 ? 89   ILE B CG2 1 
ATOM   1330 C  CD1 . ILE B 1 99  ? -3.397  -11.859 -2.802  1.00 25.13 ? 89   ILE B CD1 1 
ATOM   1331 N  N   . VAL B 1 100 ? -2.952  -11.508 3.191   1.00 23.59 ? 90   VAL B N   1 
ATOM   1332 C  CA  . VAL B 1 100 ? -3.652  -11.718 4.455   1.00 22.92 ? 90   VAL B CA  1 
ATOM   1333 C  C   . VAL B 1 100 ? -4.747  -10.658 4.609   1.00 23.40 ? 90   VAL B C   1 
ATOM   1334 O  O   . VAL B 1 100 ? -4.461  -9.453  4.570   1.00 22.80 ? 90   VAL B O   1 
ATOM   1335 C  CB  . VAL B 1 100 ? -2.698  -11.624 5.657   1.00 23.16 ? 90   VAL B CB  1 
ATOM   1336 C  CG1 . VAL B 1 100 ? -3.476  -11.833 6.992   1.00 24.10 ? 90   VAL B CG1 1 
ATOM   1337 C  CG2 . VAL B 1 100 ? -1.511  -12.608 5.519   1.00 20.67 ? 90   VAL B CG2 1 
ATOM   1338 N  N   . ILE B 1 101 ? -5.985  -11.117 4.810   1.00 22.66 ? 91   ILE B N   1 
ATOM   1339 C  CA  . ILE B 1 101 ? -7.132  -10.233 4.993   1.00 22.70 ? 91   ILE B CA  1 
ATOM   1340 C  C   . ILE B 1 101 ? -7.529  -10.276 6.466   1.00 22.94 ? 91   ILE B C   1 
ATOM   1341 O  O   . ILE B 1 101 ? -7.625  -11.365 7.063   1.00 21.19 ? 91   ILE B O   1 
ATOM   1342 C  CB  . ILE B 1 101 ? -8.306  -10.658 4.080   1.00 23.36 ? 91   ILE B CB  1 
ATOM   1343 C  CG1 . ILE B 1 101 ? -7.860  -10.651 2.619   1.00 23.48 ? 91   ILE B CG1 1 
ATOM   1344 C  CG2 . ILE B 1 101 ? -9.547  -9.744  4.284   1.00 22.77 ? 91   ILE B CG2 1 
ATOM   1345 C  CD1 . ILE B 1 101 ? -8.445  -11.789 1.801   1.00 25.11 ? 91   ILE B CD1 1 
ATOM   1346 N  N   . GLN B 1 102 ? -7.747  -9.105  7.058   1.00 22.83 ? 92   GLN B N   1 
ATOM   1347 C  CA  . GLN B 1 102 ? -7.956  -9.020  8.500   1.00 24.41 ? 92   GLN B CA  1 
ATOM   1348 C  C   . GLN B 1 102 ? -8.760  -7.796  8.943   1.00 24.91 ? 92   GLN B C   1 
ATOM   1349 O  O   . GLN B 1 102 ? -8.911  -6.856  8.171   1.00 24.00 ? 92   GLN B O   1 
ATOM   1350 C  CB  . GLN B 1 102 ? -6.596  -9.049  9.216   1.00 25.46 ? 92   GLN B CB  1 
ATOM   1351 C  CG  . GLN B 1 102 ? -5.683  -7.869  8.947   1.00 27.84 ? 92   GLN B CG  1 
ATOM   1352 C  CD  . GLN B 1 102 ? -4.336  -8.016  9.642   1.00 34.25 ? 92   GLN B CD  1 
ATOM   1353 O  OE1 . GLN B 1 102 ? -3.976  -9.103  10.084  1.00 36.40 ? 92   GLN B OE1 1 
ATOM   1354 N  NE2 . GLN B 1 102 ? -3.579  -6.925  9.718   1.00 34.90 ? 92   GLN B NE2 1 
ATOM   1355 N  N   . ASN B 1 103 ? -9.308  -7.838  10.166  1.00 26.25 ? 93   ASN B N   1 
ATOM   1356 C  CA  . ASN B 1 103 ? -9.983  -6.682  10.785  1.00 27.90 ? 93   ASN B CA  1 
ATOM   1357 C  C   . ASN B 1 103 ? -9.028  -5.478  10.860  1.00 29.88 ? 93   ASN B C   1 
ATOM   1358 O  O   . ASN B 1 103 ? -7.810  -5.654  10.935  1.00 29.14 ? 93   ASN B O   1 
ATOM   1359 C  CB  . ASN B 1 103 ? -10.444 -6.991  12.228  1.00 27.59 ? 93   ASN B CB  1 
ATOM   1360 C  CG  . ASN B 1 103 ? -11.554 -8.050  12.317  1.00 26.43 ? 93   ASN B CG  1 
ATOM   1361 O  OD1 . ASN B 1 103 ? -12.173 -8.435  11.324  1.00 26.66 ? 93   ASN B OD1 1 
ATOM   1362 N  ND2 . ASN B 1 103 ? -11.813 -8.516  13.541  1.00 27.09 ? 93   ASN B ND2 1 
ATOM   1363 N  N   . PRO B 1 104 ? -9.571  -4.245  10.872  1.00 32.63 ? 94   PRO B N   1 
ATOM   1364 C  CA  . PRO B 1 104 ? -8.655  -3.101  11.033  1.00 34.84 ? 94   PRO B CA  1 
ATOM   1365 C  C   . PRO B 1 104 ? -7.893  -3.188  12.356  1.00 36.97 ? 94   PRO B C   1 
ATOM   1366 O  O   . PRO B 1 104 ? -8.492  -3.532  13.377  1.00 37.19 ? 94   PRO B O   1 
ATOM   1367 C  CB  . PRO B 1 104 ? -9.598  -1.897  11.059  1.00 35.15 ? 94   PRO B CB  1 
ATOM   1368 C  CG  . PRO B 1 104 ? -10.852 -2.374  10.366  1.00 34.18 ? 94   PRO B CG  1 
ATOM   1369 C  CD  . PRO B 1 104 ? -10.978 -3.823  10.738  1.00 32.34 ? 94   PRO B CD  1 
ATOM   1370 N  N   . THR B 1 105 ? -6.589  -2.905  12.332  1.00 38.84 ? 95   THR B N   1 
ATOM   1371 C  CA  . THR B 1 105 ? -5.774  -2.939  13.552  1.00 40.34 ? 95   THR B CA  1 
ATOM   1372 C  C   . THR B 1 105 ? -5.642  -1.548  14.158  1.00 41.24 ? 95   THR B C   1 
ATOM   1373 O  O   . THR B 1 105 ? -5.924  -0.547  13.496  1.00 42.22 ? 95   THR B O   1 
ATOM   1374 C  CB  . THR B 1 105 ? -4.360  -3.505  13.301  1.00 40.71 ? 95   THR B CB  1 
ATOM   1375 O  OG1 . THR B 1 105 ? -3.703  -2.741  12.284  1.00 41.87 ? 95   THR B OG1 1 
ATOM   1376 C  CG2 . THR B 1 105 ? -4.424  -4.977  12.873  1.00 40.88 ? 95   THR B CG2 1 
HETATM 1377 CS CS  . CS  C 2 .   ? -8.973  -15.814 13.260  1.00 23.43 ? 1042 CS  B CS  1 
HETATM 1378 O  O   . HOH D 3 .   ? -12.290 -3.585  -0.001  1.00 17.05 ? 97   HOH A O   1 
HETATM 1379 O  O   . HOH D 3 .   ? -11.096 3.204   -1.641  1.00 20.55 ? 98   HOH A O   1 
HETATM 1380 O  O   . HOH D 3 .   ? -12.397 5.717   -1.294  1.00 23.44 ? 99   HOH A O   1 
HETATM 1381 O  O   . HOH D 3 .   ? -9.052  5.892   -7.743  1.00 25.50 ? 100  HOH A O   1 
HETATM 1382 O  O   . HOH D 3 .   ? 12.804  5.283   -3.111  1.00 22.87 ? 101  HOH A O   1 
HETATM 1383 O  O   . HOH D 3 .   ? -15.487 -5.744  2.468   1.00 28.07 ? 102  HOH A O   1 
HETATM 1384 O  O   . HOH D 3 .   ? -8.876  -0.980  -9.609  1.00 32.23 ? 103  HOH A O   1 
HETATM 1385 O  O   . HOH D 3 .   ? 8.783   1.636   -0.143  1.00 30.38 ? 104  HOH A O   1 
HETATM 1386 O  O   . HOH D 3 .   ? 14.170  9.176   -1.166  1.00 30.67 ? 105  HOH A O   1 
HETATM 1387 O  O   . HOH D 3 .   ? 6.437   13.725  -9.947  1.00 41.07 ? 106  HOH A O   1 
HETATM 1388 O  O   . HOH D 3 .   ? 3.153   -2.602  7.556   1.00 40.35 ? 107  HOH A O   1 
HETATM 1389 O  O   . HOH D 3 .   ? 9.860   29.530  10.905  1.00 33.22 ? 108  HOH A O   1 
HETATM 1390 O  O   . HOH D 3 .   ? 21.295  0.784   -4.267  1.00 33.51 ? 109  HOH A O   1 
HETATM 1391 O  O   . HOH D 3 .   ? 14.569  15.728  0.621   1.00 43.78 ? 110  HOH A O   1 
HETATM 1392 O  O   . HOH D 3 .   ? 10.200  -0.169  10.816  1.00 60.79 ? 111  HOH A O   1 
HETATM 1393 O  O   . HOH D 3 .   ? -9.504  9.705   -1.775  1.00 46.28 ? 112  HOH A O   1 
HETATM 1394 O  O   . HOH D 3 .   ? -21.895 3.425   1.387   1.00 30.05 ? 113  HOH A O   1 
HETATM 1395 O  O   . HOH D 3 .   ? 9.736   3.248   -1.998  1.00 30.12 ? 114  HOH A O   1 
HETATM 1396 O  O   . HOH D 3 .   ? 14.389  7.256   0.737   1.00 31.12 ? 115  HOH A O   1 
HETATM 1397 O  O   . HOH D 3 .   ? 11.580  21.452  5.275   1.00 38.03 ? 116  HOH A O   1 
HETATM 1398 O  O   . HOH D 3 .   ? -10.239 6.775   0.061   1.00 30.63 ? 117  HOH A O   1 
HETATM 1399 O  O   . HOH D 3 .   ? 11.052  5.194   10.177  1.00 30.89 ? 118  HOH A O   1 
HETATM 1400 O  O   . HOH D 3 .   ? -3.872  4.586   -11.227 1.00 33.53 ? 119  HOH A O   1 
HETATM 1401 O  O   . HOH D 3 .   ? 16.141  5.386   2.969   1.00 35.45 ? 120  HOH A O   1 
HETATM 1402 O  O   . HOH D 3 .   ? -9.894  15.926  -0.731  1.00 43.04 ? 121  HOH A O   1 
HETATM 1403 O  O   . HOH D 3 .   ? -7.344  2.780   -10.910 1.00 36.47 ? 122  HOH A O   1 
HETATM 1404 O  O   . HOH D 3 .   ? 14.030  10.918  0.965   1.00 34.52 ? 123  HOH A O   1 
HETATM 1405 O  O   . HOH D 3 .   ? 18.329  6.799   6.478   1.00 43.09 ? 124  HOH A O   1 
HETATM 1406 O  O   . HOH D 3 .   ? 9.616   21.255  -2.688  1.00 35.68 ? 125  HOH A O   1 
HETATM 1407 O  O   . HOH D 3 .   ? -19.972 2.751   3.125   1.00 39.23 ? 126  HOH A O   1 
HETATM 1408 O  O   . HOH D 3 .   ? 10.526  10.696  17.020  1.00 43.70 ? 127  HOH A O   1 
HETATM 1409 O  O   . HOH D 3 .   ? 12.724  4.520   12.117  1.00 44.70 ? 128  HOH A O   1 
HETATM 1410 O  O   . HOH D 3 .   ? -18.692 5.804   0.467   1.00 39.34 ? 129  HOH A O   1 
HETATM 1411 O  O   . HOH D 3 .   ? 16.331  7.319   -4.214  1.00 33.97 ? 130  HOH A O   1 
HETATM 1412 O  O   . HOH D 3 .   ? 7.059   10.840  -9.537  1.00 55.19 ? 131  HOH A O   1 
HETATM 1413 O  O   . HOH D 3 .   ? 5.847   23.583  0.303   1.00 38.58 ? 132  HOH A O   1 
HETATM 1414 O  O   . HOH D 3 .   ? 10.179  26.538  14.219  1.00 36.18 ? 133  HOH A O   1 
HETATM 1415 O  O   . HOH D 3 .   ? -10.034 14.836  2.329   1.00 49.56 ? 134  HOH A O   1 
HETATM 1416 O  O   . HOH D 3 .   ? 3.425   4.808   -10.353 1.00 39.60 ? 135  HOH A O   1 
HETATM 1417 O  O   . HOH D 3 .   ? -20.508 -4.260  0.361   1.00 42.13 ? 136  HOH A O   1 
HETATM 1418 O  O   . HOH D 3 .   ? -11.984 0.094   -11.483 1.00 43.89 ? 137  HOH A O   1 
HETATM 1419 O  O   . HOH D 3 .   ? 15.201  5.276   11.921  1.00 38.63 ? 138  HOH A O   1 
HETATM 1420 O  O   . HOH D 3 .   ? 14.456  22.680  -4.295  1.00 39.60 ? 139  HOH A O   1 
HETATM 1421 O  O   . HOH D 3 .   ? 2.332   15.197  -9.706  1.00 40.18 ? 140  HOH A O   1 
HETATM 1422 O  O   . HOH D 3 .   ? -7.424  16.688  -2.717  1.00 58.02 ? 141  HOH A O   1 
HETATM 1423 O  O   . HOH D 3 .   ? 17.752  16.067  -1.237  1.00 54.28 ? 142  HOH A O   1 
HETATM 1424 O  O   . HOH D 3 .   ? -15.154 8.228   -0.330  1.00 48.40 ? 143  HOH A O   1 
HETATM 1425 O  O   . HOH D 3 .   ? -11.195 7.228   3.600   1.00 32.65 ? 144  HOH A O   1 
HETATM 1426 O  O   . HOH D 3 .   ? -10.575 13.654  -0.069  1.00 48.15 ? 145  HOH A O   1 
HETATM 1427 O  O   . HOH D 3 .   ? 22.642  -0.586  -6.275  1.00 39.30 ? 146  HOH A O   1 
HETATM 1428 O  O   . HOH D 3 .   ? 16.562  5.658   -0.137  1.00 34.39 ? 147  HOH A O   1 
HETATM 1429 O  O   . HOH D 3 .   ? 9.384   6.740   11.604  1.00 41.93 ? 148  HOH A O   1 
HETATM 1430 O  O   . HOH D 3 .   ? -8.155  17.811  -9.075  1.00 63.97 ? 149  HOH A O   1 
HETATM 1431 O  O   . HOH D 3 .   ? -10.240 8.826   5.592   1.00 38.25 ? 150  HOH A O   1 
HETATM 1432 O  O   . HOH D 3 .   ? 8.006   0.785   10.468  1.00 52.47 ? 151  HOH A O   1 
HETATM 1433 O  O   . HOH D 3 .   ? -10.835 2.617   -11.891 1.00 47.46 ? 152  HOH A O   1 
HETATM 1434 O  O   . HOH D 3 .   ? -16.828 2.137   4.249   1.00 44.06 ? 153  HOH A O   1 
HETATM 1435 O  O   . HOH D 3 .   ? -5.832  11.767  -11.900 1.00 48.35 ? 154  HOH A O   1 
HETATM 1436 O  O   . HOH D 3 .   ? -8.186  13.992  3.516   1.00 66.81 ? 155  HOH A O   1 
HETATM 1437 O  O   . HOH D 3 .   ? 6.287   23.702  7.991   1.00 53.70 ? 156  HOH A O   1 
HETATM 1438 O  O   . HOH D 3 .   ? -8.454  12.486  -0.717  1.00 44.74 ? 157  HOH A O   1 
HETATM 1439 O  O   . HOH D 3 .   ? 10.799  20.017  7.787   1.00 57.40 ? 158  HOH A O   1 
HETATM 1440 O  O   . HOH D 3 .   ? 16.766  12.737  -2.472  1.00 47.15 ? 159  HOH A O   1 
HETATM 1441 O  O   . HOH D 3 .   ? 13.963  15.553  2.781   1.00 43.41 ? 160  HOH A O   1 
HETATM 1442 O  O   . HOH D 3 .   ? -9.033  5.953   -10.225 1.00 49.74 ? 161  HOH A O   1 
HETATM 1443 O  O   . HOH D 3 .   ? 0.158   10.788  -11.386 1.00 58.80 ? 162  HOH A O   1 
HETATM 1444 O  O   . HOH D 3 .   ? 12.307  13.219  0.739   1.00 53.79 ? 163  HOH A O   1 
HETATM 1445 O  O   . HOH D 3 .   ? 0.561   13.960  -11.337 1.00 51.75 ? 164  HOH A O   1 
HETATM 1446 O  O   . HOH D 3 .   ? 11.334  8.960   -10.215 1.00 60.54 ? 165  HOH A O   1 
HETATM 1447 O  O   . HOH D 3 .   ? -8.725  3.155   9.167   1.00 57.44 ? 166  HOH A O   1 
HETATM 1448 O  O   . HOH D 3 .   ? 10.877  -3.320  7.573   1.00 60.53 ? 167  HOH A O   1 
HETATM 1449 O  O   . HOH D 3 .   ? 7.936   20.800  -5.262  1.00 58.08 ? 168  HOH A O   1 
HETATM 1450 O  O   . HOH D 3 .   ? 13.696  -7.259  -1.631  1.00 60.78 ? 169  HOH A O   1 
HETATM 1451 O  O   . HOH D 3 .   ? 0.570   26.948  10.983  1.00 61.08 ? 170  HOH A O   1 
HETATM 1452 O  O   . HOH E 3 .   ? 11.504  3.220   -4.148  1.00 18.00 ? 1043 HOH B O   1 
HETATM 1453 O  O   . HOH E 3 .   ? 9.627   -3.287  -6.138  1.00 20.04 ? 1044 HOH B O   1 
HETATM 1454 O  O   . HOH E 3 .   ? -13.148 -5.829  1.156   1.00 20.76 ? 1045 HOH B O   1 
HETATM 1455 O  O   . HOH E 3 .   ? 10.753  -5.798  -6.641  1.00 25.07 ? 1046 HOH B O   1 
HETATM 1456 O  O   . HOH E 3 .   ? 5.274   -5.095  -11.449 1.00 24.62 ? 1047 HOH B O   1 
HETATM 1457 O  O   . HOH E 3 .   ? -8.184  -2.487  2.894   1.00 30.80 ? 1048 HOH B O   1 
HETATM 1458 O  O   . HOH E 3 .   ? 20.648  -3.650  -7.365  1.00 28.21 ? 1049 HOH B O   1 
HETATM 1459 O  O   . HOH E 3 .   ? 15.388  5.085   -2.724  1.00 32.10 ? 1050 HOH B O   1 
HETATM 1460 O  O   . HOH E 3 .   ? 7.732   -9.722  -6.661  1.00 43.99 ? 1051 HOH B O   1 
HETATM 1461 O  O   . HOH E 3 .   ? -21.390 -1.270  3.950   1.00 34.64 ? 1052 HOH B O   1 
HETATM 1462 O  O   . HOH E 3 .   ? -13.355 -8.341  4.949   1.00 28.35 ? 1053 HOH B O   1 
HETATM 1463 O  O   . HOH E 3 .   ? 0.042   0.790   8.418   1.00 38.07 ? 1054 HOH B O   1 
HETATM 1464 O  O   . HOH E 3 .   ? 6.779   1.214   -14.999 1.00 39.70 ? 1055 HOH B O   1 
HETATM 1465 O  O   . HOH E 3 .   ? -13.880 -9.955  2.859   1.00 32.74 ? 1056 HOH B O   1 
HETATM 1466 O  O   . HOH E 3 .   ? 9.328   -7.028  -4.801  1.00 28.97 ? 1057 HOH B O   1 
HETATM 1467 O  O   . HOH E 3 .   ? -9.955  -3.812  1.255   1.00 30.81 ? 1058 HOH B O   1 
HETATM 1468 O  O   . HOH E 3 .   ? 4.587   2.070   -12.039 1.00 34.15 ? 1059 HOH B O   1 
HETATM 1469 O  O   . HOH E 3 .   ? 2.695   -1.622  -13.227 1.00 36.63 ? 1060 HOH B O   1 
HETATM 1470 O  O   . HOH E 3 .   ? 7.896   -12.969 -5.030  1.00 51.67 ? 1061 HOH B O   1 
HETATM 1471 O  O   . HOH E 3 .   ? -4.738  -9.730  -11.825 1.00 49.24 ? 1062 HOH B O   1 
HETATM 1472 O  O   . HOH E 3 .   ? -6.754  -7.458  12.718  1.00 34.72 ? 1063 HOH B O   1 
HETATM 1473 O  O   . HOH E 3 .   ? -18.534 -18.279 0.255   1.00 59.12 ? 1064 HOH B O   1 
HETATM 1474 O  O   . HOH E 3 .   ? 11.418  -8.075  -1.868  1.00 30.58 ? 1065 HOH B O   1 
HETATM 1475 O  O   . HOH E 3 .   ? -14.027 6.587   5.053   1.00 52.88 ? 1066 HOH B O   1 
HETATM 1476 O  O   . HOH E 3 .   ? -2.425  1.814   -12.470 1.00 39.19 ? 1067 HOH B O   1 
HETATM 1477 O  O   . HOH E 3 .   ? -13.033 -11.923 4.538   1.00 36.09 ? 1068 HOH B O   1 
HETATM 1478 O  O   . HOH E 3 .   ? -15.582 -22.836 -1.750  1.00 38.87 ? 1069 HOH B O   1 
HETATM 1479 O  O   . HOH E 3 .   ? -2.528  -0.774  -12.696 1.00 40.59 ? 1070 HOH B O   1 
HETATM 1480 O  O   . HOH E 3 .   ? 9.419   -15.082 -5.686  1.00 48.00 ? 1071 HOH B O   1 
HETATM 1481 O  O   . HOH E 3 .   ? -0.835  -3.432  -12.410 1.00 32.84 ? 1072 HOH B O   1 
HETATM 1482 O  O   . HOH E 3 .   ? 12.141  -5.131  -11.095 1.00 50.06 ? 1073 HOH B O   1 
HETATM 1483 O  O   . HOH E 3 .   ? 4.362   -8.815  -3.750  1.00 72.53 ? 1074 HOH B O   1 
HETATM 1484 O  O   . HOH E 3 .   ? -10.698 -21.549 -1.970  1.00 32.70 ? 1075 HOH B O   1 
HETATM 1485 O  O   . HOH E 3 .   ? -7.123  -3.941  -8.952  1.00 41.91 ? 1076 HOH B O   1 
HETATM 1486 O  O   . HOH E 3 .   ? 19.518  -3.326  -5.038  1.00 37.81 ? 1077 HOH B O   1 
HETATM 1487 O  O   . HOH E 3 .   ? -17.440 -17.099 3.294   1.00 46.81 ? 1078 HOH B O   1 
HETATM 1488 O  O   . HOH E 3 .   ? -7.346  -7.143  15.280  1.00 48.91 ? 1079 HOH B O   1 
HETATM 1489 O  O   . HOH E 3 .   ? 19.190  4.141   -6.756  1.00 40.73 ? 1080 HOH B O   1 
HETATM 1490 O  O   . HOH E 3 .   ? -3.348  0.929   14.692  1.00 50.33 ? 1081 HOH B O   1 
HETATM 1491 O  O   . HOH E 3 .   ? -6.321  -14.354 -10.275 1.00 42.18 ? 1082 HOH B O   1 
HETATM 1492 O  O   . HOH E 3 .   ? -6.290  -7.229  -11.161 1.00 46.96 ? 1083 HOH B O   1 
HETATM 1493 O  O   . HOH E 3 .   ? -23.405 0.114   2.820   1.00 40.66 ? 1084 HOH B O   1 
HETATM 1494 O  O   . HOH E 3 .   ? 10.737  7.064   -13.276 1.00 46.74 ? 1085 HOH B O   1 
HETATM 1495 O  O   . HOH E 3 .   ? 8.032   -15.889 -7.157  1.00 43.29 ? 1086 HOH B O   1 
HETATM 1496 O  O   . HOH E 3 .   ? 9.015   -6.434  6.010   1.00 68.83 ? 1087 HOH B O   1 
HETATM 1497 O  O   . HOH E 3 .   ? -1.951  -22.084 3.645   1.00 56.47 ? 1088 HOH B O   1 
HETATM 1498 O  O   . HOH E 3 .   ? -10.022 -13.171 -8.543  1.00 44.50 ? 1089 HOH B O   1 
HETATM 1499 O  O   . HOH E 3 .   ? 11.183  -9.869  -0.066  1.00 38.43 ? 1090 HOH B O   1 
HETATM 1500 O  O   . HOH E 3 .   ? 5.562   -1.085  -15.301 1.00 48.25 ? 1091 HOH B O   1 
HETATM 1501 O  O   . HOH E 3 .   ? 11.348  -4.894  4.643   1.00 51.58 ? 1092 HOH B O   1 
HETATM 1502 O  O   . HOH E 3 .   ? -9.967  -7.964  15.790  1.00 41.74 ? 1093 HOH B O   1 
HETATM 1503 O  O   . HOH E 3 .   ? -1.374  -27.488 4.146   1.00 56.35 ? 1094 HOH B O   1 
HETATM 1504 O  O   . HOH E 3 .   ? -14.669 -8.630  12.099  1.00 52.40 ? 1095 HOH B O   1 
HETATM 1505 O  O   . HOH E 3 .   ? -10.014 -20.687 -4.721  1.00 52.75 ? 1096 HOH B O   1 
HETATM 1506 O  O   . HOH E 3 .   ? 9.948   1.557   -15.631 1.00 54.88 ? 1097 HOH B O   1 
HETATM 1507 O  O   . HOH E 3 .   ? -4.509  -9.259  13.222  1.00 45.00 ? 1098 HOH B O   1 
HETATM 1508 O  O   . HOH E 3 .   ? 4.429   -18.151 -10.449 1.00 50.10 ? 1099 HOH B O   1 
HETATM 1509 O  O   . HOH E 3 .   ? -3.728  -13.880 17.924  1.00 46.26 ? 1100 HOH B O   1 
HETATM 1510 O  O   . HOH E 3 .   ? -5.007  -12.917 -12.230 1.00 51.01 ? 1101 HOH B O   1 
HETATM 1511 O  O   . HOH E 3 .   ? -10.398 -10.113 -7.533  1.00 57.73 ? 1102 HOH B O   1 
HETATM 1512 O  O   . HOH E 3 .   ? -19.575 -5.320  4.978   1.00 57.02 ? 1103 HOH B O   1 
HETATM 1513 O  O   . HOH E 3 .   ? 4.110   -11.493 -10.077 1.00 68.07 ? 1104 HOH B O   1 
HETATM 1514 O  O   . HOH E 3 .   ? -14.396 -17.432 2.535   1.00 49.71 ? 1105 HOH B O   1 
HETATM 1515 O  O   . HOH E 3 .   ? -16.666 -14.157 -6.273  1.00 47.39 ? 1106 HOH B O   1 
HETATM 1516 O  O   . HOH E 3 .   ? -6.058  -21.904 8.256   1.00 66.91 ? 1107 HOH B O   1 
HETATM 1517 O  O   . HOH E 3 .   ? -3.446  -25.287 6.314   1.00 48.92 ? 1108 HOH B O   1 
HETATM 1518 O  O   . HOH E 3 .   ? -0.893  -7.111  11.677  1.00 44.87 ? 1109 HOH B O   1 
HETATM 1519 O  O   . HOH E 3 .   ? -16.249 -10.624 1.469   1.00 48.50 ? 1110 HOH B O   1 
HETATM 1520 O  O   . HOH E 3 .   ? -16.766 -13.502 2.269   1.00 46.65 ? 1111 HOH B O   1 
HETATM 1521 O  O   . HOH E 3 .   ? -14.382 -8.537  -6.348  1.00 60.59 ? 1112 HOH B O   1 
HETATM 1522 O  O   . HOH E 3 .   ? -11.128 -10.126 16.729  1.00 46.15 ? 1113 HOH B O   1 
HETATM 1523 O  O   . HOH E 3 .   ? -2.261  -29.154 9.958   1.00 67.54 ? 1114 HOH B O   1 
HETATM 1524 O  O   . HOH E 3 .   ? 1.814   -6.858  11.693  1.00 49.60 ? 1115 HOH B O   1 
HETATM 1525 O  O   . HOH E 3 .   ? -0.391  2.700   -13.876 1.00 64.66 ? 1116 HOH B O   1 
# 
